data_4JCR
#
_entry.id   4JCR
#
_cell.length_a   96.270
_cell.length_b   147.410
_cell.length_c   109.320
_cell.angle_alpha   90.00
_cell.angle_beta   90.26
_cell.angle_gamma   90.00
#
_symmetry.space_group_name_H-M   'P 1 21 1'
#
loop_
_entity.id
_entity.type
_entity.pdbx_description
1 polymer 'ATP-dependent Clp protease proteolytic subunit'
2 water water
#
_entity_poly.entity_id   1
_entity_poly.type   'polypeptide(L)'
_entity_poly.pdbx_seq_one_letter_code
;MAENTKNENITNILTQKLIDTRTVLIYGEINQELAEDVSKQLLLLESISNDPITIFINSQGGHVEAGDTIHDMIKFIKPT
VKVVGTGWVASAGITIYLAAEKENRFSLPNTRYMIHQPAGGVQGQSTEIEIEAKEIIRMRERINRLIAEATGQSYEQISK
DTDRDFWLSVNEAKDYGIVNEIIENRDGLKMASWSHPQFEK
;
_entity_poly.pdbx_strand_id   A,B,C,D,E,F,G,H,I,J,K,L,M,N
#
# COMPACT_ATOMS: atom_id res chain seq x y z
N ILE A 13 -10.56 9.02 -43.25
CA ILE A 13 -10.06 10.26 -43.92
C ILE A 13 -9.26 11.13 -42.94
N LEU A 14 -9.34 10.79 -41.65
CA LEU A 14 -8.68 11.55 -40.58
C LEU A 14 -7.15 11.45 -40.64
N THR A 15 -6.63 10.24 -40.76
CA THR A 15 -5.20 10.01 -40.81
C THR A 15 -4.71 9.95 -42.26
N GLN A 16 -5.65 9.76 -43.19
CA GLN A 16 -5.36 9.75 -44.63
C GLN A 16 -4.66 11.04 -45.08
N LYS A 17 -5.21 12.17 -44.66
CA LYS A 17 -4.60 13.48 -44.95
C LYS A 17 -3.30 13.66 -44.15
N LEU A 18 -3.25 13.07 -42.96
CA LEU A 18 -2.09 13.15 -42.09
C LEU A 18 -0.90 12.34 -42.62
N ILE A 19 -1.21 11.20 -43.27
CA ILE A 19 -0.20 10.36 -43.92
C ILE A 19 0.40 11.07 -45.14
N ASP A 20 -0.42 11.85 -45.82
CA ASP A 20 0.01 12.64 -46.99
C ASP A 20 1.07 13.67 -46.64
N THR A 21 1.05 14.17 -45.40
CA THR A 21 2.05 15.14 -44.91
C THR A 21 3.42 14.50 -44.72
N ARG A 22 3.47 13.18 -44.68
CA ARG A 22 4.70 12.39 -44.46
C ARG A 22 5.51 12.92 -43.28
N THR A 23 4.84 12.98 -42.13
CA THR A 23 5.41 13.52 -40.90
C THR A 23 5.25 12.50 -39.78
N VAL A 24 6.33 12.27 -39.04
CA VAL A 24 6.34 11.38 -37.89
C VAL A 24 6.70 12.20 -36.66
N LEU A 25 5.91 12.06 -35.59
CA LEU A 25 6.22 12.72 -34.34
C LEU A 25 6.83 11.73 -33.36
N ILE A 26 7.99 12.09 -32.80
CA ILE A 26 8.61 11.32 -31.74
C ILE A 26 8.65 12.20 -30.50
N TYR A 27 7.61 12.08 -29.67
CA TYR A 27 7.46 12.89 -28.47
C TYR A 27 7.41 11.98 -27.26
N GLY A 28 8.23 12.28 -26.26
CA GLY A 28 8.22 11.53 -25.00
C GLY A 28 9.35 10.52 -24.88
N GLU A 29 9.21 9.62 -23.92
CA GLU A 29 10.24 8.64 -23.58
C GLU A 29 10.49 7.65 -24.70
N ILE A 30 11.76 7.44 -25.05
CA ILE A 30 12.14 6.45 -26.04
C ILE A 30 12.06 5.06 -25.41
N ASN A 31 11.15 4.23 -25.92
CA ASN A 31 11.04 2.84 -25.49
C ASN A 31 10.65 1.94 -26.66
N GLN A 32 10.60 0.64 -26.41
CA GLN A 32 10.33 -0.35 -27.47
C GLN A 32 8.94 -0.21 -28.10
N GLU A 33 7.96 0.20 -27.29
CA GLU A 33 6.61 0.47 -27.77
C GLU A 33 6.61 1.62 -28.78
N LEU A 34 7.29 2.71 -28.44
CA LEU A 34 7.44 3.85 -29.35
C LEU A 34 8.23 3.46 -30.60
N ALA A 35 9.29 2.66 -30.41
CA ALA A 35 10.12 2.17 -31.51
C ALA A 35 9.29 1.33 -32.50
N GLU A 36 8.42 0.48 -31.98
CA GLU A 36 7.50 -0.29 -32.83
C GLU A 36 6.58 0.64 -33.62
N ASP A 37 6.01 1.63 -32.93
CA ASP A 37 5.12 2.61 -33.54
C ASP A 37 5.82 3.39 -34.67
N VAL A 38 7.00 3.93 -34.37
CA VAL A 38 7.80 4.68 -35.34
C VAL A 38 8.20 3.80 -36.53
N SER A 39 8.63 2.57 -36.25
CA SER A 39 9.00 1.60 -37.29
C SER A 39 7.85 1.34 -38.26
N LYS A 40 6.65 1.13 -37.73
CA LYS A 40 5.46 0.90 -38.55
C LYS A 40 5.12 2.09 -39.44
N GLN A 41 5.22 3.30 -38.88
CA GLN A 41 4.95 4.53 -39.62
C GLN A 41 5.95 4.74 -40.74
N LEU A 42 7.23 4.48 -40.45
CA LEU A 42 8.29 4.63 -41.45
C LEU A 42 8.13 3.63 -42.59
N LEU A 43 7.83 2.38 -42.23
CA LEU A 43 7.62 1.34 -43.23
C LEU A 43 6.39 1.61 -44.10
N LEU A 44 5.34 2.17 -43.51
CA LEU A 44 4.15 2.57 -44.25
C LEU A 44 4.46 3.67 -45.26
N LEU A 45 5.13 4.71 -44.79
CA LEU A 45 5.48 5.86 -45.63
C LEU A 45 6.46 5.49 -46.75
N GLU A 46 7.30 4.49 -46.48
CA GLU A 46 8.24 3.98 -47.47
C GLU A 46 7.52 3.18 -48.57
N SER A 47 6.50 2.42 -48.17
CA SER A 47 5.75 1.59 -49.11
C SER A 47 4.87 2.42 -50.06
N ILE A 48 4.56 3.65 -49.66
CA ILE A 48 3.77 4.56 -50.48
C ILE A 48 4.62 5.25 -51.56
N SER A 49 5.71 5.90 -51.14
CA SER A 49 6.59 6.61 -52.07
C SER A 49 8.01 6.79 -51.51
N ASN A 50 8.90 7.34 -52.34
CA ASN A 50 10.26 7.65 -51.93
C ASN A 50 10.48 9.14 -51.63
N ASP A 51 9.36 9.87 -51.50
CA ASP A 51 9.37 11.27 -51.09
C ASP A 51 9.95 11.44 -49.69
N PRO A 52 10.56 12.61 -49.40
CA PRO A 52 11.15 12.85 -48.08
C PRO A 52 10.15 12.73 -46.92
N ILE A 53 10.66 12.27 -45.78
CA ILE A 53 9.88 12.17 -44.53
C ILE A 53 10.45 13.15 -43.51
N THR A 54 9.56 13.87 -42.83
CA THR A 54 9.96 14.80 -41.78
C THR A 54 9.64 14.23 -40.40
N ILE A 55 10.63 14.26 -39.50
CA ILE A 55 10.44 13.79 -38.13
C ILE A 55 10.64 14.93 -37.13
N PHE A 56 9.63 15.21 -36.32
CA PHE A 56 9.73 16.16 -35.21
C PHE A 56 10.05 15.39 -33.93
N ILE A 57 11.11 15.80 -33.23
CA ILE A 57 11.56 15.08 -32.04
C ILE A 57 11.55 15.96 -30.80
N ASN A 58 10.75 15.55 -29.81
CA ASN A 58 10.77 16.14 -28.46
C ASN A 58 10.95 14.98 -27.49
N SER A 59 12.19 14.73 -27.08
CA SER A 59 12.49 13.57 -26.26
C SER A 59 13.63 13.79 -25.28
N GLN A 60 13.37 13.39 -24.04
CA GLN A 60 14.36 13.39 -22.95
C GLN A 60 15.31 12.19 -23.03
N GLY A 61 15.01 11.26 -23.92
CA GLY A 61 15.76 10.02 -24.06
C GLY A 61 14.98 8.84 -23.53
N GLY A 62 15.68 7.80 -23.10
CA GLY A 62 15.06 6.59 -22.58
C GLY A 62 15.89 5.34 -22.81
N HIS A 63 15.29 4.37 -23.48
CA HIS A 63 15.89 3.05 -23.71
C HIS A 63 16.86 3.09 -24.86
N VAL A 64 18.12 2.75 -24.57
CA VAL A 64 19.22 2.81 -25.55
C VAL A 64 18.96 1.98 -26.81
N GLU A 65 18.60 0.71 -26.63
CA GLU A 65 18.38 -0.19 -27.77
C GLU A 65 17.15 0.17 -28.61
N ALA A 66 16.16 0.80 -27.99
CA ALA A 66 14.99 1.31 -28.70
C ALA A 66 15.39 2.46 -29.61
N GLY A 67 16.25 3.35 -29.10
CA GLY A 67 16.83 4.44 -29.88
C GLY A 67 17.64 3.91 -31.04
N ASP A 68 18.43 2.87 -30.78
CA ASP A 68 19.27 2.23 -31.81
C ASP A 68 18.43 1.70 -32.97
N THR A 69 17.30 1.07 -32.64
CA THR A 69 16.37 0.58 -33.65
C THR A 69 15.84 1.72 -34.52
N ILE A 70 15.34 2.77 -33.87
CA ILE A 70 14.79 3.92 -34.61
C ILE A 70 15.86 4.55 -35.51
N HIS A 71 17.05 4.80 -34.94
CA HIS A 71 18.20 5.29 -35.68
C HIS A 71 18.49 4.48 -36.91
N ASP A 72 18.60 3.16 -36.74
CA ASP A 72 18.90 2.25 -37.84
C ASP A 72 17.77 2.13 -38.86
N MET A 73 16.52 2.21 -38.39
CA MET A 73 15.36 2.18 -39.28
C MET A 73 15.33 3.41 -40.19
N ILE A 74 15.69 4.56 -39.62
CA ILE A 74 15.78 5.81 -40.38
C ILE A 74 16.76 5.68 -41.56
N LYS A 75 17.89 5.01 -41.32
CA LYS A 75 18.89 4.79 -42.37
C LYS A 75 18.50 3.64 -43.31
N PHE A 76 17.76 2.67 -42.80
CA PHE A 76 17.37 1.48 -43.55
C PHE A 76 16.39 1.76 -44.69
N ILE A 77 15.42 2.63 -44.45
CA ILE A 77 14.40 2.94 -45.45
C ILE A 77 14.97 3.81 -46.58
N LYS A 78 14.38 3.70 -47.77
CA LYS A 78 14.87 4.43 -48.95
C LYS A 78 14.65 5.95 -48.91
N PRO A 79 13.46 6.42 -48.48
CA PRO A 79 13.24 7.87 -48.46
C PRO A 79 14.24 8.65 -47.62
N THR A 80 14.50 9.89 -48.00
CA THR A 80 15.39 10.77 -47.25
C THR A 80 14.64 11.30 -46.03
N VAL A 81 15.31 11.30 -44.88
CA VAL A 81 14.68 11.73 -43.63
C VAL A 81 15.23 13.08 -43.16
N LYS A 82 14.33 14.03 -42.94
CA LYS A 82 14.65 15.29 -42.30
C LYS A 82 14.21 15.23 -40.84
N VAL A 83 15.01 15.81 -39.95
CA VAL A 83 14.67 15.89 -38.53
C VAL A 83 14.55 17.33 -38.08
N VAL A 84 13.56 17.59 -37.22
CA VAL A 84 13.36 18.89 -36.62
C VAL A 84 13.30 18.73 -35.11
N GLY A 85 14.28 19.31 -34.42
CA GLY A 85 14.34 19.26 -32.96
C GLY A 85 13.43 20.29 -32.34
N THR A 86 12.70 19.89 -31.31
CA THR A 86 11.76 20.78 -30.62
C THR A 86 11.64 20.46 -29.14
N GLY A 87 11.63 21.51 -28.31
CA GLY A 87 11.52 21.36 -26.86
C GLY A 87 12.85 20.93 -26.27
N TRP A 88 13.10 19.63 -26.30
CA TRP A 88 14.42 19.09 -25.99
C TRP A 88 14.72 17.83 -26.75
N VAL A 89 16.00 17.60 -27.01
CA VAL A 89 16.49 16.37 -27.61
C VAL A 89 17.70 15.92 -26.79
N ALA A 90 17.56 14.81 -26.09
CA ALA A 90 18.60 14.38 -25.16
C ALA A 90 18.86 12.87 -25.21
N SER A 91 20.11 12.50 -24.95
CA SER A 91 20.51 11.10 -24.79
C SER A 91 20.08 10.22 -25.97
N ALA A 92 19.21 9.24 -25.73
CA ALA A 92 18.73 8.36 -26.81
C ALA A 92 18.01 9.12 -27.92
N GLY A 93 17.42 10.26 -27.56
CA GLY A 93 16.79 11.16 -28.53
C GLY A 93 17.80 11.72 -29.53
N ILE A 94 18.99 12.02 -29.05
CA ILE A 94 20.08 12.56 -29.88
C ILE A 94 20.57 11.54 -30.91
N THR A 95 20.67 10.28 -30.48
CA THR A 95 21.04 9.17 -31.36
C THR A 95 20.08 9.08 -32.55
N ILE A 96 18.78 9.21 -32.27
CA ILE A 96 17.74 9.25 -33.29
C ILE A 96 17.90 10.48 -34.18
N TYR A 97 18.09 11.64 -33.54
CA TYR A 97 18.25 12.91 -34.25
C TYR A 97 19.43 12.87 -35.22
N LEU A 98 20.52 12.24 -34.80
CA LEU A 98 21.74 12.16 -35.60
C LEU A 98 21.73 11.08 -36.67
N ALA A 99 20.60 10.38 -36.81
CA ALA A 99 20.44 9.40 -37.88
C ALA A 99 20.30 10.06 -39.25
N ALA A 100 19.81 11.29 -39.27
CA ALA A 100 19.69 12.06 -40.50
C ALA A 100 21.02 12.71 -40.87
N GLU A 101 21.22 12.93 -42.17
CA GLU A 101 22.40 13.64 -42.69
C GLU A 101 22.41 15.08 -42.18
N LYS A 102 23.60 15.63 -42.01
CA LYS A 102 23.78 16.97 -41.43
C LYS A 102 22.94 18.05 -42.14
N GLU A 103 22.86 17.97 -43.46
CA GLU A 103 22.08 18.90 -44.28
C GLU A 103 20.61 18.93 -43.85
N ASN A 104 20.12 17.79 -43.38
CA ASN A 104 18.70 17.59 -43.07
C ASN A 104 18.37 17.63 -41.57
N ARG A 105 19.22 18.32 -40.79
CA ARG A 105 19.03 18.40 -39.34
C ARG A 105 18.67 19.82 -38.92
N PHE A 106 17.40 20.03 -38.59
CA PHE A 106 16.87 21.34 -38.28
C PHE A 106 16.47 21.44 -36.82
N SER A 107 16.27 22.68 -36.35
CA SER A 107 15.78 22.91 -35.00
C SER A 107 14.87 24.12 -34.94
N LEU A 108 13.76 23.97 -34.22
CA LEU A 108 12.91 25.09 -33.85
C LEU A 108 13.66 25.88 -32.77
N PRO A 109 13.38 27.20 -32.65
CA PRO A 109 14.21 28.08 -31.81
C PRO A 109 14.25 27.75 -30.32
N ASN A 110 13.13 27.27 -29.78
CA ASN A 110 13.04 27.00 -28.34
C ASN A 110 13.31 25.53 -28.01
N THR A 111 14.58 25.15 -28.14
CA THR A 111 15.01 23.78 -27.95
C THR A 111 16.38 23.75 -27.31
N ARG A 112 16.56 22.83 -26.36
CA ARG A 112 17.88 22.54 -25.82
C ARG A 112 18.27 21.08 -26.10
N TYR A 113 19.58 20.85 -26.19
CA TYR A 113 20.12 19.55 -26.58
C TYR A 113 21.03 19.03 -25.49
N MET A 114 21.11 17.71 -25.35
CA MET A 114 22.02 17.12 -24.37
C MET A 114 22.63 15.81 -24.86
N ILE A 115 23.94 15.73 -24.73
CA ILE A 115 24.67 14.48 -24.91
C ILE A 115 25.26 14.08 -23.57
N HIS A 116 25.29 12.78 -23.29
CA HIS A 116 25.87 12.26 -22.05
C HIS A 116 26.17 10.80 -22.18
N GLN A 117 26.88 10.25 -21.20
CA GLN A 117 27.14 8.81 -21.14
C GLN A 117 26.04 8.12 -20.35
N PRO A 118 25.17 7.35 -21.03
CA PRO A 118 23.98 6.76 -20.43
C PRO A 118 24.28 5.62 -19.45
N ALA A 119 23.34 5.37 -18.55
CA ALA A 119 23.41 4.24 -17.63
C ALA A 119 22.92 2.97 -18.33
N GLY A 120 23.21 1.81 -17.74
CA GLY A 120 22.81 0.52 -18.31
C GLY A 120 22.06 -0.37 -17.36
N GLU A 128 28.35 -10.78 -12.45
CA GLU A 128 27.44 -10.04 -13.31
C GLU A 128 27.85 -8.58 -13.49
N ILE A 129 28.47 -8.00 -12.45
CA ILE A 129 28.91 -6.61 -12.47
C ILE A 129 30.04 -6.39 -13.50
N GLU A 130 30.98 -7.33 -13.57
CA GLU A 130 32.04 -7.28 -14.58
C GLU A 130 31.47 -7.30 -15.99
N ILE A 131 30.50 -8.18 -16.22
CA ILE A 131 29.82 -8.31 -17.52
C ILE A 131 29.07 -7.01 -17.85
N GLU A 132 28.29 -6.51 -16.89
CA GLU A 132 27.51 -5.28 -17.09
C GLU A 132 28.41 -4.06 -17.33
N ALA A 133 29.49 -3.96 -16.58
CA ALA A 133 30.45 -2.86 -16.72
C ALA A 133 31.08 -2.86 -18.12
N LYS A 134 31.47 -4.04 -18.60
CA LYS A 134 32.05 -4.18 -19.93
C LYS A 134 31.07 -3.77 -21.03
N GLU A 135 29.79 -4.14 -20.87
CA GLU A 135 28.75 -3.80 -21.82
C GLU A 135 28.46 -2.31 -21.90
N ILE A 136 28.42 -1.65 -20.74
CA ILE A 136 28.21 -0.21 -20.67
C ILE A 136 29.38 0.54 -21.32
N ILE A 137 30.60 0.04 -21.12
CA ILE A 137 31.80 0.62 -21.75
C ILE A 137 31.71 0.54 -23.27
N ARG A 138 31.42 -0.66 -23.78
CA ARG A 138 31.26 -0.89 -25.21
C ARG A 138 30.14 -0.04 -25.81
N MET A 139 29.02 0.01 -25.10
CA MET A 139 27.87 0.82 -25.49
C MET A 139 28.23 2.31 -25.58
N ARG A 140 28.97 2.80 -24.58
CA ARG A 140 29.39 4.21 -24.54
C ARG A 140 30.37 4.57 -25.66
N GLU A 141 31.24 3.63 -26.01
CA GLU A 141 32.15 3.79 -27.15
C GLU A 141 31.38 3.84 -28.46
N ARG A 142 30.44 2.92 -28.62
CA ARG A 142 29.61 2.84 -29.82
C ARG A 142 28.80 4.12 -30.03
N ILE A 143 28.16 4.60 -28.96
CA ILE A 143 27.37 5.84 -29.01
C ILE A 143 28.23 7.06 -29.30
N ASN A 144 29.37 7.18 -28.62
CA ASN A 144 30.28 8.31 -28.83
C ASN A 144 30.86 8.38 -30.25
N ARG A 145 31.17 7.21 -30.81
CA ARG A 145 31.64 7.11 -32.20
C ARG A 145 30.54 7.49 -33.19
N LEU A 146 29.30 7.12 -32.85
CA LEU A 146 28.13 7.51 -33.63
C LEU A 146 27.97 9.03 -33.63
N ILE A 147 28.15 9.65 -32.47
CA ILE A 147 27.99 11.09 -32.32
C ILE A 147 29.12 11.85 -33.02
N ALA A 148 30.35 11.34 -32.89
CA ALA A 148 31.53 11.93 -33.51
C ALA A 148 31.40 11.98 -35.03
N GLU A 149 30.98 10.86 -35.61
CA GLU A 149 30.79 10.71 -37.06
C GLU A 149 29.71 11.66 -37.62
N ALA A 150 28.64 11.84 -36.85
CA ALA A 150 27.50 12.66 -37.27
C ALA A 150 27.73 14.16 -37.13
N THR A 151 28.49 14.55 -36.10
CA THR A 151 28.71 15.97 -35.80
C THR A 151 29.98 16.54 -36.45
N GLY A 152 30.92 15.66 -36.79
CA GLY A 152 32.21 16.10 -37.33
C GLY A 152 33.26 16.34 -36.26
N GLN A 153 32.85 16.23 -35.00
CA GLN A 153 33.77 16.32 -33.87
C GLN A 153 34.58 15.04 -33.76
N SER A 154 35.75 15.13 -33.15
CA SER A 154 36.60 13.95 -32.93
C SER A 154 36.04 13.09 -31.81
N TYR A 155 36.33 11.79 -31.87
CA TYR A 155 35.92 10.85 -30.82
C TYR A 155 36.37 11.30 -29.43
N GLU A 156 37.60 11.78 -29.33
CA GLU A 156 38.17 12.25 -28.07
C GLU A 156 37.43 13.45 -27.50
N GLN A 157 36.96 14.33 -28.37
CA GLN A 157 36.19 15.51 -27.96
C GLN A 157 34.83 15.12 -27.39
N ILE A 158 34.15 14.21 -28.09
CA ILE A 158 32.85 13.69 -27.66
C ILE A 158 33.01 12.94 -26.33
N SER A 159 34.02 12.08 -26.26
CA SER A 159 34.32 11.31 -25.05
C SER A 159 34.57 12.21 -23.84
N LYS A 160 35.24 13.33 -24.07
CA LYS A 160 35.53 14.31 -23.03
C LYS A 160 34.28 15.08 -22.60
N ASP A 161 33.49 15.54 -23.57
CA ASP A 161 32.29 16.35 -23.32
C ASP A 161 31.13 15.57 -22.69
N THR A 162 31.05 14.27 -22.99
CA THR A 162 29.96 13.42 -22.48
C THR A 162 30.22 12.86 -21.09
N ASP A 163 31.29 13.32 -20.43
CA ASP A 163 31.63 12.87 -19.08
C ASP A 163 30.50 13.14 -18.08
N ARG A 164 29.87 14.31 -18.21
CA ARG A 164 28.68 14.63 -17.44
C ARG A 164 27.57 15.17 -18.36
N ASP A 165 26.45 15.56 -17.76
CA ASP A 165 25.32 16.11 -18.53
C ASP A 165 25.70 17.40 -19.26
N PHE A 166 25.86 17.27 -20.57
CA PHE A 166 26.35 18.35 -21.42
C PHE A 166 25.18 19.03 -22.15
N TRP A 167 24.50 19.94 -21.46
CA TRP A 167 23.37 20.67 -22.02
C TRP A 167 23.79 21.81 -22.89
N LEU A 168 23.28 21.83 -24.12
CA LEU A 168 23.57 22.89 -25.07
C LEU A 168 22.31 23.66 -25.45
N SER A 169 22.43 24.99 -25.54
CA SER A 169 21.38 25.82 -26.13
C SER A 169 21.26 25.47 -27.61
N VAL A 170 20.24 26.00 -28.28
CA VAL A 170 20.05 25.76 -29.72
C VAL A 170 21.24 26.29 -30.54
N ASN A 171 21.73 27.48 -30.18
CA ASN A 171 22.88 28.08 -30.86
C ASN A 171 24.18 27.32 -30.58
N GLU A 172 24.34 26.85 -29.34
CA GLU A 172 25.50 26.06 -28.95
C GLU A 172 25.52 24.69 -29.63
N ALA A 173 24.33 24.12 -29.85
CA ALA A 173 24.20 22.84 -30.54
C ALA A 173 24.52 22.94 -32.03
N LYS A 174 24.20 24.09 -32.64
CA LYS A 174 24.53 24.36 -34.03
C LYS A 174 26.06 24.48 -34.22
N ASP A 175 26.69 25.31 -33.39
CA ASP A 175 28.14 25.43 -33.36
C ASP A 175 28.83 24.08 -33.19
N TYR A 176 28.29 23.26 -32.30
CA TYR A 176 28.85 21.94 -31.98
C TYR A 176 28.76 20.93 -33.12
N GLY A 177 27.82 21.13 -34.04
CA GLY A 177 27.66 20.25 -35.20
C GLY A 177 26.47 19.30 -35.13
N ILE A 178 25.63 19.47 -34.11
CA ILE A 178 24.42 18.66 -33.97
C ILE A 178 23.31 19.23 -34.85
N VAL A 179 23.01 20.51 -34.65
CA VAL A 179 22.03 21.23 -35.45
C VAL A 179 22.73 21.87 -36.65
N ASN A 180 22.09 21.81 -37.81
CA ASN A 180 22.62 22.47 -39.00
C ASN A 180 22.01 23.85 -39.21
N GLU A 181 20.68 23.93 -39.08
CA GLU A 181 19.95 25.16 -39.33
C GLU A 181 18.81 25.35 -38.34
N ILE A 182 18.73 26.55 -37.77
CA ILE A 182 17.65 26.93 -36.87
C ILE A 182 16.55 27.63 -37.68
N ILE A 183 15.35 27.06 -37.65
CA ILE A 183 14.22 27.60 -38.42
C ILE A 183 13.03 27.96 -37.52
N GLU A 184 12.28 28.99 -37.92
CA GLU A 184 11.10 29.41 -37.19
C GLU A 184 9.82 29.15 -38.00
N ASN A 185 9.95 29.11 -39.33
CA ASN A 185 8.81 28.95 -40.23
C ASN A 185 8.92 27.74 -41.16
N ARG A 186 7.79 27.41 -41.79
CA ARG A 186 7.70 26.31 -42.76
C ARG A 186 8.69 26.41 -43.91
N ASP A 187 8.79 27.60 -44.50
CA ASP A 187 9.66 27.83 -45.65
C ASP A 187 11.15 27.68 -45.32
N GLY A 188 11.47 27.63 -44.02
CA GLY A 188 12.82 27.34 -43.55
C GLY A 188 13.30 25.95 -43.92
N LEU A 189 12.35 25.02 -44.05
CA LEU A 189 12.65 23.67 -44.55
C LEU A 189 12.90 23.68 -46.06
N LYS A 190 12.24 24.61 -46.75
CA LYS A 190 12.31 24.79 -48.21
C LYS A 190 12.30 23.51 -49.03
N ILE B 13 -7.61 0.35 -45.20
CA ILE B 13 -6.39 0.79 -45.96
C ILE B 13 -5.25 1.16 -44.98
N LEU B 14 -5.61 1.24 -43.70
CA LEU B 14 -4.68 1.57 -42.61
C LEU B 14 -3.55 0.56 -42.45
N THR B 15 -3.92 -0.72 -42.36
CA THR B 15 -2.95 -1.80 -42.20
C THR B 15 -2.93 -2.71 -43.44
N GLN B 16 -3.84 -2.43 -44.38
CA GLN B 16 -4.01 -3.24 -45.59
C GLN B 16 -2.79 -3.13 -46.51
N LYS B 17 -2.20 -1.94 -46.59
CA LYS B 17 -0.96 -1.73 -47.34
C LYS B 17 0.25 -2.17 -46.52
N LEU B 18 0.08 -2.19 -45.19
CA LEU B 18 1.12 -2.66 -44.28
C LEU B 18 1.22 -4.19 -44.30
N ILE B 19 0.08 -4.84 -44.53
CA ILE B 19 0.01 -6.30 -44.73
C ILE B 19 0.68 -6.70 -46.04
N ASP B 20 0.61 -5.80 -47.04
CA ASP B 20 1.24 -6.02 -48.33
C ASP B 20 2.77 -6.07 -48.25
N THR B 21 3.35 -5.40 -47.26
CA THR B 21 4.80 -5.41 -47.05
C THR B 21 5.30 -6.73 -46.45
N ARG B 22 4.37 -7.56 -45.99
CA ARG B 22 4.65 -8.84 -45.34
C ARG B 22 5.78 -8.72 -44.31
N THR B 23 5.59 -7.79 -43.37
CA THR B 23 6.56 -7.49 -42.33
C THR B 23 5.93 -7.72 -40.95
N VAL B 24 6.63 -8.47 -40.10
CA VAL B 24 6.21 -8.69 -38.71
C VAL B 24 7.24 -8.07 -37.76
N LEU B 25 6.76 -7.28 -36.81
CA LEU B 25 7.64 -6.69 -35.79
C LEU B 25 7.50 -7.43 -34.47
N ILE B 26 8.63 -7.90 -33.95
CA ILE B 26 8.70 -8.55 -32.63
C ILE B 26 9.57 -7.69 -31.73
N TYR B 27 8.94 -6.69 -31.11
CA TYR B 27 9.63 -5.74 -30.25
C TYR B 27 9.14 -5.93 -28.82
N GLY B 28 10.08 -6.00 -27.88
CA GLY B 28 9.75 -6.09 -26.46
C GLY B 28 9.82 -7.49 -25.90
N GLU B 29 9.28 -7.65 -24.69
CA GLU B 29 9.30 -8.92 -23.96
C GLU B 29 8.56 -10.04 -24.69
N ILE B 30 9.19 -11.21 -24.75
CA ILE B 30 8.55 -12.40 -25.31
C ILE B 30 7.63 -13.01 -24.27
N ASN B 31 6.35 -13.09 -24.60
CA ASN B 31 5.35 -13.73 -23.74
C ASN B 31 4.24 -14.37 -24.58
N GLN B 32 3.32 -15.05 -23.92
CA GLN B 32 2.25 -15.78 -24.60
C GLN B 32 1.31 -14.87 -25.42
N GLU B 33 1.05 -13.67 -24.92
CA GLU B 33 0.25 -12.68 -25.66
C GLU B 33 0.93 -12.26 -26.97
N LEU B 34 2.24 -12.02 -26.90
CA LEU B 34 3.02 -11.68 -28.10
C LEU B 34 3.08 -12.87 -29.06
N ALA B 35 3.25 -14.07 -28.52
CA ALA B 35 3.27 -15.31 -29.31
C ALA B 35 1.97 -15.55 -30.06
N GLU B 36 0.83 -15.23 -29.42
CA GLU B 36 -0.47 -15.32 -30.07
C GLU B 36 -0.58 -14.30 -31.19
N ASP B 37 -0.18 -13.07 -30.89
CA ASP B 37 -0.19 -11.96 -31.85
C ASP B 37 0.64 -12.30 -33.10
N VAL B 38 1.86 -12.79 -32.88
CA VAL B 38 2.78 -13.17 -33.96
C VAL B 38 2.25 -14.36 -34.78
N SER B 39 1.74 -15.38 -34.08
CA SER B 39 1.16 -16.56 -34.72
C SER B 39 0.01 -16.19 -35.67
N LYS B 40 -0.87 -15.31 -35.22
CA LYS B 40 -1.99 -14.83 -36.04
C LYS B 40 -1.52 -14.08 -37.29
N GLN B 41 -0.47 -13.26 -37.12
CA GLN B 41 0.09 -12.51 -38.23
C GLN B 41 0.72 -13.43 -39.27
N LEU B 42 1.48 -14.42 -38.78
CA LEU B 42 2.16 -15.39 -39.65
C LEU B 42 1.16 -16.29 -40.37
N LEU B 43 0.09 -16.68 -39.69
CA LEU B 43 -0.95 -17.49 -40.31
C LEU B 43 -1.76 -16.70 -41.34
N LEU B 44 -1.97 -15.41 -41.07
CA LEU B 44 -2.66 -14.51 -42.00
C LEU B 44 -1.86 -14.30 -43.28
N LEU B 45 -0.55 -14.07 -43.13
CA LEU B 45 0.34 -13.84 -44.27
C LEU B 45 0.53 -15.11 -45.11
N GLU B 46 0.50 -16.26 -44.44
CA GLU B 46 0.61 -17.56 -45.10
C GLU B 46 -0.61 -17.84 -45.98
N SER B 47 -1.79 -17.45 -45.49
CA SER B 47 -3.04 -17.67 -46.23
C SER B 47 -3.19 -16.75 -47.44
N ILE B 48 -2.48 -15.62 -47.42
CA ILE B 48 -2.51 -14.68 -48.54
C ILE B 48 -1.63 -15.17 -49.71
N SER B 49 -0.37 -15.49 -49.43
CA SER B 49 0.55 -15.98 -50.45
C SER B 49 1.74 -16.71 -49.84
N ASN B 50 2.56 -17.30 -50.69
CA ASN B 50 3.78 -17.97 -50.26
C ASN B 50 5.03 -17.11 -50.46
N ASP B 51 4.82 -15.81 -50.67
CA ASP B 51 5.90 -14.84 -50.75
C ASP B 51 6.65 -14.75 -49.41
N PRO B 52 7.96 -14.39 -49.45
CA PRO B 52 8.76 -14.24 -48.24
C PRO B 52 8.18 -13.28 -47.19
N ILE B 53 8.48 -13.54 -45.93
CA ILE B 53 8.08 -12.67 -44.82
C ILE B 53 9.34 -12.20 -44.09
N THR B 54 9.39 -10.90 -43.78
CA THR B 54 10.52 -10.31 -43.05
C THR B 54 10.11 -9.97 -41.63
N ILE B 55 10.88 -10.47 -40.66
CA ILE B 55 10.64 -10.22 -39.24
C ILE B 55 11.76 -9.38 -38.63
N PHE B 56 11.41 -8.20 -38.10
CA PHE B 56 12.35 -7.36 -37.38
C PHE B 56 12.24 -7.64 -35.88
N ILE B 57 13.36 -8.02 -35.27
CA ILE B 57 13.36 -8.46 -33.86
C ILE B 57 14.20 -7.54 -32.98
N ASN B 58 13.54 -6.94 -31.99
CA ASN B 58 14.18 -6.18 -30.93
C ASN B 58 13.63 -6.70 -29.61
N SER B 59 14.31 -7.70 -29.04
CA SER B 59 13.83 -8.33 -27.82
C SER B 59 14.94 -8.76 -26.87
N GLN B 60 14.74 -8.44 -25.60
CA GLN B 60 15.58 -8.89 -24.49
C GLN B 60 15.25 -10.34 -24.10
N GLY B 61 14.16 -10.87 -24.65
CA GLY B 61 13.70 -12.21 -24.33
C GLY B 61 12.49 -12.20 -23.43
N GLY B 62 12.32 -13.26 -22.66
CA GLY B 62 11.17 -13.41 -21.78
C GLY B 62 10.83 -14.86 -21.54
N HIS B 63 9.60 -15.24 -21.88
CA HIS B 63 9.07 -16.57 -21.59
C HIS B 63 9.54 -17.58 -22.61
N VAL B 64 10.22 -18.62 -22.11
CA VAL B 64 10.85 -19.66 -22.95
C VAL B 64 9.86 -20.37 -23.88
N GLU B 65 8.77 -20.88 -23.30
CA GLU B 65 7.77 -21.63 -24.08
C GLU B 65 7.05 -20.77 -25.11
N ALA B 66 6.99 -19.47 -24.86
CA ALA B 66 6.44 -18.51 -25.82
C ALA B 66 7.39 -18.36 -27.00
N GLY B 67 8.69 -18.29 -26.71
CA GLY B 67 9.73 -18.24 -27.73
C GLY B 67 9.75 -19.49 -28.59
N ASP B 68 9.58 -20.65 -27.94
CA ASP B 68 9.50 -21.94 -28.62
C ASP B 68 8.37 -21.99 -29.64
N THR B 69 7.21 -21.46 -29.25
CA THR B 69 6.05 -21.40 -30.14
C THR B 69 6.32 -20.54 -31.39
N ILE B 70 6.85 -19.35 -31.18
CA ILE B 70 7.18 -18.45 -32.29
C ILE B 70 8.24 -19.09 -33.20
N HIS B 71 9.26 -19.69 -32.59
CA HIS B 71 10.28 -20.45 -33.31
C HIS B 71 9.67 -21.52 -34.19
N ASP B 72 8.87 -22.38 -33.59
CA ASP B 72 8.24 -23.49 -34.30
C ASP B 72 7.20 -23.06 -35.33
N MET B 73 6.55 -21.92 -35.10
CA MET B 73 5.60 -21.36 -36.06
C MET B 73 6.29 -20.82 -37.32
N ILE B 74 7.46 -20.22 -37.14
CA ILE B 74 8.27 -19.73 -38.26
C ILE B 74 8.64 -20.86 -39.22
N LYS B 75 9.01 -22.01 -38.66
CA LYS B 75 9.37 -23.18 -39.45
C LYS B 75 8.15 -23.92 -39.99
N PHE B 76 7.03 -23.84 -39.27
CA PHE B 76 5.81 -24.55 -39.63
C PHE B 76 5.15 -24.02 -40.90
N ILE B 77 5.09 -22.69 -41.02
CA ILE B 77 4.44 -22.05 -42.17
C ILE B 77 5.22 -22.25 -43.47
N LYS B 78 4.53 -22.17 -44.59
CA LYS B 78 5.13 -22.42 -45.90
C LYS B 78 6.10 -21.32 -46.38
N PRO B 79 5.73 -20.03 -46.25
CA PRO B 79 6.62 -18.97 -46.74
C PRO B 79 8.00 -18.97 -46.09
N THR B 80 8.99 -18.52 -46.84
CA THR B 80 10.34 -18.34 -46.33
C THR B 80 10.41 -17.11 -45.43
N VAL B 81 11.01 -17.29 -44.24
CA VAL B 81 11.11 -16.20 -43.27
C VAL B 81 12.52 -15.65 -43.19
N LYS B 82 12.63 -14.33 -43.33
CA LYS B 82 13.88 -13.61 -43.11
C LYS B 82 13.80 -12.86 -41.79
N VAL B 83 14.90 -12.87 -41.04
CA VAL B 83 14.96 -12.14 -39.77
C VAL B 83 15.97 -11.00 -39.82
N VAL B 84 15.60 -9.86 -39.23
CA VAL B 84 16.50 -8.73 -39.09
C VAL B 84 16.59 -8.32 -37.64
N GLY B 85 17.75 -8.54 -37.03
CA GLY B 85 18.01 -8.18 -35.64
C GLY B 85 18.26 -6.69 -35.53
N THR B 86 17.73 -6.09 -34.47
CA THR B 86 17.85 -4.64 -34.27
C THR B 86 17.80 -4.26 -32.78
N GLY B 87 18.70 -3.36 -32.39
CA GLY B 87 18.79 -2.92 -30.99
C GLY B 87 19.45 -3.95 -30.11
N TRP B 88 18.68 -4.97 -29.73
CA TRP B 88 19.24 -6.17 -29.10
C TRP B 88 18.39 -7.38 -29.37
N VAL B 89 19.02 -8.54 -29.34
CA VAL B 89 18.34 -9.82 -29.49
C VAL B 89 18.96 -10.75 -28.45
N ALA B 90 18.16 -11.17 -27.48
CA ALA B 90 18.71 -11.91 -26.34
C ALA B 90 17.80 -13.02 -25.86
N SER B 91 18.41 -14.08 -25.35
CA SER B 91 17.71 -15.17 -24.67
C SER B 91 16.62 -15.77 -25.56
N ALA B 92 15.35 -15.68 -25.14
CA ALA B 92 14.22 -16.19 -25.93
C ALA B 92 14.15 -15.57 -27.33
N GLY B 93 14.58 -14.31 -27.44
CA GLY B 93 14.65 -13.62 -28.73
C GLY B 93 15.64 -14.25 -29.70
N ILE B 94 16.72 -14.83 -29.17
CA ILE B 94 17.72 -15.56 -29.96
C ILE B 94 17.12 -16.83 -30.57
N THR B 95 16.36 -17.58 -29.76
CA THR B 95 15.68 -18.80 -30.21
C THR B 95 14.77 -18.51 -31.40
N ILE B 96 14.02 -17.41 -31.33
CA ILE B 96 13.17 -16.96 -32.43
C ILE B 96 14.02 -16.60 -33.65
N TYR B 97 15.03 -15.75 -33.44
CA TYR B 97 15.94 -15.34 -34.50
C TYR B 97 16.49 -16.54 -35.27
N LEU B 98 16.87 -17.58 -34.53
CA LEU B 98 17.52 -18.76 -35.09
C LEU B 98 16.58 -19.75 -35.78
N ALA B 99 15.28 -19.44 -35.78
CA ALA B 99 14.31 -20.26 -36.50
C ALA B 99 14.48 -20.15 -38.01
N ALA B 100 14.99 -19.01 -38.46
CA ALA B 100 15.25 -18.75 -39.87
C ALA B 100 16.52 -19.44 -40.34
N GLU B 101 16.53 -19.87 -41.60
CA GLU B 101 17.73 -20.46 -42.22
C GLU B 101 18.88 -19.46 -42.19
N LYS B 102 20.10 -19.97 -42.09
CA LYS B 102 21.29 -19.13 -41.90
C LYS B 102 21.40 -18.00 -42.93
N GLU B 103 21.15 -18.30 -44.19
CA GLU B 103 21.26 -17.31 -45.28
C GLU B 103 20.22 -16.18 -45.15
N ASN B 104 19.17 -16.43 -44.37
CA ASN B 104 18.09 -15.45 -44.16
C ASN B 104 18.18 -14.69 -42.84
N ARG B 105 19.34 -14.75 -42.19
CA ARG B 105 19.56 -14.07 -40.90
C ARG B 105 20.40 -12.81 -41.04
N PHE B 106 19.74 -11.66 -40.90
CA PHE B 106 20.37 -10.36 -41.07
C PHE B 106 20.42 -9.58 -39.76
N SER B 107 21.23 -8.52 -39.74
CA SER B 107 21.27 -7.60 -38.61
C SER B 107 21.50 -6.17 -39.06
N LEU B 108 20.86 -5.24 -38.36
CA LEU B 108 21.16 -3.83 -38.50
C LEU B 108 22.44 -3.52 -37.71
N PRO B 109 23.14 -2.41 -38.04
CA PRO B 109 24.48 -2.17 -37.46
C PRO B 109 24.52 -2.04 -35.94
N ASN B 110 23.58 -1.28 -35.37
CA ASN B 110 23.58 -1.01 -33.92
C ASN B 110 22.76 -2.04 -33.15
N THR B 111 23.28 -3.26 -33.09
CA THR B 111 22.59 -4.38 -32.44
C THR B 111 23.59 -5.22 -31.64
N ARG B 112 23.20 -5.61 -30.43
CA ARG B 112 23.97 -6.59 -29.66
C ARG B 112 23.16 -7.85 -29.40
N TYR B 113 23.86 -8.96 -29.22
CA TYR B 113 23.26 -10.27 -29.11
C TYR B 113 23.71 -10.95 -27.82
N MET B 114 22.81 -11.67 -27.17
CA MET B 114 23.17 -12.41 -25.97
C MET B 114 22.53 -13.79 -25.92
N ILE B 115 23.36 -14.78 -25.61
CA ILE B 115 22.88 -16.13 -25.32
C ILE B 115 23.27 -16.49 -23.89
N HIS B 116 22.43 -17.29 -23.24
CA HIS B 116 22.67 -17.75 -21.87
C HIS B 116 21.77 -18.88 -21.51
N GLN B 117 22.05 -19.50 -20.37
CA GLN B 117 21.17 -20.52 -19.82
C GLN B 117 20.15 -19.83 -18.92
N PRO B 118 18.87 -19.77 -19.37
CA PRO B 118 17.84 -19.00 -18.66
C PRO B 118 17.27 -19.71 -17.44
N ALA B 119 16.63 -18.92 -16.57
CA ALA B 119 15.98 -19.44 -15.37
C ALA B 119 14.64 -20.10 -15.69
N GLY B 120 14.07 -20.78 -14.70
CA GLY B 120 12.81 -21.49 -14.88
C GLY B 120 11.71 -21.06 -13.93
N GLU B 128 9.28 -30.75 -5.18
CA GLU B 128 9.12 -29.91 -6.37
C GLU B 128 10.47 -29.51 -6.97
N ILE B 129 11.43 -29.25 -6.09
CA ILE B 129 12.76 -28.76 -6.49
C ILE B 129 13.54 -29.76 -7.35
N GLU B 130 13.42 -31.05 -7.04
CA GLU B 130 14.03 -32.10 -7.86
C GLU B 130 13.42 -32.15 -9.26
N ILE B 131 12.09 -32.04 -9.33
CA ILE B 131 11.37 -32.00 -10.60
C ILE B 131 11.74 -30.74 -11.39
N GLU B 132 11.80 -29.60 -10.69
CA GLU B 132 12.11 -28.30 -11.31
C GLU B 132 13.54 -28.22 -11.83
N ALA B 133 14.47 -28.75 -11.04
CA ALA B 133 15.89 -28.80 -11.44
C ALA B 133 16.07 -29.65 -12.70
N LYS B 134 15.43 -30.81 -12.73
CA LYS B 134 15.49 -31.71 -13.87
C LYS B 134 14.97 -31.03 -15.14
N GLU B 135 13.86 -30.31 -15.01
CA GLU B 135 13.23 -29.63 -16.15
C GLU B 135 14.07 -28.50 -16.72
N ILE B 136 14.69 -27.72 -15.83
CA ILE B 136 15.56 -26.63 -16.22
C ILE B 136 16.82 -27.15 -16.92
N ILE B 137 17.31 -28.31 -16.47
CA ILE B 137 18.45 -28.98 -17.12
C ILE B 137 18.09 -29.41 -18.54
N ARG B 138 16.99 -30.13 -18.68
CA ARG B 138 16.51 -30.59 -19.98
C ARG B 138 16.23 -29.43 -20.92
N MET B 139 15.65 -28.36 -20.38
CA MET B 139 15.36 -27.16 -21.14
C MET B 139 16.64 -26.49 -21.66
N ARG B 140 17.65 -26.42 -20.80
CA ARG B 140 18.95 -25.85 -21.17
C ARG B 140 19.67 -26.68 -22.23
N GLU B 141 19.52 -28.00 -22.15
CA GLU B 141 20.03 -28.91 -23.19
C GLU B 141 19.37 -28.63 -24.53
N ARG B 142 18.04 -28.62 -24.52
CA ARG B 142 17.24 -28.42 -25.72
C ARG B 142 17.55 -27.11 -26.44
N ILE B 143 17.71 -26.04 -25.66
CA ILE B 143 18.03 -24.72 -26.20
C ILE B 143 19.47 -24.66 -26.73
N ASN B 144 20.41 -25.25 -25.99
CA ASN B 144 21.81 -25.28 -26.41
C ASN B 144 22.04 -26.07 -27.71
N ARG B 145 21.29 -27.16 -27.86
CA ARG B 145 21.35 -27.96 -29.09
C ARG B 145 20.74 -27.20 -30.27
N LEU B 146 19.65 -26.49 -30.00
CA LEU B 146 19.00 -25.65 -31.01
C LEU B 146 19.98 -24.60 -31.51
N ILE B 147 20.70 -23.95 -30.59
CA ILE B 147 21.70 -22.94 -30.93
C ILE B 147 22.89 -23.57 -31.67
N ALA B 148 23.30 -24.76 -31.24
CA ALA B 148 24.39 -25.49 -31.87
C ALA B 148 24.07 -25.82 -33.34
N GLU B 149 22.88 -26.40 -33.56
CA GLU B 149 22.40 -26.76 -34.88
C GLU B 149 22.30 -25.55 -35.83
N ALA B 150 21.86 -24.41 -35.28
CA ALA B 150 21.66 -23.20 -36.08
C ALA B 150 22.95 -22.43 -36.40
N THR B 151 23.89 -22.43 -35.46
CA THR B 151 25.15 -21.70 -35.62
C THR B 151 26.24 -22.52 -36.30
N GLY B 152 26.10 -23.85 -36.23
CA GLY B 152 27.11 -24.76 -36.76
C GLY B 152 28.20 -25.07 -35.74
N GLN B 153 28.08 -24.51 -34.54
CA GLN B 153 29.02 -24.78 -33.47
C GLN B 153 28.62 -26.03 -32.72
N SER B 154 29.56 -26.61 -31.97
CA SER B 154 29.30 -27.84 -31.23
C SER B 154 28.45 -27.57 -30.01
N TYR B 155 27.66 -28.56 -29.61
CA TYR B 155 26.88 -28.51 -28.39
C TYR B 155 27.76 -28.20 -27.17
N GLU B 156 28.96 -28.80 -27.16
CA GLU B 156 29.92 -28.62 -26.07
C GLU B 156 30.41 -27.17 -25.95
N GLN B 157 30.60 -26.51 -27.09
CA GLN B 157 31.04 -25.12 -27.11
C GLN B 157 29.94 -24.17 -26.64
N ILE B 158 28.72 -24.39 -27.14
CA ILE B 158 27.55 -23.60 -26.74
C ILE B 158 27.32 -23.71 -25.23
N SER B 159 27.29 -24.94 -24.74
CA SER B 159 27.11 -25.24 -23.32
C SER B 159 28.17 -24.56 -22.44
N LYS B 160 29.38 -24.43 -22.97
CA LYS B 160 30.47 -23.74 -22.29
C LYS B 160 30.26 -22.22 -22.29
N ASP B 161 29.88 -21.68 -23.45
CA ASP B 161 29.72 -20.24 -23.63
C ASP B 161 28.47 -19.68 -22.93
N THR B 162 27.46 -20.52 -22.75
CA THR B 162 26.19 -20.10 -22.15
C THR B 162 26.16 -20.19 -20.60
N ASP B 163 27.31 -20.48 -20.00
CA ASP B 163 27.42 -20.61 -18.54
C ASP B 163 27.01 -19.31 -17.83
N ARG B 164 27.44 -18.17 -18.39
CA ARG B 164 26.99 -16.86 -17.93
C ARG B 164 26.50 -16.03 -19.11
N ASP B 165 25.97 -14.84 -18.82
CA ASP B 165 25.48 -13.93 -19.85
C ASP B 165 26.57 -13.62 -20.88
N PHE B 166 26.37 -14.11 -22.10
CA PHE B 166 27.39 -14.06 -23.14
C PHE B 166 27.00 -13.03 -24.21
N TRP B 167 27.44 -11.80 -24.02
CA TRP B 167 27.12 -10.69 -24.92
C TRP B 167 28.06 -10.63 -26.10
N LEU B 168 27.49 -10.44 -27.28
CA LEU B 168 28.27 -10.33 -28.50
C LEU B 168 27.91 -9.06 -29.26
N SER B 169 28.92 -8.33 -29.71
CA SER B 169 28.69 -7.26 -30.67
C SER B 169 28.16 -7.87 -31.97
N VAL B 170 27.64 -7.02 -32.86
CA VAL B 170 27.10 -7.49 -34.14
C VAL B 170 28.12 -8.28 -34.97
N ASN B 171 29.36 -7.81 -34.99
CA ASN B 171 30.45 -8.49 -35.71
C ASN B 171 30.84 -9.82 -35.08
N GLU B 172 30.80 -9.86 -33.75
CA GLU B 172 31.09 -11.09 -33.01
C GLU B 172 29.98 -12.12 -33.17
N ALA B 173 28.74 -11.65 -33.26
CA ALA B 173 27.59 -12.53 -33.49
C ALA B 173 27.64 -13.13 -34.89
N LYS B 174 28.13 -12.34 -35.84
CA LYS B 174 28.39 -12.80 -37.21
C LYS B 174 29.48 -13.88 -37.19
N ASP B 175 30.57 -13.61 -36.50
CA ASP B 175 31.66 -14.56 -36.32
C ASP B 175 31.20 -15.85 -35.65
N TYR B 176 30.29 -15.71 -34.68
CA TYR B 176 29.76 -16.84 -33.92
C TYR B 176 28.83 -17.73 -34.74
N GLY B 177 28.34 -17.21 -35.86
CA GLY B 177 27.43 -17.95 -36.74
C GLY B 177 25.96 -17.69 -36.46
N ILE B 178 25.68 -16.66 -35.67
CA ILE B 178 24.30 -16.25 -35.37
C ILE B 178 23.76 -15.38 -36.51
N VAL B 179 24.50 -14.32 -36.83
CA VAL B 179 24.17 -13.39 -37.89
C VAL B 179 24.91 -13.81 -39.17
N ASN B 180 24.23 -13.73 -40.32
CA ASN B 180 24.86 -14.05 -41.61
C ASN B 180 25.37 -12.80 -42.31
N GLU B 181 24.55 -11.76 -42.39
CA GLU B 181 24.92 -10.53 -43.06
C GLU B 181 24.49 -9.29 -42.26
N ILE B 182 25.41 -8.33 -42.14
CA ILE B 182 25.12 -7.04 -41.54
C ILE B 182 24.73 -6.06 -42.64
N ILE B 183 23.54 -5.49 -42.52
CA ILE B 183 23.00 -4.59 -43.54
C ILE B 183 22.64 -3.23 -42.95
N GLU B 184 22.76 -2.19 -43.78
CA GLU B 184 22.45 -0.83 -43.38
C GLU B 184 21.27 -0.27 -44.18
N ASN B 185 21.09 -0.78 -45.38
CA ASN B 185 20.06 -0.30 -46.30
C ASN B 185 19.14 -1.40 -46.82
N ARG B 186 18.02 -0.98 -47.42
CA ARG B 186 17.03 -1.88 -48.01
C ARG B 186 17.60 -2.84 -49.06
N ASP B 187 18.48 -2.32 -49.92
CA ASP B 187 19.07 -3.10 -51.02
C ASP B 187 19.98 -4.25 -50.54
N GLY B 188 20.42 -4.17 -49.30
CA GLY B 188 21.21 -5.24 -48.68
C GLY B 188 20.39 -6.49 -48.42
N LEU B 189 19.09 -6.30 -48.20
CA LEU B 189 18.15 -7.41 -48.00
C LEU B 189 17.87 -8.11 -49.33
N LYS B 190 17.98 -7.35 -50.42
CA LYS B 190 17.83 -7.83 -51.81
C LYS B 190 16.78 -8.93 -52.02
N ILE C 13 -12.02 -7.17 -43.21
CA ILE C 13 -11.25 -8.14 -44.06
C ILE C 13 -10.03 -8.69 -43.30
N LEU C 14 -9.80 -8.17 -42.09
CA LEU C 14 -8.66 -8.56 -41.27
C LEU C 14 -8.77 -9.99 -40.72
N THR C 15 -9.92 -10.32 -40.13
CA THR C 15 -10.15 -11.64 -39.55
C THR C 15 -10.94 -12.52 -40.54
N GLN C 16 -11.44 -11.91 -41.60
CA GLN C 16 -12.20 -12.62 -42.65
C GLN C 16 -11.39 -13.76 -43.28
N LYS C 17 -10.15 -13.48 -43.64
CA LYS C 17 -9.26 -14.50 -44.20
C LYS C 17 -8.67 -15.38 -43.10
N LEU C 18 -8.66 -14.87 -41.87
CA LEU C 18 -8.21 -15.63 -40.71
C LEU C 18 -9.27 -16.66 -40.29
N ILE C 19 -10.54 -16.33 -40.53
CA ILE C 19 -11.67 -17.24 -40.30
C ILE C 19 -11.65 -18.39 -41.32
N ASP C 20 -11.21 -18.07 -42.54
CA ASP C 20 -11.07 -19.07 -43.60
C ASP C 20 -10.09 -20.19 -43.25
N THR C 21 -9.06 -19.85 -42.46
CA THR C 21 -8.02 -20.82 -42.08
C THR C 21 -8.49 -21.87 -41.08
N ARG C 22 -9.70 -21.68 -40.54
CA ARG C 22 -10.30 -22.59 -39.56
C ARG C 22 -9.34 -22.89 -38.40
N THR C 23 -8.68 -21.85 -37.90
CA THR C 23 -7.67 -22.02 -36.86
C THR C 23 -8.07 -21.30 -35.58
N VAL C 24 -7.91 -22.00 -34.46
CA VAL C 24 -8.15 -21.43 -33.12
C VAL C 24 -6.87 -21.56 -32.32
N LEU C 25 -6.46 -20.46 -31.67
CA LEU C 25 -5.28 -20.46 -30.82
C LEU C 25 -5.69 -20.43 -29.36
N ILE C 26 -5.19 -21.40 -28.59
CA ILE C 26 -5.40 -21.42 -27.15
C ILE C 26 -4.04 -21.21 -26.47
N TYR C 27 -3.69 -19.95 -26.26
CA TYR C 27 -2.41 -19.58 -25.66
C TYR C 27 -2.64 -18.92 -24.30
N GLY C 28 -1.95 -19.41 -23.28
CA GLY C 28 -2.02 -18.81 -21.96
C GLY C 28 -2.85 -19.60 -20.97
N GLU C 29 -3.15 -18.95 -19.84
CA GLU C 29 -3.89 -19.59 -18.75
C GLU C 29 -5.30 -19.99 -19.16
N ILE C 30 -5.69 -21.22 -18.84
CA ILE C 30 -7.05 -21.68 -19.08
C ILE C 30 -7.98 -21.09 -18.01
N ASN C 31 -8.91 -20.25 -18.43
CA ASN C 31 -9.92 -19.69 -17.53
C ASN C 31 -11.26 -19.54 -18.23
N GLN C 32 -12.29 -19.15 -17.48
CA GLN C 32 -13.66 -19.06 -18.01
C GLN C 32 -13.79 -18.07 -19.16
N GLU C 33 -13.00 -16.99 -19.10
CA GLU C 33 -12.94 -15.99 -20.17
C GLU C 33 -12.40 -16.59 -21.47
N LEU C 34 -11.29 -17.32 -21.36
CA LEU C 34 -10.71 -17.99 -22.52
C LEU C 34 -11.66 -19.05 -23.06
N ALA C 35 -12.27 -19.81 -22.15
CA ALA C 35 -13.27 -20.82 -22.51
C ALA C 35 -14.42 -20.22 -23.31
N GLU C 36 -14.87 -19.03 -22.91
CA GLU C 36 -15.94 -18.32 -23.64
C GLU C 36 -15.49 -17.91 -25.03
N ASP C 37 -14.28 -17.35 -25.12
CA ASP C 37 -13.66 -16.94 -26.38
C ASP C 37 -13.55 -18.14 -27.34
N VAL C 38 -13.02 -19.26 -26.84
CA VAL C 38 -12.85 -20.48 -27.64
C VAL C 38 -14.20 -21.06 -28.08
N SER C 39 -15.17 -21.08 -27.17
CA SER C 39 -16.52 -21.56 -27.48
C SER C 39 -17.17 -20.79 -28.62
N LYS C 40 -17.05 -19.46 -28.57
CA LYS C 40 -17.60 -18.60 -29.60
C LYS C 40 -16.95 -18.86 -30.96
N GLN C 41 -15.62 -19.02 -30.96
CA GLN C 41 -14.87 -19.30 -32.18
C GLN C 41 -15.27 -20.64 -32.80
N LEU C 42 -15.42 -21.67 -31.96
CA LEU C 42 -15.81 -23.00 -32.42
C LEU C 42 -17.25 -23.05 -32.94
N LEU C 43 -18.17 -22.39 -32.23
CA LEU C 43 -19.56 -22.33 -32.66
C LEU C 43 -19.71 -21.55 -33.97
N LEU C 44 -18.90 -20.50 -34.13
CA LEU C 44 -18.87 -19.72 -35.36
C LEU C 44 -18.40 -20.53 -36.55
N LEU C 45 -17.28 -21.24 -36.40
CA LEU C 45 -16.72 -22.05 -37.48
C LEU C 45 -17.64 -23.20 -37.87
N GLU C 46 -18.30 -23.80 -36.88
CA GLU C 46 -19.30 -24.84 -37.10
C GLU C 46 -20.49 -24.33 -37.92
N SER C 47 -20.90 -23.08 -37.69
CA SER C 47 -22.03 -22.49 -38.39
C SER C 47 -21.70 -22.19 -39.86
N ILE C 48 -20.42 -21.96 -40.14
CA ILE C 48 -19.96 -21.66 -41.49
C ILE C 48 -19.91 -22.91 -42.35
N SER C 49 -19.24 -23.95 -41.88
CA SER C 49 -19.14 -25.22 -42.61
C SER C 49 -18.80 -26.40 -41.68
N ASN C 50 -18.75 -27.60 -42.25
CA ASN C 50 -18.35 -28.79 -41.52
C ASN C 50 -16.89 -29.19 -41.77
N ASP C 51 -16.13 -28.26 -42.37
CA ASP C 51 -14.70 -28.48 -42.61
C ASP C 51 -13.93 -28.59 -41.29
N PRO C 52 -12.81 -29.35 -41.30
CA PRO C 52 -11.99 -29.52 -40.09
C PRO C 52 -11.49 -28.21 -39.49
N ILE C 53 -11.32 -28.21 -38.17
CA ILE C 53 -10.77 -27.06 -37.43
C ILE C 53 -9.45 -27.46 -36.77
N THR C 54 -8.45 -26.58 -36.88
CA THR C 54 -7.16 -26.81 -36.25
C THR C 54 -6.96 -25.90 -35.04
N ILE C 55 -6.56 -26.49 -33.92
CA ILE C 55 -6.31 -25.76 -32.68
C ILE C 55 -4.85 -25.86 -32.25
N PHE C 56 -4.18 -24.72 -32.11
CA PHE C 56 -2.82 -24.66 -31.56
C PHE C 56 -2.88 -24.34 -30.07
N ILE C 57 -2.29 -25.20 -29.26
CA ILE C 57 -2.34 -25.05 -27.80
C ILE C 57 -0.95 -24.80 -27.19
N ASN C 58 -0.85 -23.69 -26.46
CA ASN C 58 0.31 -23.34 -25.64
C ASN C 58 -0.21 -22.92 -24.28
N SER C 59 -0.34 -23.87 -23.36
CA SER C 59 -0.91 -23.54 -22.06
C SER C 59 -0.32 -24.33 -20.90
N GLN C 60 -0.03 -23.61 -19.83
CA GLN C 60 0.37 -24.16 -18.54
C GLN C 60 -0.82 -24.76 -17.78
N GLY C 61 -2.02 -24.57 -18.31
CA GLY C 61 -3.24 -25.00 -17.63
C GLY C 61 -3.93 -23.85 -16.92
N GLY C 62 -4.68 -24.18 -15.88
CA GLY C 62 -5.42 -23.19 -15.10
C GLY C 62 -6.67 -23.78 -14.49
N HIS C 63 -7.82 -23.25 -14.87
CA HIS C 63 -9.10 -23.60 -14.26
C HIS C 63 -9.65 -24.89 -14.82
N VAL C 64 -9.88 -25.85 -13.92
CA VAL C 64 -10.33 -27.21 -14.30
C VAL C 64 -11.64 -27.21 -15.09
N GLU C 65 -12.66 -26.56 -14.55
CA GLU C 65 -13.98 -26.53 -15.19
C GLU C 65 -13.98 -25.80 -16.53
N ALA C 66 -13.09 -24.81 -16.67
CA ALA C 66 -12.92 -24.10 -17.93
C ALA C 66 -12.32 -25.04 -18.98
N GLY C 67 -11.37 -25.88 -18.56
CA GLY C 67 -10.79 -26.90 -19.43
C GLY C 67 -11.79 -27.95 -19.84
N ASP C 68 -12.66 -28.33 -18.90
CA ASP C 68 -13.75 -29.29 -19.14
C ASP C 68 -14.71 -28.80 -20.21
N THR C 69 -15.07 -27.52 -20.12
CA THR C 69 -15.95 -26.88 -21.09
C THR C 69 -15.38 -26.92 -22.50
N ILE C 70 -14.11 -26.55 -22.63
CA ILE C 70 -13.45 -26.52 -23.94
C ILE C 70 -13.32 -27.95 -24.49
N HIS C 71 -12.94 -28.88 -23.63
CA HIS C 71 -12.91 -30.31 -23.95
C HIS C 71 -14.22 -30.77 -24.54
N ASP C 72 -15.31 -30.52 -23.80
CA ASP C 72 -16.64 -30.97 -24.21
C ASP C 72 -17.18 -30.25 -25.44
N MET C 73 -16.82 -28.97 -25.59
CA MET C 73 -17.23 -28.19 -26.76
C MET C 73 -16.58 -28.69 -28.04
N ILE C 74 -15.33 -29.14 -27.92
CA ILE C 74 -14.61 -29.75 -29.04
C ILE C 74 -15.33 -31.02 -29.52
N LYS C 75 -15.74 -31.86 -28.59
CA LYS C 75 -16.48 -33.08 -28.91
C LYS C 75 -17.92 -32.82 -29.32
N PHE C 76 -18.49 -31.72 -28.81
CA PHE C 76 -19.88 -31.36 -29.07
C PHE C 76 -20.14 -30.95 -30.53
N ILE C 77 -19.24 -30.14 -31.09
CA ILE C 77 -19.42 -29.60 -32.43
C ILE C 77 -19.24 -30.66 -33.52
N LYS C 78 -19.88 -30.43 -34.66
CA LYS C 78 -19.85 -31.36 -35.79
C LYS C 78 -18.45 -31.52 -36.44
N PRO C 79 -17.74 -30.41 -36.74
CA PRO C 79 -16.47 -30.54 -37.45
C PRO C 79 -15.40 -31.33 -36.70
N THR C 80 -14.56 -32.04 -37.44
CA THR C 80 -13.41 -32.74 -36.89
C THR C 80 -12.38 -31.72 -36.43
N VAL C 81 -11.84 -31.93 -35.24
CA VAL C 81 -10.87 -31.02 -34.65
C VAL C 81 -9.49 -31.66 -34.55
N LYS C 82 -8.49 -30.99 -35.09
CA LYS C 82 -7.09 -31.37 -34.93
C LYS C 82 -6.44 -30.44 -33.91
N VAL C 83 -5.64 -31.02 -33.01
CA VAL C 83 -4.89 -30.22 -32.04
C VAL C 83 -3.39 -30.27 -32.31
N VAL C 84 -2.73 -29.11 -32.17
CA VAL C 84 -1.29 -29.01 -32.32
C VAL C 84 -0.71 -28.42 -31.03
N GLY C 85 0.01 -29.25 -30.28
CA GLY C 85 0.70 -28.81 -29.08
C GLY C 85 1.94 -28.01 -29.44
N THR C 86 2.15 -26.91 -28.73
CA THR C 86 3.30 -26.04 -28.98
C THR C 86 3.77 -25.31 -27.72
N GLY C 87 5.07 -25.34 -27.47
CA GLY C 87 5.67 -24.69 -26.30
C GLY C 87 5.52 -25.57 -25.07
N TRP C 88 4.34 -25.54 -24.46
CA TRP C 88 3.96 -26.51 -23.43
C TRP C 88 2.48 -26.74 -23.38
N VAL C 89 2.10 -27.93 -22.92
CA VAL C 89 0.70 -28.29 -22.74
C VAL C 89 0.64 -29.06 -21.42
N ALA C 90 -0.03 -28.45 -20.43
CA ALA C 90 -0.02 -29.02 -19.09
C ALA C 90 -1.37 -28.90 -18.40
N SER C 91 -1.67 -29.88 -17.55
CA SER C 91 -2.80 -29.84 -16.62
C SER C 91 -4.14 -29.71 -17.37
N ALA C 92 -4.87 -28.64 -17.12
CA ALA C 92 -6.14 -28.38 -17.82
C ALA C 92 -5.94 -28.26 -19.34
N GLY C 93 -4.75 -27.82 -19.75
CA GLY C 93 -4.36 -27.78 -21.16
C GLY C 93 -4.36 -29.16 -21.79
N ILE C 94 -3.92 -30.15 -21.03
CA ILE C 94 -3.87 -31.55 -21.48
C ILE C 94 -5.28 -32.11 -21.68
N THR C 95 -6.18 -31.79 -20.75
CA THR C 95 -7.60 -32.17 -20.87
C THR C 95 -8.19 -31.69 -22.20
N ILE C 96 -7.87 -30.45 -22.57
CA ILE C 96 -8.29 -29.88 -23.84
C ILE C 96 -7.64 -30.62 -25.02
N TYR C 97 -6.32 -30.77 -24.96
CA TYR C 97 -5.55 -31.47 -25.98
C TYR C 97 -6.11 -32.88 -26.27
N LEU C 98 -6.48 -33.59 -25.21
CA LEU C 98 -6.97 -34.96 -25.33
C LEU C 98 -8.44 -35.08 -25.75
N ALA C 99 -9.08 -33.95 -26.03
CA ALA C 99 -10.44 -33.95 -26.57
C ALA C 99 -10.47 -34.46 -28.02
N ALA C 100 -9.40 -34.19 -28.76
CA ALA C 100 -9.27 -34.65 -30.14
C ALA C 100 -8.96 -36.14 -30.18
N GLU C 101 -9.41 -36.79 -31.25
CA GLU C 101 -9.09 -38.20 -31.49
C GLU C 101 -7.59 -38.38 -31.65
N LYS C 102 -7.08 -39.54 -31.22
CA LYS C 102 -5.65 -39.83 -31.22
C LYS C 102 -4.96 -39.51 -32.56
N GLU C 103 -5.60 -39.87 -33.67
CA GLU C 103 -5.04 -39.66 -35.01
C GLU C 103 -4.87 -38.17 -35.35
N ASN C 104 -5.61 -37.32 -34.63
CA ASN C 104 -5.61 -35.88 -34.88
C ASN C 104 -4.82 -35.07 -33.86
N ARG C 105 -3.97 -35.73 -33.09
CA ARG C 105 -3.17 -35.07 -32.06
C ARG C 105 -1.71 -34.90 -32.49
N PHE C 106 -1.34 -33.66 -32.77
CA PHE C 106 -0.03 -33.33 -33.31
C PHE C 106 0.81 -32.50 -32.34
N SER C 107 2.12 -32.48 -32.56
CA SER C 107 3.01 -31.66 -31.76
C SER C 107 4.12 -31.04 -32.58
N LEU C 108 4.35 -29.76 -32.34
CA LEU C 108 5.54 -29.07 -32.84
C LEU C 108 6.75 -29.53 -32.03
N PRO C 109 7.96 -29.49 -32.63
CA PRO C 109 9.15 -30.12 -32.04
C PRO C 109 9.52 -29.64 -30.63
N ASN C 110 9.39 -28.34 -30.38
CA ASN C 110 9.82 -27.75 -29.10
C ASN C 110 8.65 -27.58 -28.12
N THR C 111 8.18 -28.71 -27.60
CA THR C 111 7.03 -28.74 -26.72
C THR C 111 7.25 -29.77 -25.62
N ARG C 112 6.96 -29.38 -24.39
CA ARG C 112 6.91 -30.34 -23.29
C ARG C 112 5.48 -30.51 -22.77
N TYR C 113 5.22 -31.67 -22.18
CA TYR C 113 3.89 -32.02 -21.74
C TYR C 113 3.91 -32.42 -20.27
N MET C 114 2.85 -32.08 -19.54
CA MET C 114 2.76 -32.45 -18.13
C MET C 114 1.35 -32.87 -17.73
N ILE C 115 1.30 -33.98 -16.99
CA ILE C 115 0.06 -34.43 -16.34
C ILE C 115 0.31 -34.51 -14.84
N HIS C 116 -0.72 -34.20 -14.06
CA HIS C 116 -0.64 -34.23 -12.61
C HIS C 116 -2.01 -34.23 -12.00
N GLN C 117 -2.07 -34.45 -10.69
CA GLN C 117 -3.32 -34.32 -9.96
C GLN C 117 -3.47 -32.86 -9.51
N PRO C 118 -4.42 -32.13 -10.11
CA PRO C 118 -4.52 -30.68 -9.89
C PRO C 118 -5.20 -30.29 -8.57
N ALA C 119 -4.98 -29.04 -8.17
CA ALA C 119 -5.55 -28.47 -6.96
C ALA C 119 -7.02 -28.09 -7.14
N GLY C 120 -7.73 -27.89 -6.03
CA GLY C 120 -9.14 -27.52 -6.07
C GLY C 120 -9.46 -26.25 -5.32
N GLU C 128 -16.56 -28.15 5.75
CA GLU C 128 -16.31 -27.80 4.35
C GLU C 128 -15.12 -28.57 3.80
N ILE C 129 -14.14 -28.84 4.66
CA ILE C 129 -12.92 -29.57 4.28
C ILE C 129 -13.21 -30.98 3.77
N GLU C 130 -14.11 -31.69 4.44
CA GLU C 130 -14.53 -33.02 4.02
C GLU C 130 -15.25 -32.98 2.67
N ILE C 131 -16.07 -31.95 2.48
CA ILE C 131 -16.78 -31.72 1.22
C ILE C 131 -15.78 -31.39 0.11
N GLU C 132 -14.84 -30.48 0.41
CA GLU C 132 -13.78 -30.10 -0.54
C GLU C 132 -12.90 -31.30 -0.90
N ALA C 133 -12.58 -32.13 0.11
CA ALA C 133 -11.75 -33.32 -0.09
C ALA C 133 -12.41 -34.36 -0.98
N LYS C 134 -13.71 -34.59 -0.77
CA LYS C 134 -14.45 -35.54 -1.60
C LYS C 134 -14.49 -35.08 -3.06
N GLU C 135 -14.73 -33.79 -3.26
CA GLU C 135 -14.81 -33.21 -4.60
C GLU C 135 -13.51 -33.31 -5.39
N ILE C 136 -12.40 -33.06 -4.72
CA ILE C 136 -11.09 -33.12 -5.36
C ILE C 136 -10.69 -34.58 -5.69
N ILE C 137 -11.15 -35.51 -4.86
CA ILE C 137 -10.95 -36.95 -5.12
C ILE C 137 -11.69 -37.39 -6.38
N ARG C 138 -12.98 -37.08 -6.45
CA ARG C 138 -13.82 -37.43 -7.60
C ARG C 138 -13.30 -36.77 -8.88
N MET C 139 -12.90 -35.51 -8.77
CA MET C 139 -12.34 -34.75 -9.88
C MET C 139 -11.05 -35.38 -10.43
N ARG C 140 -10.13 -35.73 -9.54
CA ARG C 140 -8.87 -36.37 -9.92
C ARG C 140 -9.08 -37.72 -10.59
N GLU C 141 -10.06 -38.45 -10.07
CA GLU C 141 -10.49 -39.71 -10.65
C GLU C 141 -11.09 -39.51 -12.04
N ARG C 142 -11.90 -38.48 -12.20
CA ARG C 142 -12.52 -38.13 -13.48
C ARG C 142 -11.47 -37.78 -14.52
N ILE C 143 -10.53 -36.92 -14.15
CA ILE C 143 -9.46 -36.48 -15.04
C ILE C 143 -8.55 -37.65 -15.45
N ASN C 144 -8.19 -38.48 -14.47
CA ASN C 144 -7.34 -39.65 -14.73
C ASN C 144 -7.96 -40.68 -15.68
N ARG C 145 -9.26 -40.91 -15.54
CA ARG C 145 -10.00 -41.81 -16.44
C ARG C 145 -10.11 -41.21 -17.83
N LEU C 146 -10.20 -39.89 -17.91
CA LEU C 146 -10.20 -39.18 -19.17
C LEU C 146 -8.84 -39.35 -19.88
N ILE C 147 -7.75 -39.17 -19.13
CA ILE C 147 -6.40 -39.32 -19.67
C ILE C 147 -6.12 -40.76 -20.09
N ALA C 148 -6.57 -41.72 -19.28
CA ALA C 148 -6.43 -43.14 -19.57
C ALA C 148 -7.10 -43.53 -20.89
N GLU C 149 -8.35 -43.12 -21.05
CA GLU C 149 -9.14 -43.43 -22.26
C GLU C 149 -8.54 -42.87 -23.54
N ALA C 150 -8.02 -41.64 -23.47
CA ALA C 150 -7.49 -40.95 -24.64
C ALA C 150 -6.11 -41.43 -25.06
N THR C 151 -5.28 -41.82 -24.10
CA THR C 151 -3.90 -42.22 -24.37
C THR C 151 -3.74 -43.71 -24.68
N GLY C 152 -4.61 -44.53 -24.11
CA GLY C 152 -4.49 -45.99 -24.21
C GLY C 152 -3.91 -46.61 -22.96
N GLN C 153 -3.33 -45.76 -22.10
CA GLN C 153 -2.79 -46.20 -20.81
C GLN C 153 -3.91 -46.64 -19.88
N SER C 154 -3.60 -47.51 -18.93
CA SER C 154 -4.59 -47.97 -17.95
C SER C 154 -4.80 -46.89 -16.88
N TYR C 155 -5.98 -46.90 -16.26
CA TYR C 155 -6.30 -45.97 -15.18
C TYR C 155 -5.30 -46.05 -14.04
N GLU C 156 -4.83 -47.27 -13.74
CA GLU C 156 -3.86 -47.52 -12.68
C GLU C 156 -2.51 -46.86 -12.97
N GLN C 157 -2.08 -46.92 -14.23
CA GLN C 157 -0.81 -46.32 -14.65
C GLN C 157 -0.87 -44.79 -14.58
N ILE C 158 -1.99 -44.22 -15.01
CA ILE C 158 -2.21 -42.77 -14.96
C ILE C 158 -2.24 -42.30 -13.51
N SER C 159 -2.98 -43.03 -12.67
CA SER C 159 -3.10 -42.73 -11.25
C SER C 159 -1.75 -42.75 -10.54
N LYS C 160 -0.88 -43.67 -10.96
CA LYS C 160 0.47 -43.78 -10.42
C LYS C 160 1.36 -42.63 -10.91
N ASP C 161 1.32 -42.35 -12.20
CA ASP C 161 2.19 -41.35 -12.81
C ASP C 161 1.83 -39.90 -12.46
N THR C 162 0.57 -39.66 -12.11
CA THR C 162 0.12 -38.30 -11.78
C THR C 162 0.26 -37.95 -10.29
N ASP C 163 0.97 -38.80 -9.54
CA ASP C 163 1.19 -38.55 -8.11
C ASP C 163 1.87 -37.21 -7.86
N ARG C 164 2.88 -36.91 -8.68
CA ARG C 164 3.51 -35.59 -8.70
C ARG C 164 3.59 -35.07 -10.14
N ASP C 165 4.08 -33.85 -10.30
CA ASP C 165 4.19 -33.23 -11.63
C ASP C 165 5.02 -34.11 -12.57
N PHE C 166 4.34 -34.69 -13.56
CA PHE C 166 4.93 -35.65 -14.47
C PHE C 166 5.19 -35.01 -15.82
N TRP C 167 6.40 -34.50 -16.00
CA TRP C 167 6.80 -33.86 -17.25
C TRP C 167 7.30 -34.86 -18.26
N LEU C 168 6.97 -34.60 -19.52
CA LEU C 168 7.38 -35.46 -20.61
C LEU C 168 7.88 -34.61 -21.78
N SER C 169 9.00 -35.00 -22.36
CA SER C 169 9.47 -34.38 -23.60
C SER C 169 8.51 -34.73 -24.74
N VAL C 170 8.68 -34.07 -25.88
CA VAL C 170 7.84 -34.34 -27.05
C VAL C 170 7.84 -35.83 -27.44
N ASN C 171 9.03 -36.43 -27.48
CA ASN C 171 9.19 -37.85 -27.80
C ASN C 171 8.57 -38.78 -26.76
N GLU C 172 8.75 -38.44 -25.49
CA GLU C 172 8.20 -39.22 -24.38
C GLU C 172 6.67 -39.15 -24.35
N ALA C 173 6.13 -37.99 -24.69
CA ALA C 173 4.68 -37.79 -24.78
C ALA C 173 4.06 -38.64 -25.89
N LYS C 174 4.81 -38.82 -26.98
CA LYS C 174 4.37 -39.69 -28.08
C LYS C 174 4.36 -41.16 -27.66
N ASP C 175 5.42 -41.59 -26.99
CA ASP C 175 5.53 -42.96 -26.45
C ASP C 175 4.42 -43.24 -25.46
N TYR C 176 4.06 -42.22 -24.69
CA TYR C 176 3.05 -42.33 -23.64
C TYR C 176 1.63 -42.39 -24.20
N GLY C 177 1.45 -41.94 -25.44
CA GLY C 177 0.13 -41.97 -26.09
C GLY C 177 -0.59 -40.63 -26.11
N ILE C 178 0.05 -39.58 -25.60
CA ILE C 178 -0.52 -38.23 -25.61
C ILE C 178 -0.43 -37.64 -27.03
N VAL C 179 0.78 -37.60 -27.56
CA VAL C 179 1.06 -37.11 -28.90
C VAL C 179 1.06 -38.29 -29.88
N ASN C 180 0.39 -38.12 -31.02
CA ASN C 180 0.40 -39.15 -32.06
C ASN C 180 1.52 -38.95 -33.08
N GLU C 181 1.64 -37.74 -33.61
CA GLU C 181 2.66 -37.44 -34.62
C GLU C 181 3.36 -36.10 -34.33
N ILE C 182 4.69 -36.11 -34.42
CA ILE C 182 5.50 -34.91 -34.29
C ILE C 182 5.77 -34.33 -35.68
N ILE C 183 5.38 -33.08 -35.88
CA ILE C 183 5.49 -32.42 -37.19
C ILE C 183 6.29 -31.12 -37.11
N GLU C 184 6.96 -30.77 -38.21
CA GLU C 184 7.78 -29.57 -38.26
C GLU C 184 7.27 -28.57 -39.31
N ASN C 185 6.52 -29.07 -40.29
CA ASN C 185 6.02 -28.24 -41.38
C ASN C 185 4.52 -28.42 -41.61
N ARG C 186 3.97 -27.60 -42.50
CA ARG C 186 2.56 -27.64 -42.89
C ARG C 186 2.11 -29.00 -43.42
N ASP C 187 2.93 -29.59 -44.28
CA ASP C 187 2.63 -30.87 -44.92
C ASP C 187 2.49 -32.03 -43.93
N GLY C 188 3.03 -31.85 -42.73
CA GLY C 188 2.92 -32.83 -41.65
C GLY C 188 1.49 -33.10 -41.21
N LEU C 189 0.62 -32.11 -41.38
CA LEU C 189 -0.81 -32.26 -41.11
C LEU C 189 -1.52 -33.04 -42.22
N LYS C 190 -1.02 -32.90 -43.44
CA LYS C 190 -1.62 -33.47 -44.67
C LYS C 190 -3.16 -33.53 -44.69
N ILE D 13 -20.11 -8.67 -39.93
CA ILE D 13 -20.43 -10.07 -40.34
C ILE D 13 -19.90 -11.07 -39.31
N LEU D 14 -19.12 -10.58 -38.34
CA LEU D 14 -18.52 -11.43 -37.30
C LEU D 14 -19.55 -12.03 -36.34
N THR D 15 -20.39 -11.18 -35.75
CA THR D 15 -21.43 -11.62 -34.82
C THR D 15 -22.74 -11.87 -35.56
N GLN D 16 -22.82 -11.41 -36.82
CA GLN D 16 -23.98 -11.62 -37.68
C GLN D 16 -24.34 -13.10 -37.82
N LYS D 17 -23.33 -13.93 -38.10
CA LYS D 17 -23.54 -15.37 -38.21
C LYS D 17 -23.61 -16.04 -36.83
N LEU D 18 -23.04 -15.39 -35.82
CA LEU D 18 -23.14 -15.86 -34.43
C LEU D 18 -24.54 -15.64 -33.88
N ILE D 19 -25.18 -14.53 -34.30
CA ILE D 19 -26.56 -14.22 -33.95
C ILE D 19 -27.53 -15.23 -34.59
N ASP D 20 -27.17 -15.70 -35.79
CA ASP D 20 -27.93 -16.74 -36.50
C ASP D 20 -27.97 -18.07 -35.75
N THR D 21 -26.93 -18.35 -34.96
CA THR D 21 -26.87 -19.59 -34.18
C THR D 21 -27.82 -19.59 -32.99
N ARG D 22 -28.32 -18.40 -32.61
CA ARG D 22 -29.22 -18.20 -31.48
C ARG D 22 -28.70 -18.85 -30.19
N THR D 23 -27.45 -18.53 -29.87
CA THR D 23 -26.74 -19.11 -28.73
C THR D 23 -26.30 -18.01 -27.77
N VAL D 24 -26.46 -18.28 -26.47
CA VAL D 24 -26.00 -17.37 -25.42
C VAL D 24 -25.07 -18.11 -24.47
N LEU D 25 -23.93 -17.51 -24.16
CA LEU D 25 -22.97 -18.11 -23.25
C LEU D 25 -22.99 -17.38 -21.91
N ILE D 26 -23.20 -18.13 -20.84
CA ILE D 26 -23.15 -17.60 -19.48
C ILE D 26 -21.98 -18.28 -18.75
N TYR D 27 -20.79 -17.70 -18.91
CA TYR D 27 -19.57 -18.24 -18.33
C TYR D 27 -19.02 -17.26 -17.30
N GLY D 28 -18.72 -17.76 -16.10
CA GLY D 28 -18.11 -16.95 -15.05
C GLY D 28 -19.10 -16.51 -13.99
N GLU D 29 -18.65 -15.58 -13.15
CA GLU D 29 -19.43 -15.10 -12.00
C GLU D 29 -20.74 -14.43 -12.43
N ILE D 30 -21.82 -14.79 -11.76
CA ILE D 30 -23.11 -14.12 -11.98
C ILE D 30 -23.09 -12.77 -11.24
N ASN D 31 -23.23 -11.69 -12.00
CA ASN D 31 -23.34 -10.35 -11.42
C ASN D 31 -24.25 -9.50 -12.30
N GLN D 32 -24.51 -8.27 -11.88
CA GLN D 32 -25.46 -7.41 -12.60
C GLN D 32 -25.01 -7.04 -14.01
N GLU D 33 -23.70 -6.88 -14.19
CA GLU D 33 -23.13 -6.60 -15.52
C GLU D 33 -23.39 -7.76 -16.48
N LEU D 34 -23.20 -8.99 -16.01
CA LEU D 34 -23.49 -10.16 -16.84
C LEU D 34 -25.00 -10.29 -17.08
N ALA D 35 -25.79 -10.00 -16.06
CA ALA D 35 -27.25 -10.03 -16.19
C ALA D 35 -27.75 -9.06 -17.27
N GLU D 36 -27.12 -7.87 -17.34
CA GLU D 36 -27.47 -6.88 -18.36
C GLU D 36 -27.11 -7.37 -19.76
N ASP D 37 -25.90 -7.93 -19.88
CA ASP D 37 -25.38 -8.46 -21.13
C ASP D 37 -26.29 -9.58 -21.67
N VAL D 38 -26.65 -10.51 -20.79
CA VAL D 38 -27.53 -11.64 -21.13
C VAL D 38 -28.93 -11.13 -21.49
N SER D 39 -29.48 -10.22 -20.69
CA SER D 39 -30.79 -9.62 -20.96
C SER D 39 -30.87 -9.00 -22.35
N LYS D 40 -29.84 -8.23 -22.72
CA LYS D 40 -29.78 -7.62 -24.04
C LYS D 40 -29.75 -8.66 -25.16
N GLN D 41 -28.99 -9.73 -24.97
CA GLN D 41 -28.89 -10.78 -25.97
C GLN D 41 -30.23 -11.51 -26.16
N LEU D 42 -30.87 -11.84 -25.06
CA LEU D 42 -32.18 -12.50 -25.09
C LEU D 42 -33.24 -11.63 -25.75
N LEU D 43 -33.28 -10.35 -25.39
CA LEU D 43 -34.23 -9.42 -25.96
C LEU D 43 -33.97 -9.17 -27.45
N LEU D 44 -32.70 -9.16 -27.84
CA LEU D 44 -32.33 -9.04 -29.25
C LEU D 44 -32.82 -10.25 -30.02
N LEU D 45 -32.55 -11.44 -29.50
CA LEU D 45 -32.94 -12.68 -30.16
C LEU D 45 -34.45 -12.83 -30.24
N GLU D 46 -35.16 -12.40 -29.19
CA GLU D 46 -36.62 -12.41 -29.19
C GLU D 46 -37.22 -11.49 -30.25
N SER D 47 -36.59 -10.33 -30.47
CA SER D 47 -37.08 -9.37 -31.46
C SER D 47 -36.90 -9.84 -32.90
N ILE D 48 -35.93 -10.73 -33.11
CA ILE D 48 -35.63 -11.26 -34.45
C ILE D 48 -36.63 -12.34 -34.86
N SER D 49 -36.80 -13.36 -34.02
CA SER D 49 -37.74 -14.44 -34.31
C SER D 49 -38.20 -15.13 -33.03
N ASN D 50 -39.15 -16.05 -33.18
CA ASN D 50 -39.59 -16.92 -32.10
C ASN D 50 -38.94 -18.31 -32.17
N ASP D 51 -37.85 -18.42 -32.93
CA ASP D 51 -37.07 -19.65 -32.98
C ASP D 51 -36.41 -19.89 -31.61
N PRO D 52 -36.14 -21.17 -31.27
CA PRO D 52 -35.54 -21.52 -29.97
C PRO D 52 -34.17 -20.87 -29.74
N ILE D 53 -33.81 -20.74 -28.46
CA ILE D 53 -32.52 -20.18 -28.05
C ILE D 53 -31.81 -21.22 -27.18
N THR D 54 -30.51 -21.37 -27.39
CA THR D 54 -29.69 -22.30 -26.60
C THR D 54 -28.71 -21.52 -25.70
N ILE D 55 -28.73 -21.82 -24.41
CA ILE D 55 -27.81 -21.19 -23.45
C ILE D 55 -26.83 -22.21 -22.87
N PHE D 56 -25.54 -21.96 -23.05
CA PHE D 56 -24.49 -22.73 -22.41
C PHE D 56 -24.08 -22.03 -21.13
N ILE D 57 -24.14 -22.75 -20.01
CA ILE D 57 -23.84 -22.18 -18.71
C ILE D 57 -22.65 -22.89 -18.05
N ASN D 58 -21.63 -22.09 -17.72
CA ASN D 58 -20.49 -22.54 -16.92
C ASN D 58 -20.30 -21.47 -15.83
N SER D 59 -20.87 -21.72 -14.66
CA SER D 59 -20.87 -20.72 -13.60
C SER D 59 -20.89 -21.29 -12.19
N GLN D 60 -20.00 -20.76 -11.35
CA GLN D 60 -19.91 -21.09 -9.93
C GLN D 60 -20.95 -20.35 -9.11
N GLY D 61 -21.69 -19.45 -9.75
CA GLY D 61 -22.68 -18.63 -9.07
C GLY D 61 -22.21 -17.20 -8.94
N GLY D 62 -22.73 -16.51 -7.93
CA GLY D 62 -22.40 -15.11 -7.69
C GLY D 62 -23.57 -14.38 -7.04
N HIS D 63 -23.98 -13.28 -7.64
CA HIS D 63 -24.99 -12.40 -7.07
C HIS D 63 -26.38 -12.95 -7.24
N VAL D 64 -27.05 -13.23 -6.11
CA VAL D 64 -28.39 -13.84 -6.09
C VAL D 64 -29.41 -13.09 -6.96
N GLU D 65 -29.53 -11.78 -6.76
CA GLU D 65 -30.51 -10.98 -7.47
C GLU D 65 -30.24 -10.88 -8.97
N ALA D 66 -28.97 -10.98 -9.35
CA ALA D 66 -28.59 -11.05 -10.75
C ALA D 66 -29.03 -12.37 -11.38
N GLY D 67 -28.87 -13.47 -10.66
CA GLY D 67 -29.38 -14.78 -11.08
C GLY D 67 -30.89 -14.80 -11.22
N ASP D 68 -31.58 -14.16 -10.28
CA ASP D 68 -33.05 -14.02 -10.31
C ASP D 68 -33.52 -13.31 -11.57
N THR D 69 -32.81 -12.25 -11.97
CA THR D 69 -33.12 -11.51 -13.17
C THR D 69 -32.98 -12.37 -14.43
N ILE D 70 -31.86 -13.08 -14.55
CA ILE D 70 -31.61 -13.95 -15.70
C ILE D 70 -32.65 -15.08 -15.75
N HIS D 71 -32.92 -15.71 -14.60
CA HIS D 71 -33.98 -16.72 -14.47
C HIS D 71 -35.30 -16.22 -14.98
N ASP D 72 -35.74 -15.07 -14.48
CA ASP D 72 -37.02 -14.49 -14.84
C ASP D 72 -37.09 -14.06 -16.31
N MET D 73 -35.98 -13.53 -16.83
CA MET D 73 -35.91 -13.11 -18.24
C MET D 73 -36.07 -14.28 -19.20
N ILE D 74 -35.46 -15.42 -18.84
CA ILE D 74 -35.60 -16.65 -19.62
C ILE D 74 -37.07 -17.05 -19.77
N LYS D 75 -37.82 -16.98 -18.66
CA LYS D 75 -39.24 -17.33 -18.69
C LYS D 75 -40.11 -16.24 -19.34
N PHE D 76 -39.67 -14.99 -19.22
CA PHE D 76 -40.40 -13.83 -19.73
C PHE D 76 -40.45 -13.77 -21.26
N ILE D 77 -39.34 -14.08 -21.91
CA ILE D 77 -39.26 -13.98 -23.36
C ILE D 77 -40.08 -15.07 -24.04
N LYS D 78 -40.56 -14.78 -25.24
CA LYS D 78 -41.43 -15.69 -25.97
C LYS D 78 -40.75 -16.98 -26.45
N PRO D 79 -39.53 -16.89 -27.02
CA PRO D 79 -38.89 -18.11 -27.53
C PRO D 79 -38.63 -19.16 -26.45
N THR D 80 -38.59 -20.42 -26.87
CA THR D 80 -38.20 -21.50 -25.99
C THR D 80 -36.69 -21.47 -25.75
N VAL D 81 -36.30 -21.71 -24.50
CA VAL D 81 -34.89 -21.70 -24.14
C VAL D 81 -34.43 -23.08 -23.69
N LYS D 82 -33.37 -23.58 -24.34
CA LYS D 82 -32.70 -24.79 -23.90
C LYS D 82 -31.42 -24.42 -23.16
N VAL D 83 -31.16 -25.10 -22.05
CA VAL D 83 -29.91 -24.88 -21.31
C VAL D 83 -29.00 -26.10 -21.40
N VAL D 84 -27.70 -25.84 -21.59
CA VAL D 84 -26.69 -26.88 -21.58
C VAL D 84 -25.67 -26.56 -20.49
N GLY D 85 -25.64 -27.38 -19.45
CA GLY D 85 -24.68 -27.24 -18.37
C GLY D 85 -23.32 -27.75 -18.81
N THR D 86 -22.26 -27.02 -18.43
CA THR D 86 -20.91 -27.38 -18.83
C THR D 86 -19.86 -26.92 -17.81
N GLY D 87 -18.93 -27.80 -17.45
CA GLY D 87 -17.88 -27.51 -16.47
C GLY D 87 -18.42 -27.59 -15.05
N TRP D 88 -19.07 -26.51 -14.61
CA TRP D 88 -19.88 -26.54 -13.39
C TRP D 88 -21.05 -25.61 -13.44
N VAL D 89 -22.08 -25.93 -12.67
CA VAL D 89 -23.25 -25.09 -12.51
C VAL D 89 -23.61 -25.12 -11.03
N ALA D 90 -23.43 -23.99 -10.35
CA ALA D 90 -23.58 -23.93 -8.91
C ALA D 90 -24.29 -22.67 -8.43
N SER D 91 -25.06 -22.80 -7.36
CA SER D 91 -25.66 -21.66 -6.65
C SER D 91 -26.55 -20.84 -7.59
N ALA D 92 -26.26 -19.54 -7.75
CA ALA D 92 -27.03 -18.69 -8.66
C ALA D 92 -27.04 -19.22 -10.10
N GLY D 93 -25.99 -19.94 -10.47
CA GLY D 93 -25.92 -20.63 -11.76
C GLY D 93 -27.03 -21.66 -11.92
N ILE D 94 -27.33 -22.38 -10.84
CA ILE D 94 -28.39 -23.38 -10.81
C ILE D 94 -29.78 -22.74 -10.97
N THR D 95 -30.01 -21.63 -10.28
CA THR D 95 -31.26 -20.87 -10.41
C THR D 95 -31.52 -20.51 -11.88
N ILE D 96 -30.48 -20.04 -12.57
CA ILE D 96 -30.56 -19.75 -14.01
C ILE D 96 -30.86 -21.00 -14.83
N TYR D 97 -30.11 -22.07 -14.56
CA TYR D 97 -30.26 -23.34 -15.26
C TYR D 97 -31.70 -23.86 -15.15
N LEU D 98 -32.30 -23.70 -13.98
CA LEU D 98 -33.61 -24.24 -13.69
C LEU D 98 -34.77 -23.39 -14.21
N ALA D 99 -34.46 -22.28 -14.87
CA ALA D 99 -35.49 -21.47 -15.52
C ALA D 99 -36.09 -22.20 -16.73
N ALA D 100 -35.31 -23.07 -17.35
CA ALA D 100 -35.77 -23.82 -18.51
C ALA D 100 -36.64 -25.02 -18.11
N GLU D 101 -37.61 -25.36 -18.95
CA GLU D 101 -38.48 -26.51 -18.72
C GLU D 101 -37.64 -27.78 -18.64
N LYS D 102 -38.11 -28.75 -17.85
CA LYS D 102 -37.36 -29.99 -17.62
C LYS D 102 -36.88 -30.65 -18.91
N GLU D 103 -37.77 -30.72 -19.90
CA GLU D 103 -37.48 -31.29 -21.22
C GLU D 103 -36.30 -30.60 -21.93
N ASN D 104 -36.04 -29.36 -21.55
CA ASN D 104 -35.02 -28.53 -22.22
C ASN D 104 -33.74 -28.34 -21.41
N ARG D 105 -33.52 -29.20 -20.42
CA ARG D 105 -32.33 -29.10 -19.57
C ARG D 105 -31.31 -30.19 -19.88
N PHE D 106 -30.22 -29.78 -20.52
CA PHE D 106 -29.19 -30.71 -20.99
C PHE D 106 -27.89 -30.49 -20.23
N SER D 107 -27.01 -31.48 -20.30
CA SER D 107 -25.68 -31.37 -19.71
C SER D 107 -24.62 -32.02 -20.59
N LEU D 108 -23.48 -31.36 -20.73
CA LEU D 108 -22.29 -31.98 -21.31
C LEU D 108 -21.70 -32.93 -20.26
N PRO D 109 -20.95 -33.96 -20.70
CA PRO D 109 -20.55 -35.04 -19.77
C PRO D 109 -19.64 -34.60 -18.61
N ASN D 110 -18.76 -33.64 -18.85
CA ASN D 110 -17.82 -33.19 -17.82
C ASN D 110 -18.30 -31.95 -17.09
N THR D 111 -19.29 -32.14 -16.23
CA THR D 111 -19.97 -31.07 -15.51
C THR D 111 -20.37 -31.56 -14.13
N ARG D 112 -20.12 -30.74 -13.12
CA ARG D 112 -20.67 -31.00 -11.80
C ARG D 112 -21.68 -29.92 -11.40
N TYR D 113 -22.58 -30.28 -10.49
CA TYR D 113 -23.69 -29.40 -10.09
C TYR D 113 -23.69 -29.21 -8.58
N MET D 114 -24.02 -28.01 -8.14
CA MET D 114 -24.12 -27.75 -6.70
C MET D 114 -25.29 -26.87 -6.33
N ILE D 115 -26.01 -27.29 -5.29
CA ILE D 115 -27.00 -26.45 -4.65
C ILE D 115 -26.59 -26.24 -3.19
N HIS D 116 -26.92 -25.08 -2.64
CA HIS D 116 -26.67 -24.76 -1.24
C HIS D 116 -27.51 -23.59 -0.84
N GLN D 117 -27.48 -23.24 0.44
CA GLN D 117 -28.17 -22.05 0.91
C GLN D 117 -27.19 -20.88 0.88
N PRO D 118 -27.40 -19.93 -0.04
CA PRO D 118 -26.46 -18.82 -0.27
C PRO D 118 -26.33 -17.86 0.91
N ALA D 119 -25.20 -17.17 0.97
CA ALA D 119 -24.98 -16.10 1.93
C ALA D 119 -25.62 -14.81 1.40
N GLY D 120 -25.55 -13.73 2.18
CA GLY D 120 -26.14 -12.45 1.77
C GLY D 120 -25.33 -11.24 2.20
N GLU D 128 -30.13 -3.78 12.17
CA GLU D 128 -30.09 -4.27 10.79
C GLU D 128 -29.61 -5.72 10.64
N ILE D 129 -29.03 -6.27 11.71
CA ILE D 129 -28.68 -7.69 11.71
C ILE D 129 -29.93 -8.57 11.75
N GLU D 130 -30.91 -8.16 12.55
CA GLU D 130 -32.24 -8.79 12.56
C GLU D 130 -32.89 -8.71 11.18
N ILE D 131 -32.80 -7.53 10.57
CA ILE D 131 -33.36 -7.28 9.24
C ILE D 131 -32.64 -8.13 8.18
N GLU D 132 -31.31 -8.17 8.25
CA GLU D 132 -30.50 -8.99 7.34
C GLU D 132 -30.83 -10.48 7.49
N ALA D 133 -30.97 -10.93 8.74
CA ALA D 133 -31.30 -12.32 9.04
C ALA D 133 -32.67 -12.71 8.48
N LYS D 134 -33.65 -11.83 8.65
CA LYS D 134 -35.00 -12.04 8.13
C LYS D 134 -34.99 -12.15 6.61
N GLU D 135 -34.22 -11.28 5.95
CA GLU D 135 -34.10 -11.29 4.49
C GLU D 135 -33.42 -12.55 3.97
N ILE D 136 -32.37 -13.00 4.66
CA ILE D 136 -31.64 -14.20 4.24
C ILE D 136 -32.50 -15.46 4.38
N ILE D 137 -33.27 -15.53 5.47
CA ILE D 137 -34.24 -16.62 5.68
C ILE D 137 -35.25 -16.70 4.53
N ARG D 138 -35.87 -15.57 4.21
CA ARG D 138 -36.88 -15.50 3.14
C ARG D 138 -36.28 -15.85 1.79
N MET D 139 -35.08 -15.35 1.54
CA MET D 139 -34.37 -15.62 0.28
C MET D 139 -34.08 -17.11 0.12
N ARG D 140 -33.62 -17.75 1.20
CA ARG D 140 -33.33 -19.19 1.18
C ARG D 140 -34.57 -20.04 0.92
N GLU D 141 -35.68 -19.64 1.54
CA GLU D 141 -36.98 -20.29 1.30
C GLU D 141 -37.40 -20.17 -0.15
N ARG D 142 -37.33 -18.95 -0.68
CA ARG D 142 -37.70 -18.66 -2.07
C ARG D 142 -36.88 -19.48 -3.07
N ILE D 143 -35.57 -19.56 -2.83
CA ILE D 143 -34.66 -20.31 -3.69
C ILE D 143 -34.95 -21.82 -3.61
N ASN D 144 -35.12 -22.32 -2.39
CA ASN D 144 -35.41 -23.74 -2.16
C ASN D 144 -36.74 -24.19 -2.78
N ARG D 145 -37.76 -23.33 -2.70
CA ARG D 145 -39.05 -23.60 -3.34
C ARG D 145 -38.92 -23.60 -4.87
N LEU D 146 -38.12 -22.67 -5.39
CA LEU D 146 -37.83 -22.60 -6.82
C LEU D 146 -37.18 -23.91 -7.28
N ILE D 147 -36.20 -24.38 -6.52
CA ILE D 147 -35.48 -25.61 -6.83
C ILE D 147 -36.40 -26.85 -6.71
N ALA D 148 -37.24 -26.88 -5.68
CA ALA D 148 -38.20 -27.97 -5.51
C ALA D 148 -39.13 -28.09 -6.72
N GLU D 149 -39.73 -26.98 -7.13
CA GLU D 149 -40.69 -26.92 -8.24
C GLU D 149 -40.11 -27.38 -9.58
N ALA D 150 -38.86 -27.02 -9.85
CA ALA D 150 -38.20 -27.36 -11.11
C ALA D 150 -37.68 -28.80 -11.17
N THR D 151 -37.34 -29.37 -10.02
CA THR D 151 -36.71 -30.70 -9.95
C THR D 151 -37.70 -31.84 -9.73
N GLY D 152 -38.81 -31.55 -9.06
CA GLY D 152 -39.76 -32.57 -8.65
C GLY D 152 -39.48 -33.08 -7.26
N GLN D 153 -38.43 -32.54 -6.63
CA GLN D 153 -38.11 -32.86 -5.25
C GLN D 153 -39.03 -32.07 -4.34
N SER D 154 -39.29 -32.57 -3.14
CA SER D 154 -40.12 -31.86 -2.17
C SER D 154 -39.35 -30.69 -1.58
N TYR D 155 -40.06 -29.68 -1.09
CA TYR D 155 -39.45 -28.56 -0.42
C TYR D 155 -38.59 -29.01 0.75
N GLU D 156 -39.12 -29.93 1.56
CA GLU D 156 -38.43 -30.47 2.73
C GLU D 156 -37.12 -31.17 2.37
N GLN D 157 -37.12 -31.88 1.25
CA GLN D 157 -35.92 -32.57 0.75
C GLN D 157 -34.84 -31.57 0.32
N ILE D 158 -35.24 -30.54 -0.43
CA ILE D 158 -34.31 -29.49 -0.86
C ILE D 158 -33.72 -28.76 0.34
N SER D 159 -34.58 -28.38 1.29
CA SER D 159 -34.16 -27.69 2.50
C SER D 159 -33.15 -28.50 3.32
N LYS D 160 -33.33 -29.82 3.33
CA LYS D 160 -32.43 -30.74 4.03
C LYS D 160 -31.08 -30.86 3.31
N ASP D 161 -31.13 -31.06 1.99
CA ASP D 161 -29.93 -31.27 1.18
C ASP D 161 -29.05 -30.03 1.02
N THR D 162 -29.65 -28.84 1.10
CA THR D 162 -28.92 -27.58 0.92
C THR D 162 -28.33 -27.01 2.21
N ASP D 163 -28.39 -27.78 3.30
CA ASP D 163 -27.86 -27.35 4.60
C ASP D 163 -26.36 -26.98 4.50
N ARG D 164 -25.62 -27.78 3.74
CA ARG D 164 -24.24 -27.45 3.38
C ARG D 164 -24.05 -27.60 1.87
N ASP D 165 -22.85 -27.33 1.38
CA ASP D 165 -22.55 -27.43 -0.05
C ASP D 165 -22.81 -28.84 -0.57
N PHE D 166 -23.78 -28.95 -1.47
CA PHE D 166 -24.28 -30.24 -1.93
C PHE D 166 -23.90 -30.47 -3.40
N TRP D 167 -22.76 -31.12 -3.61
CA TRP D 167 -22.22 -31.38 -4.94
C TRP D 167 -22.73 -32.65 -5.55
N LEU D 168 -23.09 -32.57 -6.81
CA LEU D 168 -23.61 -33.72 -7.56
C LEU D 168 -22.85 -33.90 -8.86
N SER D 169 -22.46 -35.14 -9.15
CA SER D 169 -21.91 -35.48 -10.46
C SER D 169 -22.99 -35.30 -11.51
N VAL D 170 -22.62 -35.34 -12.78
CA VAL D 170 -23.59 -35.18 -13.87
C VAL D 170 -24.72 -36.22 -13.78
N ASN D 171 -24.37 -37.46 -13.42
CA ASN D 171 -25.36 -38.54 -13.30
C ASN D 171 -26.26 -38.41 -12.07
N GLU D 172 -25.67 -38.01 -10.95
CA GLU D 172 -26.42 -37.73 -9.73
C GLU D 172 -27.39 -36.57 -9.92
N ALA D 173 -26.97 -35.57 -10.71
CA ALA D 173 -27.81 -34.41 -11.01
C ALA D 173 -29.00 -34.77 -11.89
N LYS D 174 -28.82 -35.79 -12.74
CA LYS D 174 -29.89 -36.33 -13.56
C LYS D 174 -30.91 -37.08 -12.70
N ASP D 175 -30.40 -37.92 -11.80
CA ASP D 175 -31.25 -38.65 -10.86
C ASP D 175 -32.03 -37.71 -9.93
N TYR D 176 -31.43 -36.56 -9.63
CA TYR D 176 -32.00 -35.59 -8.70
C TYR D 176 -33.12 -34.76 -9.32
N GLY D 177 -33.15 -34.69 -10.65
CA GLY D 177 -34.16 -33.94 -11.37
C GLY D 177 -33.70 -32.58 -11.87
N ILE D 178 -32.40 -32.31 -11.75
CA ILE D 178 -31.81 -31.06 -12.24
C ILE D 178 -31.52 -31.18 -13.74
N VAL D 179 -30.73 -32.19 -14.10
CA VAL D 179 -30.43 -32.48 -15.50
C VAL D 179 -31.48 -33.46 -16.05
N ASN D 180 -31.97 -33.19 -17.25
CA ASN D 180 -32.88 -34.12 -17.92
C ASN D 180 -32.13 -35.12 -18.78
N GLU D 181 -31.24 -34.61 -19.63
CA GLU D 181 -30.52 -35.45 -20.59
C GLU D 181 -29.04 -35.10 -20.66
N ILE D 182 -28.20 -36.12 -20.62
CA ILE D 182 -26.76 -35.95 -20.81
C ILE D 182 -26.44 -36.17 -22.28
N ILE D 183 -25.82 -35.17 -22.91
CA ILE D 183 -25.46 -35.24 -24.32
C ILE D 183 -23.97 -35.02 -24.54
N GLU D 184 -23.44 -35.60 -25.62
CA GLU D 184 -22.04 -35.45 -25.97
C GLU D 184 -21.86 -34.76 -27.33
N ASN D 185 -22.87 -34.91 -28.20
CA ASN D 185 -22.78 -34.38 -29.56
C ASN D 185 -23.95 -33.46 -29.91
N ARG D 186 -23.82 -32.77 -31.03
CA ARG D 186 -24.85 -31.87 -31.56
C ARG D 186 -26.22 -32.52 -31.69
N ASP D 187 -26.27 -33.70 -32.27
CA ASP D 187 -27.52 -34.42 -32.53
C ASP D 187 -28.33 -34.72 -31.26
N GLY D 188 -27.64 -34.73 -30.12
CA GLY D 188 -28.27 -34.94 -28.82
C GLY D 188 -29.28 -33.86 -28.43
N LEU D 189 -29.10 -32.66 -28.97
CA LEU D 189 -30.06 -31.57 -28.81
C LEU D 189 -31.30 -31.81 -29.67
N LYS D 190 -31.08 -32.38 -30.86
CA LYS D 190 -32.12 -32.65 -31.87
C LYS D 190 -33.24 -31.61 -31.95
N ILE E 13 -26.67 -2.47 -37.35
CA ILE E 13 -27.83 -3.41 -37.27
C ILE E 13 -27.89 -4.21 -35.97
N LEU E 14 -26.87 -4.07 -35.12
CA LEU E 14 -26.84 -4.75 -33.83
C LEU E 14 -27.75 -4.08 -32.79
N THR E 15 -27.56 -2.77 -32.60
CA THR E 15 -28.37 -2.00 -31.66
C THR E 15 -29.56 -1.36 -32.37
N GLN E 16 -29.52 -1.35 -33.70
CA GLN E 16 -30.62 -0.85 -34.53
C GLN E 16 -31.94 -1.56 -34.21
N LYS E 17 -31.89 -2.89 -34.16
CA LYS E 17 -33.07 -3.68 -33.81
C LYS E 17 -33.34 -3.67 -32.31
N LEU E 18 -32.30 -3.41 -31.51
CA LEU E 18 -32.45 -3.27 -30.06
C LEU E 18 -33.16 -1.95 -29.73
N ILE E 19 -32.90 -0.92 -30.53
CA ILE E 19 -33.58 0.36 -30.44
C ILE E 19 -35.06 0.21 -30.82
N ASP E 20 -35.33 -0.69 -31.75
CA ASP E 20 -36.69 -1.02 -32.18
C ASP E 20 -37.54 -1.61 -31.06
N THR E 21 -36.89 -2.30 -30.12
CA THR E 21 -37.58 -2.89 -28.96
C THR E 21 -38.03 -1.84 -27.95
N ARG E 22 -37.45 -0.65 -28.04
CA ARG E 22 -37.76 0.48 -27.15
C ARG E 22 -37.67 0.08 -25.68
N THR E 23 -36.55 -0.57 -25.34
CA THR E 23 -36.30 -1.08 -24.01
C THR E 23 -35.02 -0.44 -23.44
N VAL E 24 -35.09 -0.07 -22.17
CA VAL E 24 -33.95 0.48 -21.43
C VAL E 24 -33.68 -0.40 -20.21
N LEU E 25 -32.42 -0.80 -20.04
CA LEU E 25 -32.04 -1.57 -18.85
C LEU E 25 -31.32 -0.68 -17.86
N ILE E 26 -31.82 -0.64 -16.62
CA ILE E 26 -31.15 0.05 -15.53
C ILE E 26 -30.74 -1.01 -14.51
N TYR E 27 -29.52 -1.53 -14.66
CA TYR E 27 -29.02 -2.59 -13.79
C TYR E 27 -27.80 -2.07 -13.04
N GLY E 28 -27.78 -2.25 -11.73
CA GLY E 28 -26.61 -1.90 -10.92
C GLY E 28 -26.75 -0.57 -10.21
N GLU E 29 -25.64 -0.11 -9.64
CA GLU E 29 -25.61 1.12 -8.84
C GLU E 29 -26.09 2.33 -9.62
N ILE E 30 -26.99 3.10 -9.01
CA ILE E 30 -27.44 4.37 -9.54
C ILE E 30 -26.35 5.42 -9.27
N ASN E 31 -25.80 5.98 -10.34
CA ASN E 31 -24.84 7.08 -10.24
C ASN E 31 -25.02 8.03 -11.41
N GLN E 32 -24.25 9.11 -11.43
CA GLN E 32 -24.39 10.15 -12.45
C GLN E 32 -24.02 9.66 -13.85
N GLU E 33 -23.08 8.71 -13.91
CA GLU E 33 -22.72 8.09 -15.18
C GLU E 33 -23.89 7.30 -15.77
N LEU E 34 -24.55 6.51 -14.92
CA LEU E 34 -25.73 5.76 -15.36
C LEU E 34 -26.87 6.69 -15.75
N ALA E 35 -27.07 7.75 -14.95
CA ALA E 35 -28.10 8.75 -15.24
C ALA E 35 -27.90 9.40 -16.61
N GLU E 36 -26.65 9.68 -16.95
CA GLU E 36 -26.30 10.24 -18.26
C GLU E 36 -26.66 9.26 -19.38
N ASP E 37 -26.25 8.00 -19.21
CA ASP E 37 -26.53 6.92 -20.16
C ASP E 37 -28.04 6.78 -20.38
N VAL E 38 -28.78 6.69 -19.28
CA VAL E 38 -30.24 6.54 -19.33
C VAL E 38 -30.93 7.74 -19.98
N SER E 39 -30.49 8.94 -19.63
CA SER E 39 -31.03 10.16 -20.21
C SER E 39 -30.86 10.18 -21.73
N LYS E 40 -29.67 9.81 -22.18
CA LYS E 40 -29.38 9.74 -23.62
C LYS E 40 -30.26 8.73 -24.35
N GLN E 41 -30.48 7.57 -23.73
CA GLN E 41 -31.36 6.55 -24.31
C GLN E 41 -32.81 7.00 -24.39
N LEU E 42 -33.30 7.61 -23.32
CA LEU E 42 -34.67 8.12 -23.28
C LEU E 42 -34.89 9.22 -24.30
N LEU E 43 -33.92 10.13 -24.39
CA LEU E 43 -33.99 11.22 -25.35
C LEU E 43 -33.91 10.72 -26.80
N LEU E 44 -33.12 9.67 -27.02
CA LEU E 44 -33.03 9.05 -28.34
C LEU E 44 -34.37 8.41 -28.73
N LEU E 45 -34.95 7.63 -27.81
CA LEU E 45 -36.22 6.95 -28.08
C LEU E 45 -37.37 7.93 -28.29
N GLU E 46 -37.36 9.02 -27.53
CA GLU E 46 -38.35 10.09 -27.66
C GLU E 46 -38.30 10.77 -29.03
N SER E 47 -37.08 10.97 -29.55
CA SER E 47 -36.89 11.65 -30.83
C SER E 47 -37.35 10.80 -32.01
N ILE E 48 -37.37 9.47 -31.82
CA ILE E 48 -37.78 8.54 -32.85
C ILE E 48 -39.31 8.50 -32.96
N SER E 49 -39.99 8.23 -31.84
CA SER E 49 -41.45 8.15 -31.82
C SER E 49 -42.03 8.40 -30.43
N ASN E 50 -43.35 8.54 -30.37
CA ASN E 50 -44.08 8.66 -29.11
C ASN E 50 -44.58 7.32 -28.59
N ASP E 51 -44.15 6.23 -29.23
CA ASP E 51 -44.47 4.87 -28.78
C ASP E 51 -43.94 4.63 -27.36
N PRO E 52 -44.65 3.80 -26.58
CA PRO E 52 -44.25 3.50 -25.19
C PRO E 52 -42.81 2.97 -25.05
N ILE E 53 -42.24 3.17 -23.87
CA ILE E 53 -40.89 2.69 -23.57
C ILE E 53 -40.98 1.75 -22.36
N THR E 54 -40.24 0.65 -22.42
CA THR E 54 -40.17 -0.29 -21.30
C THR E 54 -38.79 -0.21 -20.63
N ILE E 55 -38.80 -0.05 -19.31
CA ILE E 55 -37.57 -0.06 -18.52
C ILE E 55 -37.55 -1.25 -17.57
N PHE E 56 -36.52 -2.09 -17.68
CA PHE E 56 -36.26 -3.14 -16.69
C PHE E 56 -35.27 -2.62 -15.67
N ILE E 57 -35.63 -2.69 -14.39
CA ILE E 57 -34.81 -2.16 -13.30
C ILE E 57 -34.35 -3.26 -12.33
N ASN E 58 -33.04 -3.40 -12.18
CA ASN E 58 -32.43 -4.22 -11.15
C ASN E 58 -31.39 -3.36 -10.44
N SER E 59 -31.80 -2.70 -9.35
CA SER E 59 -30.88 -1.79 -8.67
C SER E 59 -31.03 -1.76 -7.15
N GLN E 60 -29.88 -1.82 -6.48
CA GLN E 60 -29.76 -1.67 -5.03
C GLN E 60 -29.84 -0.19 -4.62
N GLY E 61 -29.86 0.70 -5.60
CA GLY E 61 -29.90 2.13 -5.35
C GLY E 61 -28.51 2.74 -5.52
N GLY E 62 -28.28 3.85 -4.85
CA GLY E 62 -27.01 4.58 -4.99
C GLY E 62 -27.20 6.08 -4.79
N HIS E 63 -26.75 6.86 -5.77
CA HIS E 63 -26.73 8.32 -5.67
C HIS E 63 -28.10 8.94 -5.77
N VAL E 64 -28.53 9.57 -4.69
CA VAL E 64 -29.89 10.16 -4.60
C VAL E 64 -30.21 11.10 -5.78
N GLU E 65 -29.33 12.07 -6.02
CA GLU E 65 -29.56 13.08 -7.05
C GLU E 65 -29.52 12.52 -8.47
N ALA E 66 -28.78 11.42 -8.65
CA ALA E 66 -28.77 10.70 -9.92
C ALA E 66 -30.12 9.99 -10.14
N GLY E 67 -30.67 9.43 -9.06
CA GLY E 67 -32.00 8.82 -9.09
C GLY E 67 -33.10 9.84 -9.34
N ASP E 68 -32.94 11.02 -8.76
CA ASP E 68 -33.87 12.15 -8.98
C ASP E 68 -33.95 12.52 -10.46
N THR E 69 -32.78 12.59 -11.11
CA THR E 69 -32.68 12.94 -12.52
C THR E 69 -33.40 11.95 -13.43
N ILE E 70 -33.16 10.66 -13.22
CA ILE E 70 -33.78 9.61 -14.02
C ILE E 70 -35.30 9.62 -13.81
N HIS E 71 -35.73 9.73 -12.55
CA HIS E 71 -37.15 9.89 -12.21
C HIS E 71 -37.79 11.02 -12.98
N ASP E 72 -37.21 12.21 -12.90
CA ASP E 72 -37.74 13.39 -13.56
C ASP E 72 -37.67 13.29 -15.09
N MET E 73 -36.64 12.63 -15.61
CA MET E 73 -36.51 12.46 -17.05
C MET E 73 -37.57 11.53 -17.62
N ILE E 74 -37.94 10.51 -16.84
CA ILE E 74 -39.02 9.59 -17.20
C ILE E 74 -40.35 10.33 -17.34
N LYS E 75 -40.61 11.27 -16.43
CA LYS E 75 -41.82 12.09 -16.50
C LYS E 75 -41.71 13.20 -17.56
N PHE E 76 -40.49 13.66 -17.81
CA PHE E 76 -40.24 14.75 -18.75
C PHE E 76 -40.56 14.41 -20.21
N ILE E 77 -40.11 13.24 -20.66
CA ILE E 77 -40.29 12.82 -22.04
C ILE E 77 -41.76 12.53 -22.38
N LYS E 78 -42.13 12.71 -23.64
CA LYS E 78 -43.50 12.51 -24.09
C LYS E 78 -43.99 11.04 -24.05
N PRO E 79 -43.14 10.07 -24.47
CA PRO E 79 -43.60 8.68 -24.44
C PRO E 79 -43.98 8.18 -23.05
N THR E 80 -44.97 7.31 -22.98
CA THR E 80 -45.38 6.65 -21.74
C THR E 80 -44.36 5.59 -21.36
N VAL E 81 -43.98 5.57 -20.09
CA VAL E 81 -42.94 4.65 -19.62
C VAL E 81 -43.53 3.55 -18.75
N LYS E 82 -43.23 2.30 -19.09
CA LYS E 82 -43.56 1.16 -18.27
C LYS E 82 -42.30 0.69 -17.55
N VAL E 83 -42.44 0.31 -16.29
CA VAL E 83 -41.31 -0.24 -15.52
C VAL E 83 -41.54 -1.70 -15.15
N VAL E 84 -40.47 -2.49 -15.24
CA VAL E 84 -40.52 -3.87 -14.79
C VAL E 84 -39.38 -4.10 -13.80
N GLY E 85 -39.75 -4.30 -12.53
CA GLY E 85 -38.78 -4.60 -11.49
C GLY E 85 -38.31 -6.04 -11.60
N THR E 86 -37.01 -6.24 -11.43
CA THR E 86 -36.42 -7.57 -11.53
C THR E 86 -35.20 -7.73 -10.60
N GLY E 87 -35.17 -8.82 -9.84
CA GLY E 87 -34.09 -9.09 -8.89
C GLY E 87 -34.27 -8.33 -7.59
N TRP E 88 -33.95 -7.04 -7.61
CA TRP E 88 -34.29 -6.13 -6.50
C TRP E 88 -34.41 -4.71 -6.97
N VAL E 89 -35.21 -3.94 -6.26
CA VAL E 89 -35.37 -2.51 -6.51
C VAL E 89 -35.36 -1.84 -5.14
N ALA E 90 -34.38 -0.98 -4.91
CA ALA E 90 -34.15 -0.43 -3.57
C ALA E 90 -33.65 1.01 -3.60
N SER E 91 -34.07 1.78 -2.60
CA SER E 91 -33.55 3.12 -2.36
C SER E 91 -33.75 4.03 -3.57
N ALA E 92 -32.66 4.53 -4.16
CA ALA E 92 -32.75 5.39 -5.34
C ALA E 92 -33.40 4.66 -6.52
N GLY E 93 -33.22 3.35 -6.59
CA GLY E 93 -33.88 2.53 -7.62
C GLY E 93 -35.40 2.56 -7.52
N ILE E 94 -35.91 2.64 -6.30
CA ILE E 94 -37.35 2.74 -6.04
C ILE E 94 -37.90 4.09 -6.51
N THR E 95 -37.12 5.16 -6.31
CA THR E 95 -37.49 6.49 -6.80
C THR E 95 -37.66 6.49 -8.32
N ILE E 96 -36.71 5.86 -9.02
CA ILE E 96 -36.82 5.68 -10.47
C ILE E 96 -38.07 4.88 -10.82
N TYR E 97 -38.25 3.74 -10.13
CA TYR E 97 -39.37 2.84 -10.37
C TYR E 97 -40.73 3.56 -10.23
N LEU E 98 -40.83 4.41 -9.21
CA LEU E 98 -42.08 5.11 -8.91
C LEU E 98 -42.36 6.30 -9.84
N ALA E 99 -41.46 6.56 -10.78
CA ALA E 99 -41.70 7.61 -11.79
C ALA E 99 -42.83 7.24 -12.74
N ALA E 100 -43.01 5.94 -12.97
CA ALA E 100 -44.06 5.45 -13.85
C ALA E 100 -45.41 5.51 -13.16
N GLU E 101 -46.47 5.76 -13.94
CA GLU E 101 -47.84 5.74 -13.43
C GLU E 101 -48.14 4.34 -12.90
N LYS E 102 -48.98 4.28 -11.87
CA LYS E 102 -49.24 3.02 -11.16
C LYS E 102 -49.65 1.88 -12.10
N GLU E 103 -50.58 2.17 -13.02
CA GLU E 103 -51.02 1.19 -14.02
C GLU E 103 -49.85 0.55 -14.76
N ASN E 104 -48.76 1.31 -14.91
CA ASN E 104 -47.61 0.89 -15.71
C ASN E 104 -46.43 0.33 -14.89
N ARG E 105 -46.69 -0.02 -13.63
CA ARG E 105 -45.65 -0.56 -12.76
C ARG E 105 -45.80 -2.07 -12.61
N PHE E 106 -44.85 -2.79 -13.20
CA PHE E 106 -44.86 -4.25 -13.23
C PHE E 106 -43.69 -4.83 -12.45
N SER E 107 -43.78 -6.13 -12.14
CA SER E 107 -42.67 -6.84 -11.51
C SER E 107 -42.59 -8.28 -12.00
N LEU E 108 -41.36 -8.74 -12.22
CA LEU E 108 -41.09 -10.16 -12.44
C LEU E 108 -41.20 -10.87 -11.08
N PRO E 109 -41.50 -12.18 -11.08
CA PRO E 109 -41.83 -12.87 -9.82
C PRO E 109 -40.71 -12.90 -8.77
N ASN E 110 -39.46 -13.04 -9.20
CA ASN E 110 -38.34 -13.11 -8.26
C ASN E 110 -37.66 -11.76 -8.06
N THR E 111 -38.37 -10.89 -7.32
CA THR E 111 -37.93 -9.53 -7.06
C THR E 111 -38.31 -9.17 -5.62
N ARG E 112 -37.42 -8.44 -4.95
CA ARG E 112 -37.75 -7.83 -3.67
C ARG E 112 -37.55 -6.32 -3.73
N TYR E 113 -38.25 -5.61 -2.86
CA TYR E 113 -38.30 -4.15 -2.88
C TYR E 113 -37.90 -3.58 -1.54
N MET E 114 -37.22 -2.44 -1.56
CA MET E 114 -36.82 -1.79 -0.32
C MET E 114 -36.95 -0.28 -0.38
N ILE E 115 -37.54 0.27 0.67
CA ILE E 115 -37.56 1.71 0.88
C ILE E 115 -36.90 2.02 2.23
N HIS E 116 -36.20 3.14 2.29
CA HIS E 116 -35.59 3.60 3.53
C HIS E 116 -35.32 5.07 3.46
N GLN E 117 -34.83 5.64 4.55
CA GLN E 117 -34.41 7.04 4.55
C GLN E 117 -32.90 7.08 4.26
N PRO E 118 -32.53 7.51 3.04
CA PRO E 118 -31.14 7.44 2.56
C PRO E 118 -30.15 8.28 3.36
N ALA E 119 -28.90 7.83 3.36
CA ALA E 119 -27.79 8.60 3.93
C ALA E 119 -27.43 9.76 2.99
N GLY E 120 -26.63 10.70 3.49
CA GLY E 120 -26.24 11.87 2.70
C GLY E 120 -24.78 12.29 2.87
N GLU E 128 -20.87 23.05 9.60
CA GLU E 128 -21.28 22.28 8.44
C GLU E 128 -22.32 21.23 8.81
N ILE E 129 -22.24 20.70 10.03
CA ILE E 129 -23.12 19.62 10.48
C ILE E 129 -24.58 20.05 10.65
N GLU E 130 -24.80 21.30 11.06
CA GLU E 130 -26.15 21.88 11.09
C GLU E 130 -26.71 22.03 9.66
N ILE E 131 -25.85 22.48 8.74
CA ILE E 131 -26.20 22.60 7.33
C ILE E 131 -26.48 21.24 6.69
N GLU E 132 -25.62 20.26 7.00
CA GLU E 132 -25.76 18.90 6.48
C GLU E 132 -27.01 18.22 7.02
N ALA E 133 -27.28 18.40 8.32
CA ALA E 133 -28.45 17.82 8.97
C ALA E 133 -29.75 18.36 8.36
N LYS E 134 -29.78 19.65 8.08
CA LYS E 134 -30.95 20.27 7.46
C LYS E 134 -31.21 19.68 6.08
N GLU E 135 -30.14 19.53 5.29
CA GLU E 135 -30.25 18.97 3.94
C GLU E 135 -30.74 17.53 3.93
N ILE E 136 -30.23 16.72 4.86
CA ILE E 136 -30.63 15.31 4.96
C ILE E 136 -32.11 15.19 5.37
N ILE E 137 -32.54 16.04 6.29
CA ILE E 137 -33.95 16.09 6.73
C ILE E 137 -34.88 16.46 5.57
N ARG E 138 -34.53 17.52 4.84
CA ARG E 138 -35.34 17.97 3.72
C ARG E 138 -35.38 16.93 2.61
N MET E 139 -34.23 16.31 2.35
CA MET E 139 -34.15 15.27 1.32
C MET E 139 -35.04 14.07 1.66
N ARG E 140 -34.96 13.61 2.90
CA ARG E 140 -35.76 12.47 3.36
C ARG E 140 -37.25 12.73 3.28
N GLU E 141 -37.65 13.96 3.62
CA GLU E 141 -39.05 14.37 3.52
C GLU E 141 -39.49 14.37 2.06
N ARG E 142 -38.66 14.95 1.19
CA ARG E 142 -38.93 14.99 -0.25
C ARG E 142 -39.12 13.59 -0.84
N ILE E 143 -38.24 12.67 -0.48
CA ILE E 143 -38.30 11.29 -0.97
C ILE E 143 -39.54 10.56 -0.44
N ASN E 144 -39.82 10.71 0.86
CA ASN E 144 -40.99 10.09 1.48
C ASN E 144 -42.32 10.60 0.92
N ARG E 145 -42.38 11.89 0.60
CA ARG E 145 -43.56 12.49 -0.03
C ARG E 145 -43.74 11.99 -1.45
N LEU E 146 -42.61 11.82 -2.15
CA LEU E 146 -42.62 11.23 -3.49
C LEU E 146 -43.19 9.81 -3.45
N ILE E 147 -42.71 9.01 -2.50
CA ILE E 147 -43.17 7.63 -2.32
C ILE E 147 -44.66 7.57 -1.94
N ALA E 148 -45.06 8.43 -1.01
CA ALA E 148 -46.46 8.50 -0.56
C ALA E 148 -47.41 8.76 -1.72
N GLU E 149 -47.10 9.78 -2.51
CA GLU E 149 -47.89 10.18 -3.67
C GLU E 149 -48.00 9.06 -4.73
N ALA E 150 -46.90 8.36 -4.97
CA ALA E 150 -46.87 7.31 -5.99
C ALA E 150 -47.60 6.03 -5.58
N THR E 151 -47.51 5.68 -4.30
CA THR E 151 -48.07 4.43 -3.78
C THR E 151 -49.52 4.55 -3.31
N GLY E 152 -49.91 5.76 -2.90
CA GLY E 152 -51.23 5.98 -2.32
C GLY E 152 -51.22 5.86 -0.81
N GLN E 153 -50.06 5.54 -0.24
CA GLN E 153 -49.89 5.51 1.22
C GLN E 153 -49.79 6.93 1.75
N SER E 154 -50.16 7.13 3.01
CA SER E 154 -50.05 8.43 3.65
C SER E 154 -48.59 8.74 3.93
N TYR E 155 -48.26 10.02 3.99
CA TYR E 155 -46.90 10.44 4.34
C TYR E 155 -46.45 9.85 5.68
N GLU E 156 -47.35 9.87 6.66
CA GLU E 156 -47.06 9.27 7.98
C GLU E 156 -46.69 7.79 7.92
N GLN E 157 -47.38 7.04 7.07
CA GLN E 157 -47.10 5.62 6.91
C GLN E 157 -45.70 5.39 6.34
N ILE E 158 -45.36 6.13 5.28
CA ILE E 158 -44.05 6.05 4.64
C ILE E 158 -42.94 6.46 5.61
N SER E 159 -43.13 7.60 6.28
CA SER E 159 -42.15 8.10 7.26
C SER E 159 -41.88 7.08 8.36
N LYS E 160 -42.93 6.43 8.85
CA LYS E 160 -42.83 5.39 9.86
C LYS E 160 -42.08 4.16 9.33
N ASP E 161 -42.50 3.66 8.17
CA ASP E 161 -41.92 2.45 7.59
C ASP E 161 -40.46 2.61 7.15
N THR E 162 -40.07 3.83 6.76
CA THR E 162 -38.72 4.08 6.27
C THR E 162 -37.70 4.39 7.38
N ASP E 163 -38.10 4.23 8.64
CA ASP E 163 -37.21 4.50 9.78
C ASP E 163 -35.97 3.60 9.73
N ARG E 164 -36.16 2.35 9.32
CA ARG E 164 -35.06 1.44 9.02
C ARG E 164 -35.30 0.79 7.66
N ASP E 165 -34.33 0.00 7.18
CA ASP E 165 -34.47 -0.70 5.91
C ASP E 165 -35.73 -1.56 5.88
N PHE E 166 -36.67 -1.17 5.02
CA PHE E 166 -38.00 -1.76 4.96
C PHE E 166 -38.15 -2.63 3.72
N TRP E 167 -37.84 -3.91 3.87
CA TRP E 167 -37.86 -4.86 2.76
C TRP E 167 -39.21 -5.46 2.54
N LEU E 168 -39.60 -5.56 1.28
CA LEU E 168 -40.88 -6.15 0.89
C LEU E 168 -40.72 -7.21 -0.19
N SER E 169 -41.36 -8.36 0.00
CA SER E 169 -41.46 -9.38 -1.04
C SER E 169 -42.29 -8.81 -2.20
N VAL E 170 -42.28 -9.49 -3.35
CA VAL E 170 -43.02 -9.01 -4.51
C VAL E 170 -44.53 -8.83 -4.21
N ASN E 171 -45.14 -9.82 -3.54
CA ASN E 171 -46.55 -9.73 -3.18
C ASN E 171 -46.85 -8.63 -2.15
N GLU E 172 -45.96 -8.47 -1.17
CA GLU E 172 -46.10 -7.40 -0.19
C GLU E 172 -45.93 -6.02 -0.83
N ALA E 173 -45.04 -5.93 -1.80
CA ALA E 173 -44.82 -4.68 -2.56
C ALA E 173 -46.05 -4.32 -3.38
N LYS E 174 -46.74 -5.34 -3.89
CA LYS E 174 -48.02 -5.13 -4.58
C LYS E 174 -49.08 -4.60 -3.61
N ASP E 175 -49.22 -5.25 -2.46
CA ASP E 175 -50.16 -4.81 -1.41
C ASP E 175 -49.90 -3.38 -0.95
N TYR E 176 -48.62 -3.00 -0.94
CA TYR E 176 -48.19 -1.69 -0.47
C TYR E 176 -48.46 -0.57 -1.46
N GLY E 177 -48.68 -0.93 -2.72
CA GLY E 177 -48.94 0.06 -3.77
C GLY E 177 -47.71 0.44 -4.59
N ILE E 178 -46.60 -0.26 -4.35
CA ILE E 178 -45.39 -0.06 -5.16
C ILE E 178 -45.57 -0.74 -6.51
N VAL E 179 -45.84 -2.04 -6.49
CA VAL E 179 -46.09 -2.83 -7.69
C VAL E 179 -47.58 -2.88 -7.97
N ASN E 180 -47.96 -2.74 -9.24
CA ASN E 180 -49.36 -2.89 -9.64
C ASN E 180 -49.69 -4.32 -10.09
N GLU E 181 -48.81 -4.90 -10.91
CA GLU E 181 -49.06 -6.23 -11.47
C GLU E 181 -47.80 -7.09 -11.50
N ILE E 182 -47.94 -8.35 -11.09
CA ILE E 182 -46.86 -9.33 -11.18
C ILE E 182 -47.04 -10.17 -12.44
N ILE E 183 -46.03 -10.14 -13.31
CA ILE E 183 -46.09 -10.83 -14.59
C ILE E 183 -44.95 -11.84 -14.71
N GLU E 184 -45.18 -12.91 -15.46
CA GLU E 184 -44.17 -13.94 -15.68
C GLU E 184 -43.76 -14.04 -17.15
N ASN E 185 -44.70 -13.69 -18.04
CA ASN E 185 -44.47 -13.82 -19.48
C ASN E 185 -44.75 -12.53 -20.24
N ARG E 186 -44.21 -12.45 -21.45
CA ARG E 186 -44.44 -11.35 -22.40
C ARG E 186 -45.87 -10.85 -22.48
N ASP E 187 -46.81 -11.77 -22.63
CA ASP E 187 -48.24 -11.45 -22.78
C ASP E 187 -48.84 -10.79 -21.53
N GLY E 188 -48.12 -10.87 -20.42
CA GLY E 188 -48.50 -10.18 -19.18
C GLY E 188 -48.44 -8.67 -19.31
N LEU E 189 -47.51 -8.17 -20.12
CA LEU E 189 -47.44 -6.75 -20.45
C LEU E 189 -48.59 -6.33 -21.36
N LYS E 190 -49.07 -7.28 -22.17
CA LYS E 190 -50.19 -7.11 -23.10
C LYS E 190 -50.21 -5.80 -23.90
N ILE F 13 -25.08 6.57 -37.05
CA ILE F 13 -26.51 6.99 -36.90
C ILE F 13 -26.94 6.99 -35.42
N LEU F 14 -26.04 6.53 -34.55
CA LEU F 14 -26.32 6.41 -33.11
C LEU F 14 -26.32 7.76 -32.39
N THR F 15 -25.41 8.65 -32.77
CA THR F 15 -25.35 10.01 -32.24
C THR F 15 -25.92 11.02 -33.25
N GLN F 16 -26.07 10.57 -34.49
CA GLN F 16 -26.63 11.38 -35.58
C GLN F 16 -27.97 12.01 -35.21
N LYS F 17 -28.89 11.20 -34.68
CA LYS F 17 -30.19 11.69 -34.25
C LYS F 17 -30.12 12.36 -32.86
N LEU F 18 -29.07 12.06 -32.11
CA LEU F 18 -28.85 12.68 -30.80
C LEU F 18 -28.31 14.11 -30.93
N ILE F 19 -27.60 14.37 -32.03
CA ILE F 19 -27.10 15.71 -32.35
C ILE F 19 -28.26 16.58 -32.89
N ASP F 20 -29.23 15.92 -33.52
CA ASP F 20 -30.42 16.58 -34.04
C ASP F 20 -31.33 17.14 -32.94
N THR F 21 -31.25 16.57 -31.74
CA THR F 21 -32.02 17.05 -30.60
C THR F 21 -31.43 18.35 -30.03
N ARG F 22 -30.20 18.66 -30.41
CA ARG F 22 -29.46 19.83 -29.92
C ARG F 22 -29.50 19.91 -28.39
N THR F 23 -29.07 18.81 -27.77
CA THR F 23 -29.09 18.65 -26.32
C THR F 23 -27.69 18.32 -25.82
N VAL F 24 -27.27 19.00 -24.76
CA VAL F 24 -26.00 18.73 -24.09
C VAL F 24 -26.27 18.34 -22.64
N LEU F 25 -25.63 17.25 -22.21
CA LEU F 25 -25.73 16.81 -20.82
C LEU F 25 -24.45 17.16 -20.09
N ILE F 26 -24.59 17.90 -18.99
CA ILE F 26 -23.48 18.17 -18.09
C ILE F 26 -23.82 17.48 -16.75
N TYR F 27 -23.36 16.24 -16.62
CA TYR F 27 -23.60 15.43 -15.43
C TYR F 27 -22.28 15.08 -14.74
N GLY F 28 -22.21 15.36 -13.44
CA GLY F 28 -21.02 15.03 -12.66
C GLY F 28 -20.14 16.23 -12.38
N GLU F 29 -18.95 15.94 -11.85
CA GLU F 29 -17.99 16.96 -11.43
C GLU F 29 -17.53 17.84 -12.58
N ILE F 30 -17.54 19.15 -12.36
CA ILE F 30 -16.99 20.09 -13.33
C ILE F 30 -15.46 20.03 -13.25
N ASN F 31 -14.83 19.64 -14.35
CA ASN F 31 -13.37 19.67 -14.49
C ASN F 31 -12.98 20.01 -15.94
N GLN F 32 -11.68 20.12 -16.19
CA GLN F 32 -11.20 20.57 -17.50
C GLN F 32 -11.53 19.59 -18.62
N GLU F 33 -11.53 18.31 -18.30
CA GLU F 33 -11.90 17.27 -19.26
C GLU F 33 -13.36 17.41 -19.69
N LEU F 34 -14.24 17.69 -18.73
CA LEU F 34 -15.66 17.90 -19.02
C LEU F 34 -15.85 19.20 -19.82
N ALA F 35 -15.11 20.24 -19.44
CA ALA F 35 -15.14 21.53 -20.13
C ALA F 35 -14.75 21.39 -21.60
N GLU F 36 -13.76 20.55 -21.88
CA GLU F 36 -13.34 20.27 -23.25
C GLU F 36 -14.44 19.57 -24.05
N ASP F 37 -15.02 18.53 -23.44
CA ASP F 37 -16.12 17.77 -24.02
C ASP F 37 -17.31 18.67 -24.34
N VAL F 38 -17.71 19.48 -23.37
CA VAL F 38 -18.84 20.41 -23.51
C VAL F 38 -18.54 21.49 -24.56
N SER F 39 -17.32 22.02 -24.54
CA SER F 39 -16.91 23.04 -25.50
C SER F 39 -17.02 22.52 -26.92
N LYS F 40 -16.52 21.31 -27.15
CA LYS F 40 -16.58 20.66 -28.46
C LYS F 40 -18.01 20.44 -28.96
N GLN F 41 -18.91 20.05 -28.05
CA GLN F 41 -20.32 19.85 -28.40
C GLN F 41 -21.00 21.15 -28.79
N LEU F 42 -20.76 22.20 -28.00
CA LEU F 42 -21.34 23.52 -28.26
C LEU F 42 -20.86 24.12 -29.57
N LEU F 43 -19.56 23.96 -29.85
CA LEU F 43 -18.99 24.42 -31.12
C LEU F 43 -19.53 23.62 -32.29
N LEU F 44 -19.69 22.31 -32.11
CA LEU F 44 -20.27 21.45 -33.14
C LEU F 44 -21.71 21.86 -33.47
N LEU F 45 -22.53 22.09 -32.44
CA LEU F 45 -23.93 22.48 -32.64
C LEU F 45 -24.08 23.89 -33.22
N GLU F 46 -23.14 24.78 -32.87
CA GLU F 46 -23.09 26.13 -33.42
C GLU F 46 -22.80 26.11 -34.93
N SER F 47 -21.86 25.28 -35.35
CA SER F 47 -21.46 25.19 -36.76
C SER F 47 -22.54 24.55 -37.65
N ILE F 48 -23.47 23.82 -37.03
CA ILE F 48 -24.56 23.17 -37.76
C ILE F 48 -25.68 24.14 -38.08
N SER F 49 -26.15 24.88 -37.07
CA SER F 49 -27.20 25.89 -37.25
C SER F 49 -27.20 26.91 -36.12
N ASN F 50 -28.09 27.89 -36.22
CA ASN F 50 -28.29 28.86 -35.14
C ASN F 50 -29.50 28.56 -34.26
N ASP F 51 -30.08 27.37 -34.42
CA ASP F 51 -31.20 26.92 -33.59
C ASP F 51 -30.81 26.78 -32.11
N PRO F 52 -31.78 26.96 -31.19
CA PRO F 52 -31.48 26.88 -29.75
C PRO F 52 -30.87 25.55 -29.31
N ILE F 53 -30.14 25.59 -28.20
CA ILE F 53 -29.53 24.40 -27.60
C ILE F 53 -30.06 24.25 -26.17
N THR F 54 -30.40 23.01 -25.80
CA THR F 54 -30.85 22.73 -24.44
C THR F 54 -29.74 22.01 -23.66
N ILE F 55 -29.43 22.53 -22.48
CA ILE F 55 -28.46 21.88 -21.59
C ILE F 55 -29.10 21.39 -20.29
N PHE F 56 -28.98 20.08 -20.04
CA PHE F 56 -29.40 19.49 -18.77
C PHE F 56 -28.18 19.40 -17.86
N ILE F 57 -28.30 19.96 -16.66
CA ILE F 57 -27.18 20.01 -15.71
C ILE F 57 -27.50 19.33 -14.39
N ASN F 58 -26.69 18.32 -14.06
CA ASN F 58 -26.71 17.65 -12.76
C ASN F 58 -25.28 17.66 -12.26
N SER F 59 -24.95 18.64 -11.42
CA SER F 59 -23.56 18.78 -10.96
C SER F 59 -23.42 19.36 -9.57
N GLN F 60 -22.56 18.72 -8.79
CA GLN F 60 -22.15 19.17 -7.46
C GLN F 60 -21.13 20.32 -7.55
N GLY F 61 -20.68 20.62 -8.77
CA GLY F 61 -19.65 21.61 -8.99
C GLY F 61 -18.30 20.96 -9.18
N GLY F 62 -17.24 21.66 -8.82
CA GLY F 62 -15.89 21.17 -9.01
C GLY F 62 -14.90 22.30 -9.26
N HIS F 63 -14.18 22.22 -10.37
CA HIS F 63 -13.11 23.17 -10.69
C HIS F 63 -13.65 24.49 -11.17
N VAL F 64 -13.29 25.56 -10.46
CA VAL F 64 -13.80 26.92 -10.70
C VAL F 64 -13.54 27.43 -12.12
N GLU F 65 -12.29 27.32 -12.58
CA GLU F 65 -11.91 27.80 -13.92
C GLU F 65 -12.53 26.99 -15.06
N ALA F 66 -12.80 25.72 -14.82
CA ALA F 66 -13.51 24.88 -15.79
C ALA F 66 -14.96 25.35 -15.92
N GLY F 67 -15.58 25.67 -14.79
CA GLY F 67 -16.92 26.27 -14.78
C GLY F 67 -16.95 27.59 -15.53
N ASP F 68 -15.92 28.40 -15.32
CA ASP F 68 -15.79 29.69 -15.99
C ASP F 68 -15.75 29.56 -17.52
N THR F 69 -15.02 28.57 -18.01
CA THR F 69 -14.91 28.31 -19.44
C THR F 69 -16.27 27.96 -20.05
N ILE F 70 -16.97 27.02 -19.43
CA ILE F 70 -18.26 26.57 -19.92
C ILE F 70 -19.28 27.73 -19.91
N HIS F 71 -19.32 28.47 -18.80
CA HIS F 71 -20.11 29.69 -18.68
C HIS F 71 -19.84 30.62 -19.83
N ASP F 72 -18.56 30.91 -20.08
CA ASP F 72 -18.19 31.86 -21.13
C ASP F 72 -18.46 31.33 -22.54
N MET F 73 -18.28 30.01 -22.72
CA MET F 73 -18.55 29.37 -24.01
C MET F 73 -20.03 29.44 -24.37
N ILE F 74 -20.89 29.30 -23.37
CA ILE F 74 -22.34 29.43 -23.53
C ILE F 74 -22.73 30.82 -24.05
N LYS F 75 -22.12 31.86 -23.49
CA LYS F 75 -22.38 33.23 -23.93
C LYS F 75 -21.66 33.57 -25.24
N PHE F 76 -20.55 32.88 -25.51
CA PHE F 76 -19.75 33.12 -26.71
C PHE F 76 -20.46 32.68 -28.00
N ILE F 77 -21.01 31.48 -28.01
CA ILE F 77 -21.63 30.92 -29.22
C ILE F 77 -22.90 31.66 -29.63
N LYS F 78 -23.21 31.60 -30.93
CA LYS F 78 -24.38 32.30 -31.49
C LYS F 78 -25.75 31.77 -30.98
N PRO F 79 -25.97 30.44 -30.99
CA PRO F 79 -27.30 29.94 -30.60
C PRO F 79 -27.74 30.32 -29.18
N THR F 80 -29.03 30.52 -28.99
CA THR F 80 -29.62 30.75 -27.67
C THR F 80 -29.58 29.46 -26.86
N VAL F 81 -29.09 29.55 -25.62
CA VAL F 81 -28.96 28.37 -24.78
C VAL F 81 -30.01 28.35 -23.67
N LYS F 82 -30.74 27.23 -23.58
CA LYS F 82 -31.67 26.99 -22.48
C LYS F 82 -31.05 25.99 -21.49
N VAL F 83 -31.21 26.24 -20.20
CA VAL F 83 -30.71 25.32 -19.18
C VAL F 83 -31.85 24.67 -18.38
N VAL F 84 -31.68 23.38 -18.09
CA VAL F 84 -32.63 22.64 -17.27
C VAL F 84 -31.85 21.99 -16.13
N GLY F 85 -32.05 22.50 -14.92
CA GLY F 85 -31.41 21.95 -13.73
C GLY F 85 -32.11 20.67 -13.29
N THR F 86 -31.32 19.69 -12.87
CA THR F 86 -31.84 18.38 -12.49
C THR F 86 -30.99 17.69 -11.41
N GLY F 87 -31.65 17.17 -10.39
CA GLY F 87 -30.95 16.50 -9.28
C GLY F 87 -30.34 17.50 -8.31
N TRP F 88 -29.19 18.06 -8.68
CA TRP F 88 -28.59 19.21 -7.99
C TRP F 88 -27.75 20.06 -8.90
N VAL F 89 -27.69 21.34 -8.60
CA VAL F 89 -26.83 22.28 -9.31
C VAL F 89 -26.15 23.12 -8.24
N ALA F 90 -24.83 22.99 -8.11
CA ALA F 90 -24.10 23.63 -7.01
C ALA F 90 -22.75 24.18 -7.43
N SER F 91 -22.36 25.30 -6.81
CA SER F 91 -21.00 25.85 -6.91
C SER F 91 -20.65 26.20 -8.38
N ALA F 92 -19.62 25.56 -8.94
CA ALA F 92 -19.25 25.78 -10.34
C ALA F 92 -20.37 25.42 -11.31
N GLY F 93 -21.21 24.47 -10.90
CA GLY F 93 -22.41 24.11 -11.64
C GLY F 93 -23.38 25.28 -11.78
N ILE F 94 -23.54 26.04 -10.68
CA ILE F 94 -24.40 27.22 -10.65
C ILE F 94 -23.89 28.30 -11.61
N THR F 95 -22.58 28.53 -11.61
CA THR F 95 -21.94 29.45 -12.55
C THR F 95 -22.30 29.12 -14.01
N ILE F 96 -22.22 27.83 -14.37
CA ILE F 96 -22.65 27.37 -15.70
C ILE F 96 -24.13 27.64 -15.92
N TYR F 97 -24.96 27.23 -14.98
CA TYR F 97 -26.41 27.37 -15.07
C TYR F 97 -26.80 28.83 -15.32
N LEU F 98 -26.15 29.74 -14.62
CA LEU F 98 -26.44 31.17 -14.70
C LEU F 98 -25.91 31.87 -15.96
N ALA F 99 -25.22 31.13 -16.83
CA ALA F 99 -24.77 31.69 -18.11
C ALA F 99 -25.96 31.98 -19.05
N ALA F 100 -27.02 31.20 -18.90
CA ALA F 100 -28.25 31.39 -19.68
C ALA F 100 -29.04 32.57 -19.14
N GLU F 101 -29.75 33.26 -20.04
CA GLU F 101 -30.63 34.37 -19.68
C GLU F 101 -31.75 33.86 -18.78
N LYS F 102 -32.20 34.73 -17.87
CA LYS F 102 -33.20 34.35 -16.87
C LYS F 102 -34.42 33.62 -17.44
N GLU F 103 -34.95 34.12 -18.56
CA GLU F 103 -36.13 33.52 -19.22
C GLU F 103 -35.88 32.08 -19.67
N ASN F 104 -34.61 31.74 -19.86
CA ASN F 104 -34.22 30.45 -20.40
C ASN F 104 -33.69 29.46 -19.34
N ARG F 105 -33.96 29.78 -18.08
CA ARG F 105 -33.49 28.97 -16.96
C ARG F 105 -34.64 28.15 -16.34
N PHE F 106 -34.59 26.83 -16.55
CA PHE F 106 -35.65 25.93 -16.13
C PHE F 106 -35.14 24.96 -15.06
N SER F 107 -36.08 24.31 -14.39
CA SER F 107 -35.74 23.26 -13.44
C SER F 107 -36.76 22.13 -13.47
N LEU F 108 -36.25 20.91 -13.36
CA LEU F 108 -37.09 19.76 -13.07
C LEU F 108 -37.43 19.80 -11.57
N PRO F 109 -38.55 19.18 -11.15
CA PRO F 109 -39.05 19.35 -9.77
C PRO F 109 -38.14 18.82 -8.66
N ASN F 110 -37.45 17.69 -8.90
CA ASN F 110 -36.56 17.11 -7.87
C ASN F 110 -35.11 17.58 -8.03
N THR F 111 -34.90 18.87 -7.75
CA THR F 111 -33.58 19.50 -7.84
C THR F 111 -33.37 20.43 -6.66
N ARG F 112 -32.15 20.47 -6.15
CA ARG F 112 -31.75 21.47 -5.16
C ARG F 112 -30.53 22.25 -5.66
N TYR F 113 -30.40 23.47 -5.17
CA TYR F 113 -29.40 24.41 -5.67
C TYR F 113 -28.51 24.90 -4.53
N MET F 114 -27.24 25.12 -4.81
CA MET F 114 -26.35 25.66 -3.78
C MET F 114 -25.36 26.68 -4.32
N ILE F 115 -25.26 27.79 -3.59
CA ILE F 115 -24.21 28.77 -3.81
C ILE F 115 -23.37 28.86 -2.55
N HIS F 116 -22.08 29.11 -2.73
CA HIS F 116 -21.16 29.33 -1.61
C HIS F 116 -19.95 30.08 -2.08
N GLN F 117 -19.05 30.38 -1.16
CA GLN F 117 -17.76 30.96 -1.53
C GLN F 117 -16.75 29.84 -1.65
N PRO F 118 -16.33 29.51 -2.89
CA PRO F 118 -15.51 28.34 -3.17
C PRO F 118 -14.11 28.39 -2.57
N ALA F 119 -13.52 27.21 -2.39
CA ALA F 119 -12.12 27.07 -1.96
C ALA F 119 -11.19 27.28 -3.15
N GLY F 120 -9.91 27.55 -2.87
CA GLY F 120 -8.94 27.83 -3.92
C GLY F 120 -7.81 26.82 -4.01
N GLU F 128 3.65 32.84 -0.47
CA GLU F 128 2.63 32.27 -1.35
C GLU F 128 1.22 32.46 -0.78
N ILE F 129 1.13 32.44 0.55
CA ILE F 129 -0.17 32.52 1.25
C ILE F 129 -0.85 33.88 1.09
N GLU F 130 -0.08 34.97 1.08
CA GLU F 130 -0.60 36.30 0.79
C GLU F 130 -1.11 36.40 -0.66
N ILE F 131 -0.36 35.77 -1.57
CA ILE F 131 -0.74 35.73 -2.99
C ILE F 131 -2.04 34.93 -3.18
N GLU F 132 -2.08 33.73 -2.60
CA GLU F 132 -3.24 32.84 -2.70
C GLU F 132 -4.48 33.48 -2.06
N ALA F 133 -4.29 34.16 -0.92
CA ALA F 133 -5.37 34.86 -0.23
C ALA F 133 -5.98 35.94 -1.12
N LYS F 134 -5.13 36.72 -1.78
CA LYS F 134 -5.57 37.78 -2.69
C LYS F 134 -6.38 37.21 -3.85
N GLU F 135 -5.92 36.09 -4.39
CA GLU F 135 -6.61 35.42 -5.50
C GLU F 135 -7.98 34.90 -5.11
N ILE F 136 -8.06 34.25 -3.96
CA ILE F 136 -9.31 33.68 -3.47
C ILE F 136 -10.34 34.78 -3.19
N ILE F 137 -9.88 35.91 -2.67
CA ILE F 137 -10.74 37.08 -2.43
C ILE F 137 -11.30 37.65 -3.74
N ARG F 138 -10.43 37.84 -4.73
CA ARG F 138 -10.84 38.34 -6.04
C ARG F 138 -11.80 37.38 -6.73
N MET F 139 -11.49 36.08 -6.63
CA MET F 139 -12.32 35.04 -7.24
C MET F 139 -13.73 35.02 -6.65
N ARG F 140 -13.83 35.10 -5.33
CA ARG F 140 -15.13 35.11 -4.64
C ARG F 140 -15.97 36.34 -4.98
N GLU F 141 -15.30 37.47 -5.16
CA GLU F 141 -15.98 38.71 -5.57
C GLU F 141 -16.48 38.58 -7.02
N ARG F 142 -15.63 38.07 -7.90
CA ARG F 142 -16.00 37.85 -9.30
C ARG F 142 -17.24 36.95 -9.41
N ILE F 143 -17.23 35.83 -8.69
CA ILE F 143 -18.34 34.88 -8.69
C ILE F 143 -19.62 35.50 -8.10
N ASN F 144 -19.48 36.21 -6.98
CA ASN F 144 -20.65 36.82 -6.34
C ASN F 144 -21.31 37.91 -7.18
N ARG F 145 -20.50 38.68 -7.91
CA ARG F 145 -21.02 39.68 -8.83
C ARG F 145 -21.71 39.02 -10.04
N LEU F 146 -21.14 37.91 -10.49
CA LEU F 146 -21.74 37.12 -11.56
C LEU F 146 -23.12 36.59 -11.14
N ILE F 147 -23.20 36.06 -9.92
CA ILE F 147 -24.46 35.53 -9.38
C ILE F 147 -25.50 36.65 -9.18
N ALA F 148 -25.06 37.79 -8.65
CA ALA F 148 -25.94 38.94 -8.41
C ALA F 148 -26.60 39.43 -9.69
N GLU F 149 -25.77 39.69 -10.70
CA GLU F 149 -26.25 40.16 -12.00
C GLU F 149 -27.24 39.20 -12.67
N ALA F 150 -27.01 37.89 -12.51
CA ALA F 150 -27.85 36.88 -13.17
C ALA F 150 -29.19 36.64 -12.45
N THR F 151 -29.17 36.71 -11.13
CA THR F 151 -30.37 36.41 -10.33
C THR F 151 -31.21 37.64 -10.04
N GLY F 152 -30.59 38.82 -10.08
CA GLY F 152 -31.27 40.07 -9.72
C GLY F 152 -31.17 40.40 -8.25
N GLN F 153 -30.48 39.55 -7.49
CA GLN F 153 -30.17 39.83 -6.09
C GLN F 153 -29.03 40.84 -6.04
N SER F 154 -28.97 41.65 -4.99
CA SER F 154 -27.88 42.61 -4.83
C SER F 154 -26.58 41.87 -4.53
N TYR F 155 -25.45 42.47 -4.89
CA TYR F 155 -24.14 41.91 -4.56
C TYR F 155 -24.03 41.70 -3.05
N GLU F 156 -24.61 42.64 -2.31
CA GLU F 156 -24.65 42.62 -0.86
C GLU F 156 -25.31 41.35 -0.33
N GLN F 157 -26.48 41.04 -0.87
CA GLN F 157 -27.26 39.86 -0.49
C GLN F 157 -26.51 38.56 -0.79
N ILE F 158 -25.96 38.47 -2.00
CA ILE F 158 -25.18 37.30 -2.42
C ILE F 158 -23.96 37.11 -1.52
N SER F 159 -23.23 38.21 -1.30
CA SER F 159 -22.05 38.21 -0.44
C SER F 159 -22.37 37.68 0.96
N LYS F 160 -23.51 38.11 1.50
CA LYS F 160 -24.00 37.65 2.79
C LYS F 160 -24.40 36.17 2.78
N ASP F 161 -25.21 35.79 1.81
CA ASP F 161 -25.77 34.43 1.74
C ASP F 161 -24.72 33.34 1.49
N THR F 162 -23.66 33.69 0.76
CA THR F 162 -22.61 32.72 0.41
C THR F 162 -21.54 32.56 1.51
N ASP F 163 -21.78 33.11 2.70
CA ASP F 163 -20.84 32.98 3.82
C ASP F 163 -20.57 31.51 4.16
N ARG F 164 -21.63 30.70 4.13
CA ARG F 164 -21.53 29.24 4.26
C ARG F 164 -22.35 28.57 3.16
N ASP F 165 -22.32 27.24 3.12
CA ASP F 165 -23.08 26.50 2.11
C ASP F 165 -24.57 26.83 2.19
N PHE F 166 -25.06 27.49 1.14
CA PHE F 166 -26.41 28.05 1.11
C PHE F 166 -27.28 27.21 0.16
N TRP F 167 -27.93 26.19 0.71
CA TRP F 167 -28.78 25.30 -0.06
C TRP F 167 -30.17 25.82 -0.22
N LEU F 168 -30.70 25.71 -1.44
CA LEU F 168 -32.06 26.12 -1.74
C LEU F 168 -32.84 25.00 -2.41
N SER F 169 -34.06 24.78 -1.93
CA SER F 169 -35.01 23.90 -2.60
C SER F 169 -35.38 24.53 -3.94
N VAL F 170 -36.00 23.75 -4.82
CA VAL F 170 -36.36 24.24 -6.16
C VAL F 170 -37.28 25.48 -6.11
N ASN F 171 -38.23 25.48 -5.19
CA ASN F 171 -39.15 26.63 -5.03
C ASN F 171 -38.44 27.85 -4.43
N GLU F 172 -37.53 27.60 -3.50
CA GLU F 172 -36.69 28.68 -2.94
C GLU F 172 -35.74 29.25 -3.99
N ALA F 173 -35.19 28.38 -4.84
CA ALA F 173 -34.30 28.80 -5.93
C ALA F 173 -35.03 29.70 -6.93
N LYS F 174 -36.30 29.37 -7.17
CA LYS F 174 -37.18 30.15 -8.04
C LYS F 174 -37.44 31.54 -7.46
N ASP F 175 -37.76 31.60 -6.17
CA ASP F 175 -37.98 32.88 -5.48
C ASP F 175 -36.71 33.73 -5.44
N TYR F 176 -35.57 33.05 -5.33
CA TYR F 176 -34.26 33.72 -5.27
C TYR F 176 -33.84 34.31 -6.61
N GLY F 177 -34.42 33.79 -7.70
CA GLY F 177 -34.11 34.28 -9.04
C GLY F 177 -33.09 33.44 -9.80
N ILE F 178 -32.71 32.30 -9.23
CA ILE F 178 -31.84 31.34 -9.92
C ILE F 178 -32.63 30.63 -11.02
N VAL F 179 -33.74 30.00 -10.61
CA VAL F 179 -34.64 29.30 -11.50
C VAL F 179 -35.77 30.26 -11.94
N ASN F 180 -36.10 30.25 -13.22
CA ASN F 180 -37.22 31.05 -13.71
C ASN F 180 -38.54 30.28 -13.69
N GLU F 181 -38.50 29.04 -14.16
CA GLU F 181 -39.71 28.21 -14.27
C GLU F 181 -39.41 26.75 -13.91
N ILE F 182 -40.30 26.17 -13.11
CA ILE F 182 -40.24 24.75 -12.79
C ILE F 182 -41.13 24.00 -13.77
N ILE F 183 -40.54 23.01 -14.46
CA ILE F 183 -41.30 22.23 -15.44
C ILE F 183 -41.25 20.75 -15.12
N GLU F 184 -42.32 20.04 -15.46
CA GLU F 184 -42.40 18.59 -15.26
C GLU F 184 -42.36 17.86 -16.60
N ASN F 185 -42.92 18.47 -17.64
CA ASN F 185 -43.04 17.84 -18.95
C ASN F 185 -42.38 18.63 -20.08
N ARG F 186 -42.26 17.99 -21.24
CA ARG F 186 -41.69 18.58 -22.45
C ARG F 186 -42.32 19.91 -22.88
N ASP F 187 -43.65 19.97 -22.86
CA ASP F 187 -44.37 21.17 -23.27
C ASP F 187 -44.13 22.38 -22.35
N GLY F 188 -43.48 22.13 -21.22
CA GLY F 188 -43.06 23.19 -20.30
C GLY F 188 -41.96 24.06 -20.87
N LEU F 189 -41.11 23.48 -21.73
CA LEU F 189 -40.09 24.24 -22.46
C LEU F 189 -40.70 25.09 -23.57
N LYS F 190 -41.79 24.58 -24.15
CA LYS F 190 -42.52 25.21 -25.27
C LYS F 190 -41.66 25.93 -26.32
N ILE G 13 -18.83 11.51 -39.71
CA ILE G 13 -19.18 12.94 -39.96
C ILE G 13 -19.18 13.75 -38.65
N LEU G 14 -18.70 13.13 -37.57
CA LEU G 14 -18.67 13.76 -36.25
C LEU G 14 -17.55 14.80 -36.11
N THR G 15 -16.33 14.44 -36.53
CA THR G 15 -15.18 15.35 -36.48
C THR G 15 -15.02 16.08 -37.82
N GLN G 16 -15.73 15.60 -38.85
CA GLN G 16 -15.71 16.20 -40.18
C GLN G 16 -16.20 17.65 -40.18
N LYS G 17 -17.36 17.88 -39.58
CA LYS G 17 -17.91 19.23 -39.42
C LYS G 17 -17.06 20.04 -38.43
N LEU G 18 -16.50 19.34 -37.44
CA LEU G 18 -15.65 19.95 -36.42
C LEU G 18 -14.29 20.39 -36.99
N ILE G 19 -13.83 19.70 -38.03
CA ILE G 19 -12.57 20.02 -38.70
C ILE G 19 -12.71 21.34 -39.48
N ASP G 20 -13.93 21.62 -39.94
CA ASP G 20 -14.22 22.83 -40.71
C ASP G 20 -14.19 24.09 -39.86
N THR G 21 -14.48 23.94 -38.57
CA THR G 21 -14.46 25.06 -37.61
C THR G 21 -13.03 25.56 -37.37
N ARG G 22 -12.05 24.76 -37.75
CA ARG G 22 -10.62 25.06 -37.57
C ARG G 22 -10.31 25.60 -36.17
N THR G 23 -10.66 24.78 -35.19
CA THR G 23 -10.53 25.15 -33.78
C THR G 23 -9.75 24.06 -33.03
N VAL G 24 -8.77 24.48 -32.25
CA VAL G 24 -8.01 23.58 -31.38
C VAL G 24 -8.25 23.97 -29.92
N LEU G 25 -8.55 22.98 -29.09
CA LEU G 25 -8.73 23.21 -27.66
C LEU G 25 -7.51 22.72 -26.90
N ILE G 26 -6.94 23.59 -26.09
CA ILE G 26 -5.85 23.22 -25.20
C ILE G 26 -6.34 23.43 -23.77
N TYR G 27 -6.92 22.36 -23.20
CA TYR G 27 -7.47 22.38 -21.85
C TYR G 27 -6.70 21.40 -20.96
N GLY G 28 -6.23 21.88 -19.82
CA GLY G 28 -5.57 21.03 -18.85
C GLY G 28 -4.06 21.17 -18.84
N GLU G 29 -3.40 20.21 -18.22
CA GLU G 29 -1.94 20.22 -18.02
C GLU G 29 -1.17 20.10 -19.33
N ILE G 30 -0.18 20.97 -19.51
CA ILE G 30 0.72 20.93 -20.65
C ILE G 30 1.74 19.82 -20.43
N ASN G 31 1.71 18.81 -21.30
CA ASN G 31 2.67 17.72 -21.26
C ASN G 31 2.94 17.20 -22.67
N GLN G 32 3.85 16.25 -22.79
CA GLN G 32 4.28 15.76 -24.11
C GLN G 32 3.15 15.11 -24.91
N GLU G 33 2.30 14.35 -24.21
CA GLU G 33 1.11 13.75 -24.81
C GLU G 33 0.17 14.81 -25.41
N LEU G 34 -0.05 15.90 -24.69
CA LEU G 34 -0.87 17.00 -25.21
C LEU G 34 -0.17 17.73 -26.36
N ALA G 35 1.16 17.89 -26.26
CA ALA G 35 1.95 18.51 -27.33
C ALA G 35 1.83 17.73 -28.64
N GLU G 36 1.91 16.40 -28.55
CA GLU G 36 1.75 15.52 -29.70
C GLU G 36 0.36 15.65 -30.33
N ASP G 37 -0.66 15.68 -29.47
CA ASP G 37 -2.05 15.82 -29.88
C ASP G 37 -2.28 17.15 -30.61
N VAL G 38 -1.84 18.24 -29.99
CA VAL G 38 -1.95 19.58 -30.57
C VAL G 38 -1.17 19.68 -31.89
N SER G 39 0.07 19.19 -31.89
CA SER G 39 0.91 19.20 -33.10
C SER G 39 0.22 18.52 -34.28
N LYS G 40 -0.39 17.37 -34.05
CA LYS G 40 -1.11 16.63 -35.08
C LYS G 40 -2.30 17.43 -35.65
N GLN G 41 -3.05 18.06 -34.75
CA GLN G 41 -4.21 18.87 -35.15
C GLN G 41 -3.79 20.09 -35.98
N LEU G 42 -2.71 20.75 -35.55
CA LEU G 42 -2.17 21.90 -36.26
C LEU G 42 -1.64 21.50 -37.65
N LEU G 43 -0.93 20.37 -37.71
CA LEU G 43 -0.37 19.88 -38.97
C LEU G 43 -1.46 19.37 -39.92
N LEU G 44 -2.53 18.81 -39.37
CA LEU G 44 -3.68 18.39 -40.17
C LEU G 44 -4.39 19.60 -40.77
N LEU G 45 -4.66 20.61 -39.93
CA LEU G 45 -5.37 21.81 -40.37
C LEU G 45 -4.58 22.61 -41.40
N GLU G 46 -3.26 22.62 -41.26
CA GLU G 46 -2.36 23.26 -42.22
C GLU G 46 -2.40 22.56 -43.58
N SER G 47 -2.48 21.23 -43.56
CA SER G 47 -2.53 20.43 -44.79
C SER G 47 -3.83 20.62 -45.58
N ILE G 48 -4.91 20.96 -44.88
CA ILE G 48 -6.22 21.16 -45.50
C ILE G 48 -6.31 22.52 -46.20
N SER G 49 -5.95 23.59 -45.49
CA SER G 49 -5.95 24.93 -46.05
C SER G 49 -5.02 25.87 -45.27
N ASN G 50 -4.91 27.11 -45.77
CA ASN G 50 -4.12 28.15 -45.10
C ASN G 50 -4.98 29.13 -44.31
N ASP G 51 -6.27 28.81 -44.16
CA ASP G 51 -7.20 29.61 -43.38
C ASP G 51 -6.75 29.73 -41.92
N PRO G 52 -7.11 30.85 -41.25
CA PRO G 52 -6.78 31.04 -39.83
C PRO G 52 -7.23 29.90 -38.92
N ILE G 53 -6.52 29.72 -37.80
CA ILE G 53 -6.85 28.71 -36.81
C ILE G 53 -7.08 29.39 -35.46
N THR G 54 -8.15 29.01 -34.77
CA THR G 54 -8.43 29.55 -33.44
C THR G 54 -8.12 28.52 -32.37
N ILE G 55 -7.33 28.92 -31.38
CA ILE G 55 -7.01 28.06 -30.24
C ILE G 55 -7.65 28.63 -28.96
N PHE G 56 -8.45 27.80 -28.28
CA PHE G 56 -8.98 28.13 -26.96
C PHE G 56 -8.08 27.47 -25.91
N ILE G 57 -7.57 28.28 -24.98
CA ILE G 57 -6.63 27.80 -23.97
C ILE G 57 -7.15 27.96 -22.55
N ASN G 58 -7.29 26.83 -21.85
CA ASN G 58 -7.56 26.78 -20.41
C ASN G 58 -6.51 25.89 -19.81
N SER G 59 -5.43 26.49 -19.31
CA SER G 59 -4.30 25.72 -18.79
C SER G 59 -3.57 26.37 -17.62
N GLN G 60 -3.32 25.56 -16.60
CA GLN G 60 -2.54 25.94 -15.43
C GLN G 60 -1.03 25.84 -15.71
N GLY G 61 -0.68 25.29 -16.87
CA GLY G 61 0.71 25.08 -17.26
C GLY G 61 1.13 23.63 -17.13
N GLY G 62 2.43 23.41 -16.92
CA GLY G 62 2.98 22.07 -16.82
C GLY G 62 4.41 21.97 -17.31
N HIS G 63 4.64 21.07 -18.27
CA HIS G 63 5.99 20.79 -18.75
C HIS G 63 6.50 21.86 -19.69
N VAL G 64 7.63 22.46 -19.31
CA VAL G 64 8.21 23.59 -20.03
C VAL G 64 8.53 23.28 -21.50
N GLU G 65 9.22 22.16 -21.74
CA GLU G 65 9.59 21.78 -23.10
C GLU G 65 8.40 21.38 -23.97
N ALA G 66 7.35 20.85 -23.34
CA ALA G 66 6.10 20.58 -24.03
C ALA G 66 5.47 21.89 -24.50
N GLY G 67 5.47 22.89 -23.62
CA GLY G 67 4.99 24.22 -23.95
C GLY G 67 5.78 24.90 -25.05
N ASP G 68 7.10 24.67 -25.06
CA ASP G 68 8.00 25.21 -26.08
C ASP G 68 7.67 24.66 -27.45
N THR G 69 7.45 23.34 -27.51
CA THR G 69 7.06 22.66 -28.74
C THR G 69 5.77 23.24 -29.31
N ILE G 70 4.75 23.39 -28.48
CA ILE G 70 3.47 23.94 -28.92
C ILE G 70 3.64 25.40 -29.39
N HIS G 71 4.35 26.20 -28.60
CA HIS G 71 4.70 27.57 -28.97
C HIS G 71 5.34 27.64 -30.33
N ASP G 72 6.38 26.84 -30.53
CA ASP G 72 7.13 26.84 -31.79
C ASP G 72 6.34 26.28 -32.98
N MET G 73 5.48 25.30 -32.73
CA MET G 73 4.64 24.74 -33.80
C MET G 73 3.62 25.75 -34.33
N ILE G 74 3.11 26.59 -33.43
CA ILE G 74 2.18 27.66 -33.80
C ILE G 74 2.84 28.64 -34.77
N LYS G 75 4.10 29.00 -34.50
CA LYS G 75 4.84 29.91 -35.38
C LYS G 75 5.37 29.21 -36.63
N PHE G 76 5.59 27.90 -36.50
CA PHE G 76 6.10 27.09 -37.60
C PHE G 76 5.12 26.95 -38.76
N ILE G 77 3.86 26.65 -38.44
CA ILE G 77 2.84 26.41 -39.48
C ILE G 77 2.48 27.68 -40.24
N LYS G 78 2.04 27.53 -41.47
CA LYS G 78 1.73 28.68 -42.33
C LYS G 78 0.50 29.50 -41.89
N PRO G 79 -0.63 28.84 -41.55
CA PRO G 79 -1.83 29.61 -41.20
C PRO G 79 -1.62 30.54 -40.00
N THR G 80 -2.33 31.66 -40.01
CA THR G 80 -2.34 32.58 -38.87
C THR G 80 -3.11 31.93 -37.71
N VAL G 81 -2.59 32.08 -36.50
CA VAL G 81 -3.22 31.50 -35.32
C VAL G 81 -3.76 32.57 -34.38
N LYS G 82 -5.05 32.45 -34.04
CA LYS G 82 -5.68 33.31 -33.05
C LYS G 82 -5.82 32.54 -31.74
N VAL G 83 -5.51 33.18 -30.61
CA VAL G 83 -5.68 32.54 -29.31
C VAL G 83 -6.79 33.20 -28.48
N VAL G 84 -7.58 32.36 -27.81
CA VAL G 84 -8.59 32.84 -26.88
C VAL G 84 -8.36 32.22 -25.51
N GLY G 85 -7.96 33.07 -24.56
CA GLY G 85 -7.77 32.64 -23.19
C GLY G 85 -9.11 32.46 -22.51
N THR G 86 -9.24 31.36 -21.76
CA THR G 86 -10.48 31.05 -21.06
C THR G 86 -10.22 30.30 -19.75
N GLY G 87 -10.81 30.80 -18.66
CA GLY G 87 -10.68 30.18 -17.34
C GLY G 87 -9.41 30.65 -16.63
N TRP G 88 -8.30 30.02 -16.97
CA TRP G 88 -6.98 30.53 -16.59
C TRP G 88 -5.94 30.18 -17.60
N VAL G 89 -4.94 31.04 -17.72
CA VAL G 89 -3.78 30.79 -18.57
C VAL G 89 -2.54 31.14 -17.74
N ALA G 90 -1.76 30.12 -17.41
CA ALA G 90 -0.63 30.29 -16.49
C ALA G 90 0.62 29.54 -16.95
N SER G 91 1.78 30.13 -16.68
CA SER G 91 3.08 29.47 -16.84
C SER G 91 3.31 28.99 -18.28
N ALA G 92 3.51 27.68 -18.46
CA ALA G 92 3.69 27.11 -19.80
C ALA G 92 2.51 27.41 -20.73
N GLY G 93 1.33 27.58 -20.14
CA GLY G 93 0.14 28.00 -20.88
C GLY G 93 0.29 29.39 -21.48
N ILE G 94 0.86 30.31 -20.69
CA ILE G 94 1.14 31.68 -21.13
C ILE G 94 2.15 31.70 -22.29
N THR G 95 3.15 30.82 -22.24
CA THR G 95 4.13 30.67 -23.32
C THR G 95 3.45 30.32 -24.64
N ILE G 96 2.52 29.36 -24.58
CA ILE G 96 1.72 28.97 -25.74
C ILE G 96 0.85 30.14 -26.22
N TYR G 97 0.14 30.76 -25.28
CA TYR G 97 -0.71 31.90 -25.56
C TYR G 97 0.04 33.00 -26.32
N LEU G 98 1.27 33.29 -25.87
CA LEU G 98 2.08 34.35 -26.47
C LEU G 98 2.75 34.00 -27.79
N ALA G 99 2.45 32.81 -28.34
CA ALA G 99 2.96 32.43 -29.66
C ALA G 99 2.23 33.20 -30.78
N ALA G 100 0.99 33.57 -30.51
CA ALA G 100 0.20 34.36 -31.45
C ALA G 100 0.58 35.83 -31.41
N GLU G 101 0.50 36.49 -32.56
CA GLU G 101 0.75 37.94 -32.66
C GLU G 101 -0.24 38.72 -31.79
N LYS G 102 0.21 39.86 -31.28
CA LYS G 102 -0.57 40.63 -30.30
C LYS G 102 -2.01 40.93 -30.77
N GLU G 103 -2.16 41.30 -32.04
CA GLU G 103 -3.48 41.58 -32.63
C GLU G 103 -4.42 40.37 -32.53
N ASN G 104 -3.83 39.18 -32.47
CA ASN G 104 -4.60 37.93 -32.47
C ASN G 104 -4.70 37.26 -31.10
N ARG G 105 -4.56 38.04 -30.05
CA ARG G 105 -4.66 37.52 -28.68
C ARG G 105 -5.93 38.02 -27.99
N PHE G 106 -6.87 37.10 -27.77
CA PHE G 106 -8.16 37.44 -27.20
C PHE G 106 -8.37 36.77 -25.84
N SER G 107 -9.35 37.28 -25.09
CA SER G 107 -9.74 36.66 -23.84
C SER G 107 -11.25 36.71 -23.62
N LEU G 108 -11.78 35.60 -23.12
CA LEU G 108 -13.15 35.59 -22.59
C LEU G 108 -13.13 36.30 -21.23
N PRO G 109 -14.28 36.87 -20.81
CA PRO G 109 -14.34 37.72 -19.60
C PRO G 109 -13.87 37.07 -18.29
N ASN G 110 -14.23 35.80 -18.09
CA ASN G 110 -13.90 35.11 -16.85
C ASN G 110 -12.61 34.31 -16.94
N THR G 111 -11.49 35.04 -16.98
CA THR G 111 -10.17 34.44 -17.16
C THR G 111 -9.14 35.21 -16.32
N ARG G 112 -8.26 34.48 -15.66
CA ARG G 112 -7.11 35.08 -14.98
C ARG G 112 -5.80 34.56 -15.57
N TYR G 113 -4.75 35.37 -15.49
CA TYR G 113 -3.48 35.08 -16.14
C TYR G 113 -2.34 35.11 -15.14
N MET G 114 -1.37 34.22 -15.30
CA MET G 114 -0.23 34.19 -14.40
C MET G 114 1.09 33.95 -15.11
N ILE G 115 2.07 34.80 -14.80
CA ILE G 115 3.45 34.57 -15.19
C ILE G 115 4.30 34.39 -13.95
N HIS G 116 5.29 33.51 -14.04
CA HIS G 116 6.23 33.26 -12.94
C HIS G 116 7.49 32.65 -13.46
N GLN G 117 8.48 32.49 -12.59
CA GLN G 117 9.69 31.77 -12.94
C GLN G 117 9.51 30.30 -12.56
N PRO G 118 9.42 29.41 -13.56
CA PRO G 118 9.06 28.01 -13.36
C PRO G 118 10.18 27.17 -12.71
N ALA G 119 9.79 26.08 -12.06
CA ALA G 119 10.74 25.13 -11.49
C ALA G 119 11.14 24.09 -12.55
N GLY G 120 12.31 23.47 -12.36
CA GLY G 120 12.84 22.51 -13.32
C GLY G 120 13.05 21.12 -12.76
N GLU G 128 25.72 17.55 -10.11
CA GLU G 128 24.46 17.64 -10.85
C GLU G 128 23.70 18.93 -10.55
N ILE G 129 23.77 19.38 -9.29
CA ILE G 129 23.04 20.57 -8.84
C ILE G 129 23.56 21.87 -9.49
N GLU G 130 24.87 21.93 -9.76
CA GLU G 130 25.45 23.04 -10.51
C GLU G 130 24.98 23.03 -11.96
N ILE G 131 24.91 21.84 -12.55
CA ILE G 131 24.42 21.65 -13.92
C ILE G 131 22.93 21.99 -14.02
N GLU G 132 22.14 21.51 -13.06
CA GLU G 132 20.71 21.75 -13.01
C GLU G 132 20.39 23.22 -12.75
N ALA G 133 21.14 23.84 -11.83
CA ALA G 133 20.96 25.25 -11.49
C ALA G 133 21.22 26.16 -12.68
N LYS G 134 22.22 25.81 -13.48
CA LYS G 134 22.56 26.60 -14.67
C LYS G 134 21.45 26.52 -15.72
N GLU G 135 20.89 25.33 -15.91
CA GLU G 135 19.81 25.11 -16.87
C GLU G 135 18.53 25.86 -16.50
N ILE G 136 18.14 25.78 -15.23
CA ILE G 136 16.97 26.48 -14.71
C ILE G 136 17.11 28.01 -14.87
N ILE G 137 18.32 28.52 -14.66
CA ILE G 137 18.62 29.94 -14.85
C ILE G 137 18.48 30.36 -16.32
N ARG G 138 19.07 29.57 -17.22
CA ARG G 138 18.97 29.82 -18.66
C ARG G 138 17.52 29.73 -19.16
N MET G 139 16.79 28.76 -18.61
CA MET G 139 15.39 28.56 -18.95
C MET G 139 14.54 29.78 -18.56
N ARG G 140 14.75 30.31 -17.36
CA ARG G 140 14.02 31.47 -16.87
C ARG G 140 14.31 32.73 -17.67
N GLU G 141 15.57 32.93 -18.05
CA GLU G 141 15.97 34.03 -18.92
C GLU G 141 15.30 33.93 -20.28
N ARG G 142 15.31 32.72 -20.86
CA ARG G 142 14.69 32.47 -22.16
C ARG G 142 13.18 32.76 -22.14
N ILE G 143 12.49 32.28 -21.10
CA ILE G 143 11.05 32.50 -20.95
C ILE G 143 10.74 33.99 -20.76
N ASN G 144 11.47 34.65 -19.86
CA ASN G 144 11.29 36.08 -19.60
C ASN G 144 11.51 36.97 -20.83
N ARG G 145 12.48 36.63 -21.67
CA ARG G 145 12.71 37.36 -22.93
C ARG G 145 11.57 37.14 -23.91
N LEU G 146 11.09 35.89 -23.98
CA LEU G 146 9.94 35.53 -24.80
C LEU G 146 8.73 36.37 -24.41
N ILE G 147 8.44 36.43 -23.11
CA ILE G 147 7.32 37.21 -22.59
C ILE G 147 7.51 38.71 -22.88
N ALA G 148 8.72 39.22 -22.67
CA ALA G 148 9.06 40.61 -22.94
C ALA G 148 8.77 41.01 -24.39
N GLU G 149 9.31 40.23 -25.33
CA GLU G 149 9.14 40.44 -26.76
C GLU G 149 7.66 40.44 -27.19
N ALA G 150 6.89 39.51 -26.64
CA ALA G 150 5.48 39.35 -27.02
C ALA G 150 4.55 40.39 -26.39
N THR G 151 4.88 40.85 -25.18
CA THR G 151 4.03 41.81 -24.47
C THR G 151 4.40 43.27 -24.73
N GLY G 152 5.66 43.53 -25.07
CA GLY G 152 6.15 44.89 -25.24
C GLY G 152 6.77 45.45 -23.97
N GLN G 153 6.70 44.67 -22.90
CA GLN G 153 7.35 45.02 -21.64
C GLN G 153 8.85 44.77 -21.76
N SER G 154 9.64 45.52 -20.99
CA SER G 154 11.09 45.32 -20.98
C SER G 154 11.48 44.05 -20.23
N TYR G 155 12.62 43.48 -20.60
CA TYR G 155 13.15 42.28 -19.93
C TYR G 155 13.25 42.48 -18.42
N GLU G 156 13.72 43.65 -18.00
CA GLU G 156 13.89 43.98 -16.59
C GLU G 156 12.57 43.99 -15.81
N GLN G 157 11.50 44.49 -16.44
CA GLN G 157 10.19 44.51 -15.81
C GLN G 157 9.64 43.09 -15.61
N ILE G 158 9.74 42.28 -16.66
CA ILE G 158 9.30 40.88 -16.63
C ILE G 158 10.08 40.09 -15.57
N SER G 159 11.40 40.27 -15.56
CA SER G 159 12.27 39.61 -14.59
C SER G 159 11.87 39.95 -13.15
N LYS G 160 11.56 41.22 -12.91
CA LYS G 160 11.12 41.70 -11.60
C LYS G 160 9.76 41.13 -11.21
N ASP G 161 8.80 41.22 -12.14
CA ASP G 161 7.42 40.78 -11.88
C ASP G 161 7.28 39.27 -11.67
N THR G 162 8.12 38.48 -12.33
CA THR G 162 8.03 37.01 -12.25
C THR G 162 8.80 36.40 -11.07
N ASP G 163 9.30 37.25 -10.17
CA ASP G 163 10.04 36.78 -9.00
C ASP G 163 9.21 35.78 -8.18
N ARG G 164 7.92 36.08 -8.04
CA ARG G 164 6.95 35.14 -7.47
C ARG G 164 5.73 35.03 -8.37
N ASP G 165 4.73 34.25 -7.95
CA ASP G 165 3.52 34.06 -8.73
C ASP G 165 2.77 35.37 -8.94
N PHE G 166 2.73 35.81 -10.19
CA PHE G 166 2.19 37.12 -10.56
C PHE G 166 0.86 36.94 -11.29
N TRP G 167 -0.21 36.89 -10.51
CA TRP G 167 -1.56 36.72 -11.04
C TRP G 167 -2.16 38.01 -11.48
N LEU G 168 -2.66 38.03 -12.71
CA LEU G 168 -3.35 39.19 -13.27
C LEU G 168 -4.79 38.86 -13.60
N SER G 169 -5.70 39.78 -13.29
CA SER G 169 -7.09 39.69 -13.74
C SER G 169 -7.11 39.96 -15.25
N VAL G 170 -8.25 39.70 -15.89
CA VAL G 170 -8.35 39.86 -17.35
C VAL G 170 -8.04 41.30 -17.82
N ASN G 171 -8.52 42.29 -17.08
CA ASN G 171 -8.27 43.70 -17.39
C ASN G 171 -6.81 44.11 -17.15
N GLU G 172 -6.20 43.52 -16.12
CA GLU G 172 -4.80 43.77 -15.80
C GLU G 172 -3.88 43.15 -16.84
N ALA G 173 -4.23 41.95 -17.31
CA ALA G 173 -3.47 41.26 -18.36
C ALA G 173 -3.53 42.04 -19.68
N LYS G 174 -4.66 42.71 -19.91
CA LYS G 174 -4.83 43.59 -21.06
C LYS G 174 -3.88 44.79 -20.98
N ASP G 175 -3.85 45.45 -19.82
CA ASP G 175 -2.94 46.58 -19.57
C ASP G 175 -1.47 46.19 -19.66
N TYR G 176 -1.17 44.94 -19.28
CA TYR G 176 0.20 44.42 -19.26
C TYR G 176 0.71 44.02 -20.64
N GLY G 177 -0.20 43.89 -21.59
CA GLY G 177 0.16 43.51 -22.96
C GLY G 177 0.03 42.03 -23.29
N ILE G 178 -0.45 41.23 -22.34
CA ILE G 178 -0.71 39.81 -22.59
C ILE G 178 -1.95 39.68 -23.48
N VAL G 179 -3.07 40.22 -23.01
CA VAL G 179 -4.33 40.21 -23.74
C VAL G 179 -4.45 41.49 -24.57
N ASN G 180 -4.89 41.36 -25.82
CA ASN G 180 -5.15 42.51 -26.69
C ASN G 180 -6.60 42.96 -26.62
N GLU G 181 -7.52 42.00 -26.63
CA GLU G 181 -8.95 42.32 -26.64
C GLU G 181 -9.77 41.33 -25.83
N ILE G 182 -10.65 41.86 -24.98
CA ILE G 182 -11.60 41.06 -24.22
C ILE G 182 -12.91 40.96 -25.00
N ILE G 183 -13.29 39.73 -25.33
CA ILE G 183 -14.50 39.47 -26.13
C ILE G 183 -15.50 38.59 -25.39
N GLU G 184 -16.78 38.84 -25.64
CA GLU G 184 -17.85 38.07 -25.00
C GLU G 184 -18.58 37.18 -26.01
N ASN G 185 -18.74 37.68 -27.23
CA ASN G 185 -19.48 36.97 -28.27
C ASN G 185 -18.62 36.64 -29.50
N ARG G 186 -19.16 35.78 -30.37
CA ARG G 186 -18.53 35.40 -31.63
C ARG G 186 -18.15 36.58 -32.51
N ASP G 187 -19.06 37.54 -32.64
CA ASP G 187 -18.83 38.74 -33.46
C ASP G 187 -17.64 39.56 -32.96
N GLY G 188 -17.19 39.30 -31.74
CA GLY G 188 -16.00 39.91 -31.18
C GLY G 188 -14.73 39.48 -31.87
N LEU G 189 -14.69 38.21 -32.30
CA LEU G 189 -13.59 37.70 -33.11
C LEU G 189 -13.56 38.30 -34.51
N LYS G 190 -14.75 38.66 -35.01
CA LYS G 190 -14.95 39.28 -36.34
C LYS G 190 -13.96 38.85 -37.43
N ILE H 13 23.00 -10.25 38.60
CA ILE H 13 23.45 -11.67 38.71
C ILE H 13 23.01 -12.48 37.48
N LEU H 14 22.15 -11.86 36.66
CA LEU H 14 21.59 -12.51 35.47
C LEU H 14 22.59 -12.68 34.32
N THR H 15 23.34 -11.62 34.00
CA THR H 15 24.40 -11.69 32.99
C THR H 15 25.77 -11.82 33.66
N GLN H 16 25.81 -11.58 34.97
CA GLN H 16 27.03 -11.68 35.76
C GLN H 16 27.73 -13.03 35.63
N LYS H 17 26.96 -14.11 35.73
CA LYS H 17 27.49 -15.46 35.55
C LYS H 17 27.68 -15.81 34.07
N LEU H 18 26.90 -15.15 33.22
CA LEU H 18 27.01 -15.32 31.77
C LEU H 18 28.31 -14.70 31.25
N ILE H 19 28.71 -13.58 31.85
CA ILE H 19 29.97 -12.91 31.53
C ILE H 19 31.17 -13.77 31.96
N ASP H 20 31.01 -14.49 33.06
CA ASP H 20 32.03 -15.41 33.58
C ASP H 20 32.37 -16.52 32.58
N THR H 21 31.40 -16.93 31.78
CA THR H 21 31.60 -18.01 30.80
C THR H 21 32.46 -17.58 29.61
N ARG H 22 32.66 -16.26 29.47
CA ARG H 22 33.46 -15.67 28.38
C ARG H 22 33.03 -16.20 27.01
N THR H 23 31.75 -16.05 26.73
CA THR H 23 31.13 -16.57 25.51
C THR H 23 30.40 -15.45 24.76
N VAL H 24 30.62 -15.40 23.45
CA VAL H 24 29.94 -14.46 22.57
C VAL H 24 29.16 -15.25 21.51
N LEU H 25 27.88 -14.94 21.36
CA LEU H 25 27.07 -15.53 20.31
C LEU H 25 26.90 -14.55 19.15
N ILE H 26 27.24 -15.01 17.95
CA ILE H 26 27.00 -14.27 16.73
C ILE H 26 26.02 -15.09 15.89
N TYR H 27 24.72 -14.83 16.08
CA TYR H 27 23.66 -15.53 15.39
C TYR H 27 22.89 -14.55 14.52
N GLY H 28 22.61 -14.94 13.28
CA GLY H 28 21.84 -14.10 12.36
C GLY H 28 22.68 -13.25 11.43
N GLU H 29 22.01 -12.26 10.83
CA GLU H 29 22.59 -11.38 9.82
C GLU H 29 23.71 -10.48 10.36
N ILE H 30 24.85 -10.48 9.66
CA ILE H 30 25.95 -9.58 9.99
C ILE H 30 25.63 -8.17 9.51
N ASN H 31 25.53 -7.25 10.46
CA ASN H 31 25.34 -5.83 10.15
C ASN H 31 26.06 -4.97 11.19
N GLN H 32 26.05 -3.65 10.99
CA GLN H 32 26.78 -2.72 11.85
C GLN H 32 26.30 -2.70 13.31
N GLU H 33 25.01 -2.92 13.49
CA GLU H 33 24.43 -2.99 14.83
C GLU H 33 24.96 -4.22 15.58
N LEU H 34 25.04 -5.35 14.88
CA LEU H 34 25.61 -6.57 15.48
C LEU H 34 27.10 -6.36 15.74
N ALA H 35 27.81 -5.76 14.80
CA ALA H 35 29.24 -5.44 14.96
C ALA H 35 29.51 -4.58 16.20
N GLU H 36 28.66 -3.58 16.44
CA GLU H 36 28.76 -2.73 17.63
C GLU H 36 28.54 -3.53 18.91
N ASP H 37 27.51 -4.37 18.90
CA ASP H 37 27.18 -5.25 20.01
C ASP H 37 28.33 -6.22 20.31
N VAL H 38 28.83 -6.87 19.26
CA VAL H 38 29.95 -7.79 19.38
C VAL H 38 31.23 -7.08 19.87
N SER H 39 31.49 -5.90 19.32
CA SER H 39 32.65 -5.09 19.73
C SER H 39 32.62 -4.76 21.22
N LYS H 40 31.45 -4.35 21.70
CA LYS H 40 31.27 -4.02 23.11
C LYS H 40 31.51 -5.23 24.03
N GLN H 41 31.00 -6.38 23.62
CA GLN H 41 31.20 -7.62 24.38
C GLN H 41 32.67 -8.04 24.44
N LEU H 42 33.38 -7.93 23.31
CA LEU H 42 34.80 -8.31 23.26
C LEU H 42 35.66 -7.38 24.10
N LEU H 43 35.41 -6.07 23.98
CA LEU H 43 36.16 -5.07 24.75
C LEU H 43 35.91 -5.19 26.26
N LEU H 44 34.68 -5.58 26.63
CA LEU H 44 34.33 -5.83 28.03
C LEU H 44 35.10 -7.03 28.59
N LEU H 45 35.09 -8.15 27.86
CA LEU H 45 35.78 -9.36 28.28
C LEU H 45 37.29 -9.17 28.35
N GLU H 46 37.82 -8.37 27.42
CA GLU H 46 39.25 -8.02 27.41
C GLU H 46 39.65 -7.21 28.65
N SER H 47 38.80 -6.28 29.04
CA SER H 47 39.06 -5.42 30.20
C SER H 47 39.02 -6.18 31.52
N ILE H 48 38.31 -7.30 31.56
CA ILE H 48 38.22 -8.13 32.76
C ILE H 48 39.47 -8.98 32.95
N SER H 49 39.81 -9.79 31.94
CA SER H 49 41.00 -10.65 31.99
C SER H 49 41.52 -10.95 30.58
N ASN H 50 42.65 -11.64 30.52
CA ASN H 50 43.20 -12.08 29.24
C ASN H 50 42.92 -13.56 28.96
N ASP H 51 41.98 -14.14 29.71
CA ASP H 51 41.53 -15.51 29.50
C ASP H 51 40.89 -15.68 28.12
N PRO H 52 40.95 -16.90 27.54
CA PRO H 52 40.37 -17.15 26.21
C PRO H 52 38.88 -16.83 26.11
N ILE H 53 38.46 -16.40 24.92
CA ILE H 53 37.05 -16.12 24.64
C ILE H 53 36.55 -17.13 23.59
N THR H 54 35.34 -17.65 23.80
CA THR H 54 34.70 -18.55 22.83
C THR H 54 33.55 -17.85 22.10
N ILE H 55 33.57 -17.93 20.78
CA ILE H 55 32.50 -17.38 19.95
C ILE H 55 31.78 -18.50 19.19
N PHE H 56 30.46 -18.58 19.38
CA PHE H 56 29.61 -19.48 18.60
C PHE H 56 28.99 -18.67 17.47
N ILE H 57 29.20 -19.13 16.23
CA ILE H 57 28.73 -18.42 15.04
C ILE H 57 27.71 -19.24 14.24
N ASN H 58 26.51 -18.70 14.10
CA ASN H 58 25.49 -19.21 13.20
C ASN H 58 25.06 -18.03 12.34
N SER H 59 25.61 -17.93 11.13
CA SER H 59 25.36 -16.76 10.29
C SER H 59 25.47 -17.00 8.78
N GLN H 60 24.42 -16.58 8.08
CA GLN H 60 24.35 -16.59 6.62
C GLN H 60 25.18 -15.46 6.00
N GLY H 61 25.72 -14.59 6.86
CA GLY H 61 26.52 -13.45 6.43
C GLY H 61 25.71 -12.18 6.40
N GLY H 62 26.10 -11.26 5.52
CA GLY H 62 25.44 -9.95 5.42
C GLY H 62 26.39 -8.87 4.99
N HIS H 63 26.49 -7.82 5.80
CA HIS H 63 27.24 -6.62 5.45
C HIS H 63 28.72 -6.86 5.56
N VAL H 64 29.41 -6.74 4.41
CA VAL H 64 30.84 -7.03 4.31
C VAL H 64 31.68 -6.23 5.30
N GLU H 65 31.48 -4.92 5.35
CA GLU H 65 32.30 -4.05 6.21
C GLU H 65 32.04 -4.24 7.70
N ALA H 66 30.84 -4.70 8.05
CA ALA H 66 30.52 -5.08 9.43
C ALA H 66 31.26 -6.36 9.81
N GLY H 67 31.34 -7.29 8.86
CA GLY H 67 32.13 -8.52 9.04
C GLY H 67 33.61 -8.22 9.18
N ASP H 68 34.09 -7.24 8.43
CA ASP H 68 35.49 -6.80 8.49
C ASP H 68 35.83 -6.27 9.88
N THR H 69 34.96 -5.43 10.42
CA THR H 69 35.13 -4.88 11.76
C THR H 69 35.22 -5.97 12.83
N ILE H 70 34.30 -6.93 12.81
CA ILE H 70 34.31 -8.03 13.79
C ILE H 70 35.57 -8.88 13.66
N HIS H 71 35.94 -9.20 12.41
CA HIS H 71 37.17 -9.94 12.11
C HIS H 71 38.39 -9.26 12.71
N ASP H 72 38.55 -7.98 12.41
CA ASP H 72 39.69 -7.21 12.91
C ASP H 72 39.66 -6.99 14.43
N MET H 73 38.46 -6.89 15.00
CA MET H 73 38.33 -6.75 16.46
C MET H 73 38.80 -8.01 17.20
N ILE H 74 38.49 -9.18 16.62
CA ILE H 74 38.93 -10.46 17.16
C ILE H 74 40.46 -10.56 17.25
N LYS H 75 41.16 -10.10 16.20
CA LYS H 75 42.62 -10.11 16.19
C LYS H 75 43.21 -8.96 17.01
N PHE H 76 42.45 -7.88 17.13
CA PHE H 76 42.90 -6.68 17.85
C PHE H 76 43.01 -6.87 19.36
N ILE H 77 42.07 -7.60 19.95
CA ILE H 77 42.06 -7.81 21.41
C ILE H 77 43.16 -8.78 21.86
N LYS H 78 43.58 -8.64 23.11
CA LYS H 78 44.65 -9.49 23.66
C LYS H 78 44.26 -10.96 23.86
N PRO H 79 43.06 -11.24 24.41
CA PRO H 79 42.71 -12.65 24.66
C PRO H 79 42.63 -13.48 23.39
N THR H 80 42.99 -14.75 23.50
CA THR H 80 42.87 -15.70 22.40
C THR H 80 41.38 -16.00 22.17
N VAL H 81 40.97 -16.07 20.91
CA VAL H 81 39.59 -16.31 20.56
C VAL H 81 39.41 -17.66 19.88
N LYS H 82 38.55 -18.50 20.45
CA LYS H 82 38.16 -19.76 19.84
C LYS H 82 36.81 -19.58 19.15
N VAL H 83 36.65 -20.15 17.96
CA VAL H 83 35.37 -20.08 17.25
C VAL H 83 34.74 -21.46 17.11
N VAL H 84 33.42 -21.49 17.23
CA VAL H 84 32.65 -22.72 17.08
C VAL H 84 31.53 -22.46 16.09
N GLY H 85 31.61 -23.13 14.95
CA GLY H 85 30.60 -23.00 13.91
C GLY H 85 29.41 -23.88 14.21
N THR H 86 28.21 -23.32 14.03
CA THR H 86 26.98 -24.05 14.28
C THR H 86 25.86 -23.67 13.31
N GLY H 87 25.15 -24.66 12.79
CA GLY H 87 24.03 -24.42 11.87
C GLY H 87 24.53 -24.13 10.47
N TRP H 88 24.93 -22.88 10.24
CA TRP H 88 25.66 -22.50 9.03
C TRP H 88 26.56 -21.32 9.25
N VAL H 89 27.66 -21.28 8.49
CA VAL H 89 28.60 -20.17 8.51
C VAL H 89 28.91 -19.83 7.06
N ALA H 90 28.52 -18.63 6.63
CA ALA H 90 28.60 -18.28 5.21
C ALA H 90 28.96 -16.83 4.98
N SER H 91 29.69 -16.59 3.88
CA SER H 91 29.98 -15.26 3.37
C SER H 91 30.70 -14.41 4.44
N ALA H 92 30.13 -13.27 4.82
CA ALA H 92 30.72 -12.40 5.86
C ALA H 92 30.89 -13.13 7.21
N GLY H 93 30.06 -14.16 7.43
CA GLY H 93 30.19 -15.02 8.60
C GLY H 93 31.47 -15.86 8.58
N ILE H 94 31.90 -16.25 7.39
CA ILE H 94 33.16 -16.98 7.21
C ILE H 94 34.36 -16.08 7.49
N THR H 95 34.28 -14.82 7.06
CA THR H 95 35.31 -13.82 7.35
C THR H 95 35.55 -13.69 8.86
N ILE H 96 34.47 -13.63 9.63
CA ILE H 96 34.55 -13.59 11.09
C ILE H 96 35.15 -14.89 11.64
N TYR H 97 34.65 -16.02 11.15
CA TYR H 97 35.12 -17.34 11.57
C TYR H 97 36.63 -17.50 11.39
N LEU H 98 37.14 -17.02 10.26
CA LEU H 98 38.55 -17.17 9.92
C LEU H 98 39.48 -16.23 10.67
N ALA H 99 38.92 -15.36 11.51
CA ALA H 99 39.72 -14.46 12.33
C ALA H 99 40.51 -15.19 13.41
N ALA H 100 40.01 -16.36 13.82
CA ALA H 100 40.68 -17.19 14.80
C ALA H 100 41.81 -18.00 14.15
N GLU H 101 42.83 -18.32 14.94
CA GLU H 101 43.94 -19.16 14.48
C GLU H 101 43.41 -20.56 14.19
N LYS H 102 44.02 -21.22 13.20
CA LYS H 102 43.54 -22.51 12.71
C LYS H 102 43.22 -23.51 13.82
N GLU H 103 44.13 -23.62 14.80
CA GLU H 103 43.97 -24.58 15.91
C GLU H 103 42.75 -24.30 16.79
N ASN H 104 42.27 -23.07 16.75
CA ASN H 104 41.13 -22.64 17.56
C ASN H 104 39.82 -22.55 16.76
N ARG H 105 39.79 -23.23 15.62
CA ARG H 105 38.59 -23.23 14.77
C ARG H 105 37.86 -24.56 14.86
N PHE H 106 36.72 -24.54 15.52
CA PHE H 106 35.94 -25.73 15.80
C PHE H 106 34.61 -25.69 15.06
N SER H 107 34.00 -26.86 14.89
CA SER H 107 32.64 -26.95 14.36
C SER H 107 31.81 -27.99 15.09
N LEU H 108 30.55 -27.65 15.31
CA LEU H 108 29.55 -28.61 15.76
C LEU H 108 29.14 -29.45 14.54
N PRO H 109 28.64 -30.69 14.77
CA PRO H 109 28.44 -31.63 13.65
C PRO H 109 27.43 -31.19 12.58
N ASN H 110 26.32 -30.58 12.98
CA ASN H 110 25.30 -30.16 12.01
C ASN H 110 25.50 -28.73 11.54
N THR H 111 26.55 -28.53 10.75
CA THR H 111 26.91 -27.23 10.21
C THR H 111 27.34 -27.38 8.75
N ARG H 112 26.96 -26.41 7.92
CA ARG H 112 27.49 -26.29 6.57
C ARG H 112 28.12 -24.92 6.34
N TYR H 113 29.10 -24.87 5.45
CA TYR H 113 29.90 -23.68 5.24
C TYR H 113 29.83 -23.23 3.80
N MET H 114 29.82 -21.91 3.59
CA MET H 114 29.81 -21.39 2.24
C MET H 114 30.74 -20.21 2.07
N ILE H 115 31.48 -20.25 0.97
CA ILE H 115 32.28 -19.12 0.53
C ILE H 115 31.86 -18.76 -0.90
N HIS H 116 31.90 -17.46 -1.21
CA HIS H 116 31.56 -16.97 -2.54
C HIS H 116 32.12 -15.59 -2.72
N GLN H 117 31.88 -15.01 -3.88
CA GLN H 117 32.26 -13.62 -4.13
C GLN H 117 31.03 -12.73 -3.97
N PRO H 118 30.97 -12.01 -2.83
CA PRO H 118 29.78 -11.26 -2.39
C PRO H 118 29.37 -10.10 -3.29
N ALA H 119 28.14 -9.65 -3.13
CA ALA H 119 27.62 -8.48 -3.82
C ALA H 119 28.07 -7.20 -3.11
N GLY H 120 27.78 -6.05 -3.71
CA GLY H 120 28.13 -4.76 -3.12
C GLY H 120 26.95 -3.79 -3.05
N GLU H 128 29.51 6.13 -12.17
CA GLU H 128 29.51 5.42 -10.88
C GLU H 128 29.74 3.93 -11.05
N ILE H 129 29.23 3.37 -12.15
CA ILE H 129 29.31 1.94 -12.44
C ILE H 129 30.75 1.45 -12.57
N GLU H 130 31.61 2.27 -13.16
CA GLU H 130 33.04 1.97 -13.27
C GLU H 130 33.73 1.98 -11.89
N ILE H 131 33.36 2.95 -11.08
CA ILE H 131 33.88 3.08 -9.71
C ILE H 131 33.40 1.92 -8.84
N GLU H 132 32.11 1.61 -8.94
CA GLU H 132 31.48 0.51 -8.20
C GLU H 132 32.08 -0.85 -8.59
N ALA H 133 32.29 -1.04 -9.90
CA ALA H 133 32.87 -2.27 -10.43
C ALA H 133 34.29 -2.50 -9.91
N LYS H 134 35.06 -1.41 -9.85
CA LYS H 134 36.43 -1.49 -9.34
C LYS H 134 36.45 -1.88 -7.87
N GLU H 135 35.55 -1.29 -7.09
CA GLU H 135 35.46 -1.57 -5.66
C GLU H 135 35.04 -3.00 -5.35
N ILE H 136 34.08 -3.53 -6.11
CA ILE H 136 33.65 -4.92 -5.97
C ILE H 136 34.79 -5.89 -6.29
N ILE H 137 35.59 -5.56 -7.31
CA ILE H 137 36.76 -6.36 -7.67
C ILE H 137 37.81 -6.37 -6.54
N ARG H 138 38.17 -5.18 -6.06
CA ARG H 138 39.15 -5.03 -4.98
C ARG H 138 38.69 -5.73 -3.70
N MET H 139 37.42 -5.56 -3.35
CA MET H 139 36.83 -6.22 -2.19
C MET H 139 36.93 -7.73 -2.31
N ARG H 140 36.56 -8.27 -3.47
CA ARG H 140 36.62 -9.72 -3.73
C ARG H 140 38.03 -10.27 -3.67
N GLU H 141 39.01 -9.49 -4.13
CA GLU H 141 40.43 -9.85 -3.98
C GLU H 141 40.80 -9.90 -2.50
N ARG H 142 40.52 -8.82 -1.79
CA ARG H 142 40.83 -8.69 -0.37
C ARG H 142 40.25 -9.86 0.45
N ILE H 143 38.98 -10.17 0.19
CA ILE H 143 38.31 -11.28 0.89
C ILE H 143 38.94 -12.63 0.54
N ASN H 144 39.18 -12.86 -0.75
CA ASN H 144 39.77 -14.12 -1.22
C ASN H 144 41.18 -14.36 -0.68
N ARG H 145 41.96 -13.29 -0.55
CA ARG H 145 43.31 -13.38 0.02
C ARG H 145 43.26 -13.66 1.52
N LEU H 146 42.26 -13.09 2.19
CA LEU H 146 42.01 -13.38 3.61
C LEU H 146 41.70 -14.86 3.79
N ILE H 147 40.82 -15.40 2.95
CA ILE H 147 40.42 -16.81 3.02
C ILE H 147 41.60 -17.74 2.71
N ALA H 148 42.41 -17.36 1.73
CA ALA H 148 43.60 -18.14 1.34
C ALA H 148 44.60 -18.25 2.49
N GLU H 149 44.97 -17.11 3.07
CA GLU H 149 45.89 -17.03 4.20
C GLU H 149 45.44 -17.86 5.41
N ALA H 150 44.13 -17.81 5.70
CA ALA H 150 43.56 -18.53 6.85
C ALA H 150 43.46 -20.03 6.66
N THR H 151 43.10 -20.46 5.45
CA THR H 151 42.87 -21.88 5.16
C THR H 151 44.13 -22.64 4.72
N GLY H 152 45.12 -21.92 4.20
CA GLY H 152 46.31 -22.56 3.63
C GLY H 152 46.15 -22.89 2.16
N GLN H 153 44.95 -22.65 1.62
CA GLN H 153 44.68 -22.80 0.20
C GLN H 153 45.33 -21.67 -0.57
N SER H 154 45.68 -21.91 -1.83
CA SER H 154 46.24 -20.88 -2.69
C SER H 154 45.16 -19.88 -3.07
N TYR H 155 45.57 -18.64 -3.34
CA TYR H 155 44.65 -17.60 -3.79
C TYR H 155 43.90 -18.02 -5.06
N GLU H 156 44.58 -18.74 -5.94
CA GLU H 156 44.00 -19.20 -7.19
C GLU H 156 42.91 -20.24 -6.97
N GLN H 157 43.10 -21.10 -5.97
CA GLN H 157 42.10 -22.10 -5.61
C GLN H 157 40.83 -21.44 -5.04
N ILE H 158 41.01 -20.44 -4.19
CA ILE H 158 39.90 -19.70 -3.58
C ILE H 158 39.13 -18.94 -4.64
N SER H 159 39.87 -18.18 -5.47
CA SER H 159 39.30 -17.39 -6.55
C SER H 159 38.45 -18.22 -7.52
N LYS H 160 38.90 -19.44 -7.78
CA LYS H 160 38.18 -20.38 -8.64
C LYS H 160 36.92 -20.93 -7.96
N ASP H 161 37.08 -21.40 -6.73
CA ASP H 161 35.98 -22.01 -5.96
C ASP H 161 34.86 -21.02 -5.62
N THR H 162 35.22 -19.77 -5.37
CA THR H 162 34.25 -18.73 -5.00
C THR H 162 33.53 -18.10 -6.19
N ASP H 163 33.71 -18.67 -7.38
CA ASP H 163 33.06 -18.17 -8.60
C ASP H 163 31.54 -18.18 -8.46
N ARG H 164 31.01 -19.27 -7.88
CA ARG H 164 29.61 -19.35 -7.50
C ARG H 164 29.51 -19.79 -6.05
N ASP H 165 28.29 -19.86 -5.52
CA ASP H 165 28.06 -20.30 -4.14
C ASP H 165 28.64 -21.68 -3.87
N PHE H 166 29.73 -21.71 -3.10
CA PHE H 166 30.49 -22.93 -2.86
C PHE H 166 30.21 -23.49 -1.46
N TRP H 167 29.21 -24.37 -1.39
CA TRP H 167 28.80 -24.98 -0.13
C TRP H 167 29.63 -26.18 0.20
N LEU H 168 30.00 -26.30 1.46
CA LEU H 168 30.78 -27.42 1.96
C LEU H 168 30.14 -28.00 3.20
N SER H 169 30.00 -29.32 3.23
CA SER H 169 29.60 -30.03 4.43
C SER H 169 30.68 -29.83 5.50
N VAL H 170 30.37 -30.20 6.74
CA VAL H 170 31.32 -30.02 7.86
C VAL H 170 32.66 -30.75 7.63
N ASN H 171 32.60 -31.97 7.11
CA ASN H 171 33.79 -32.75 6.80
C ASN H 171 34.58 -32.19 5.62
N GLU H 172 33.85 -31.69 4.62
CA GLU H 172 34.47 -31.02 3.47
C GLU H 172 35.14 -29.70 3.87
N ALA H 173 34.55 -29.00 4.83
CA ALA H 173 35.11 -27.73 5.33
C ALA H 173 36.40 -27.96 6.11
N LYS H 174 36.47 -29.09 6.82
CA LYS H 174 37.68 -29.48 7.54
C LYS H 174 38.80 -29.84 6.56
N ASP H 175 38.48 -30.64 5.55
CA ASP H 175 39.44 -31.00 4.49
C ASP H 175 39.94 -29.76 3.75
N TYR H 176 39.07 -28.75 3.63
CA TYR H 176 39.37 -27.51 2.92
C TYR H 176 40.24 -26.57 3.75
N GLY H 177 40.31 -26.82 5.05
CA GLY H 177 41.13 -26.02 5.96
C GLY H 177 40.38 -24.89 6.66
N ILE H 178 39.05 -24.88 6.53
CA ILE H 178 38.22 -23.88 7.22
C ILE H 178 38.04 -24.31 8.68
N VAL H 179 37.53 -25.53 8.86
CA VAL H 179 37.36 -26.13 10.17
C VAL H 179 38.60 -26.96 10.50
N ASN H 180 39.04 -26.87 11.76
CA ASN H 180 40.16 -27.68 12.23
C ASN H 180 39.69 -28.99 12.88
N GLU H 181 38.71 -28.87 13.77
CA GLU H 181 38.20 -30.03 14.52
C GLU H 181 36.69 -30.01 14.62
N ILE H 182 36.08 -31.17 14.35
CA ILE H 182 34.64 -31.35 14.56
C ILE H 182 34.42 -31.92 15.95
N ILE H 183 33.65 -31.20 16.76
CA ILE H 183 33.40 -31.59 18.14
C ILE H 183 31.90 -31.76 18.41
N GLU H 184 31.57 -32.65 19.35
CA GLU H 184 30.18 -32.88 19.73
C GLU H 184 29.91 -32.42 21.17
N ASN H 185 30.92 -32.53 22.02
CA ASN H 185 30.79 -32.24 23.45
C ASN H 185 31.73 -31.13 23.95
N ARG H 186 31.47 -30.68 25.17
CA ARG H 186 32.32 -29.71 25.87
C ARG H 186 33.80 -30.07 25.86
N ASP H 187 34.10 -31.31 26.23
CA ASP H 187 35.48 -31.80 26.34
C ASP H 187 36.26 -31.76 25.02
N GLY H 188 35.52 -31.60 23.91
CA GLY H 188 36.12 -31.42 22.60
C GLY H 188 36.92 -30.13 22.50
N LEU H 189 36.45 -29.10 23.20
CA LEU H 189 37.17 -27.82 23.30
C LEU H 189 38.43 -27.94 24.17
N LYS H 190 38.38 -28.88 25.12
CA LYS H 190 39.47 -29.16 26.07
C LYS H 190 40.30 -27.94 26.52
N ILE I 13 26.86 -2.54 36.82
CA ILE I 13 28.33 -2.66 36.58
C ILE I 13 28.63 -3.11 35.14
N LEU I 14 27.59 -3.08 34.29
CA LEU I 14 27.71 -3.52 32.89
C LEU I 14 28.44 -2.50 32.00
N THR I 15 28.14 -1.21 32.21
CA THR I 15 28.78 -0.13 31.46
C THR I 15 29.84 0.58 32.32
N GLN I 16 29.86 0.24 33.61
CA GLN I 16 30.83 0.78 34.57
C GLN I 16 32.28 0.47 34.16
N LYS I 17 32.54 -0.80 33.83
CA LYS I 17 33.87 -1.21 33.37
C LYS I 17 34.09 -0.85 31.90
N LEU I 18 33.01 -0.66 31.16
CA LEU I 18 33.08 -0.18 29.79
C LEU I 18 33.43 1.30 29.71
N ILE I 19 32.98 2.06 30.71
CA ILE I 19 33.26 3.50 30.80
C ILE I 19 34.73 3.72 31.17
N ASP I 20 35.32 2.74 31.84
CA ASP I 20 36.72 2.78 32.27
C ASP I 20 37.68 2.63 31.10
N THR I 21 37.23 1.94 30.04
CA THR I 21 38.05 1.73 28.85
C THR I 21 38.19 3.00 28.02
N ARG I 22 37.33 3.99 28.30
CA ARG I 22 37.33 5.28 27.61
C ARG I 22 37.29 5.13 26.09
N THR I 23 36.31 4.33 25.66
CA THR I 23 36.14 3.97 24.27
C THR I 23 34.73 4.34 23.79
N VAL I 24 34.66 4.95 22.61
CA VAL I 24 33.40 5.31 21.96
C VAL I 24 33.33 4.60 20.61
N LEU I 25 32.21 3.96 20.34
CA LEU I 25 31.98 3.33 19.05
C LEU I 25 31.05 4.18 18.19
N ILE I 26 31.51 4.52 16.99
CA ILE I 26 30.68 5.22 16.00
C ILE I 26 30.49 4.28 14.81
N TYR I 27 29.46 3.44 14.91
CA TYR I 27 29.15 2.43 13.90
C TYR I 27 27.83 2.77 13.22
N GLY I 28 27.85 2.85 11.89
CA GLY I 28 26.63 3.10 11.11
C GLY I 28 26.49 4.52 10.60
N GLU I 29 25.27 4.86 10.20
CA GLU I 29 24.94 6.14 9.57
C GLU I 29 25.10 7.33 10.50
N ILE I 30 25.80 8.37 10.02
CA ILE I 30 25.96 9.60 10.78
C ILE I 30 24.65 10.40 10.70
N ASN I 31 24.02 10.58 11.85
CA ASN I 31 22.84 11.44 11.96
C ASN I 31 22.82 12.20 13.28
N GLN I 32 21.81 13.04 13.47
CA GLN I 32 21.71 13.87 14.67
C GLN I 32 21.52 13.07 15.96
N GLU I 33 20.77 11.97 15.86
CA GLU I 33 20.58 11.06 16.98
C GLU I 33 21.92 10.44 17.42
N LEU I 34 22.72 10.04 16.43
CA LEU I 34 24.05 9.50 16.72
C LEU I 34 24.98 10.59 17.26
N ALA I 35 24.89 11.78 16.69
CA ALA I 35 25.67 12.93 17.17
C ALA I 35 25.35 13.28 18.62
N GLU I 36 24.09 13.13 19.02
CA GLU I 36 23.68 13.38 20.40
C GLU I 36 24.21 12.31 21.35
N ASP I 37 24.17 11.06 20.89
CA ASP I 37 24.67 9.91 21.66
C ASP I 37 26.18 10.04 21.88
N VAL I 38 26.90 10.35 20.81
CA VAL I 38 28.35 10.53 20.85
C VAL I 38 28.76 11.75 21.69
N SER I 39 28.03 12.86 21.54
CA SER I 39 28.26 14.07 22.33
C SER I 39 28.14 13.82 23.83
N LYS I 40 27.13 13.04 24.22
CA LYS I 40 26.89 12.70 25.62
C LYS I 40 28.02 11.84 26.21
N GLN I 41 28.50 10.88 25.43
CA GLN I 41 29.59 10.00 25.85
C GLN I 41 30.90 10.78 26.02
N LEU I 42 31.20 11.65 25.06
CA LEU I 42 32.42 12.45 25.09
C LEU I 42 32.40 13.44 26.26
N LEU I 43 31.24 14.05 26.52
CA LEU I 43 31.07 14.98 27.64
C LEU I 43 31.17 14.27 28.99
N LEU I 44 30.67 13.04 29.06
CA LEU I 44 30.78 12.23 30.27
C LEU I 44 32.24 11.87 30.58
N LEU I 45 32.95 11.36 29.57
CA LEU I 45 34.35 10.94 29.74
C LEU I 45 35.25 12.12 30.09
N GLU I 46 34.94 13.30 29.54
CA GLU I 46 35.64 14.53 29.88
C GLU I 46 35.44 14.91 31.34
N SER I 47 34.22 14.73 31.84
CA SER I 47 33.89 15.07 33.22
C SER I 47 34.57 14.14 34.22
N ILE I 48 34.94 12.94 33.76
CA ILE I 48 35.61 11.94 34.61
C ILE I 48 37.11 12.24 34.75
N SER I 49 37.80 12.45 33.62
CA SER I 49 39.24 12.72 33.62
C SER I 49 39.73 13.32 32.31
N ASN I 50 41.02 13.66 32.26
CA ASN I 50 41.65 14.17 31.06
C ASN I 50 42.45 13.11 30.31
N ASP I 51 42.27 11.85 30.71
CA ASP I 51 42.89 10.71 30.03
C ASP I 51 42.38 10.59 28.59
N PRO I 52 43.23 10.05 27.68
CA PRO I 52 42.87 9.92 26.26
C PRO I 52 41.61 9.08 26.02
N ILE I 53 40.92 9.38 24.93
CA ILE I 53 39.72 8.63 24.52
C ILE I 53 40.00 7.99 23.16
N THR I 54 39.59 6.74 23.00
CA THR I 54 39.73 6.03 21.74
C THR I 54 38.37 5.87 21.05
N ILE I 55 38.28 6.31 19.79
CA ILE I 55 37.05 6.17 19.02
C ILE I 55 37.26 5.21 17.85
N PHE I 56 36.46 4.14 17.82
CA PHE I 56 36.39 3.24 16.68
C PHE I 56 35.28 3.72 15.74
N ILE I 57 35.61 3.89 14.47
CA ILE I 57 34.66 4.39 13.47
C ILE I 57 34.45 3.40 12.33
N ASN I 58 33.21 2.93 12.19
CA ASN I 58 32.76 2.17 11.02
C ASN I 58 31.55 2.90 10.47
N SER I 59 31.77 3.75 9.46
CA SER I 59 30.67 4.57 8.92
C SER I 59 30.79 4.91 7.45
N GLN I 60 29.69 4.71 6.75
CA GLN I 60 29.50 5.08 5.35
C GLN I 60 29.22 6.58 5.20
N GLY I 61 29.10 7.26 6.33
CA GLY I 61 28.76 8.68 6.35
C GLY I 61 27.29 8.90 6.61
N GLY I 62 26.76 10.01 6.09
CA GLY I 62 25.36 10.38 6.29
C GLY I 62 25.18 11.89 6.30
N HIS I 63 24.63 12.40 7.40
CA HIS I 63 24.28 13.81 7.52
C HIS I 63 25.49 14.67 7.79
N VAL I 64 25.67 15.68 6.95
CA VAL I 64 26.86 16.55 6.98
C VAL I 64 26.99 17.34 8.29
N GLU I 65 25.91 17.99 8.71
CA GLU I 65 25.94 18.82 9.92
C GLU I 65 26.08 18.01 11.21
N ALA I 66 25.58 16.77 11.17
CA ALA I 66 25.81 15.83 12.27
C ALA I 66 27.30 15.46 12.35
N GLY I 67 27.90 15.23 11.18
CA GLY I 67 29.34 14.98 11.08
C GLY I 67 30.16 16.15 11.63
N ASP I 68 29.71 17.37 11.31
CA ASP I 68 30.37 18.60 11.76
C ASP I 68 30.37 18.75 13.27
N THR I 69 29.25 18.42 13.90
CA THR I 69 29.10 18.50 15.35
C THR I 69 30.05 17.55 16.07
N ILE I 70 30.10 16.31 15.63
CA ILE I 70 30.97 15.29 16.24
C ILE I 70 32.43 15.70 16.09
N HIS I 71 32.82 16.09 14.87
CA HIS I 71 34.14 16.65 14.58
C HIS I 71 34.52 17.73 15.55
N ASP I 72 33.67 18.75 15.66
CA ASP I 72 33.94 19.90 16.54
C ASP I 72 33.94 19.55 18.03
N MET I 73 33.08 18.62 18.43
CA MET I 73 33.05 18.14 19.81
C MET I 73 34.34 17.41 20.20
N ILE I 74 34.91 16.67 19.25
CA ILE I 74 36.19 15.99 19.45
C ILE I 74 37.31 16.99 19.75
N LYS I 75 37.33 18.08 19.01
CA LYS I 75 38.32 19.14 19.22
C LYS I 75 37.99 20.03 20.41
N PHE I 76 36.71 20.07 20.78
CA PHE I 76 36.23 20.92 21.87
C PHE I 76 36.63 20.42 23.25
N ILE I 77 36.49 19.10 23.47
CA ILE I 77 36.79 18.51 24.78
C ILE I 77 38.30 18.52 25.07
N LYS I 78 38.65 18.55 26.35
CA LYS I 78 40.06 18.62 26.75
C LYS I 78 40.86 17.33 26.47
N PRO I 79 40.30 16.15 26.78
CA PRO I 79 41.07 14.93 26.53
C PRO I 79 41.48 14.74 25.08
N THR I 80 42.67 14.19 24.87
CA THR I 80 43.19 13.85 23.54
C THR I 80 42.43 12.65 22.99
N VAL I 81 42.04 12.72 21.73
CA VAL I 81 41.24 11.68 21.09
C VAL I 81 42.01 10.93 20.01
N LYS I 82 42.06 9.61 20.14
CA LYS I 82 42.62 8.73 19.12
C LYS I 82 41.50 8.08 18.33
N VAL I 83 41.67 7.97 17.01
CA VAL I 83 40.67 7.34 16.16
C VAL I 83 41.21 6.08 15.49
N VAL I 84 40.39 5.04 15.47
CA VAL I 84 40.72 3.80 14.78
C VAL I 84 39.66 3.54 13.73
N GLY I 85 40.08 3.58 12.46
CA GLY I 85 39.18 3.30 11.35
C GLY I 85 39.01 1.80 11.21
N THR I 86 37.77 1.37 11.00
CA THR I 86 37.47 -0.05 10.86
C THR I 86 36.32 -0.31 9.87
N GLY I 87 36.51 -1.30 9.00
CA GLY I 87 35.51 -1.66 8.00
C GLY I 87 35.49 -0.67 6.84
N TRP I 88 34.85 0.48 7.07
CA TRP I 88 34.92 1.61 6.14
C TRP I 88 34.67 2.92 6.82
N VAL I 89 35.32 3.95 6.30
CA VAL I 89 35.15 5.32 6.78
C VAL I 89 34.96 6.19 5.55
N ALA I 90 33.78 6.77 5.40
CA ALA I 90 33.46 7.53 4.20
C ALA I 90 32.67 8.80 4.47
N SER I 91 32.93 9.82 3.66
CA SER I 91 32.15 11.08 3.64
C SER I 91 32.12 11.75 5.01
N ALA I 92 30.94 11.83 5.64
CA ALA I 92 30.79 12.46 6.95
C ALA I 92 31.63 11.76 8.03
N GLY I 93 31.83 10.45 7.84
CA GLY I 93 32.69 9.66 8.71
C GLY I 93 34.15 10.10 8.63
N ILE I 94 34.60 10.45 7.43
CA ILE I 94 35.95 10.97 7.20
C ILE I 94 36.16 12.30 7.95
N THR I 95 35.17 13.18 7.87
CA THR I 95 35.21 14.46 8.60
C THR I 95 35.41 14.25 10.10
N ILE I 96 34.72 13.26 10.65
CA ILE I 96 34.87 12.88 12.05
C ILE I 96 36.27 12.32 12.31
N TYR I 97 36.67 11.35 11.49
CA TYR I 97 37.98 10.72 11.58
C TYR I 97 39.11 11.76 11.60
N LEU I 98 39.02 12.75 10.73
CA LEU I 98 40.05 13.77 10.58
C LEU I 98 40.08 14.83 11.70
N ALA I 99 39.15 14.77 12.65
CA ALA I 99 39.16 15.68 13.80
C ALA I 99 40.33 15.42 14.74
N ALA I 100 40.81 14.18 14.77
CA ALA I 100 41.97 13.80 15.57
C ALA I 100 43.25 14.27 14.88
N GLU I 101 44.27 14.58 15.68
CA GLU I 101 45.59 14.94 15.17
C GLU I 101 46.18 13.78 14.39
N LYS I 102 46.95 14.08 13.34
CA LYS I 102 47.51 13.07 12.45
C LYS I 102 48.19 11.91 13.19
N GLU I 103 48.96 12.24 14.22
CA GLU I 103 49.65 11.26 15.07
C GLU I 103 48.70 10.22 15.67
N ASN I 104 47.46 10.66 15.93
CA ASN I 104 46.46 9.84 16.62
C ASN I 104 45.43 9.19 15.69
N ARG I 105 45.79 9.03 14.42
CA ARG I 105 44.88 8.43 13.43
C ARG I 105 45.34 7.04 13.01
N PHE I 106 44.59 6.03 13.44
CA PHE I 106 44.95 4.64 13.25
C PHE I 106 43.94 3.93 12.37
N SER I 107 44.32 2.77 11.83
CA SER I 107 43.39 1.95 11.07
C SER I 107 43.66 0.46 11.26
N LEU I 108 42.58 -0.30 11.35
CA LEU I 108 42.64 -1.75 11.30
C LEU I 108 42.84 -2.15 9.84
N PRO I 109 43.46 -3.31 9.58
CA PRO I 109 43.88 -3.68 8.21
C PRO I 109 42.75 -3.74 7.17
N ASN I 110 41.60 -4.29 7.56
CA ASN I 110 40.48 -4.46 6.63
C ASN I 110 39.53 -3.25 6.62
N THR I 111 40.05 -2.13 6.13
CA THR I 111 39.32 -0.88 6.07
C THR I 111 39.60 -0.17 4.75
N ARG I 112 38.54 0.37 4.15
CA ARG I 112 38.69 1.25 3.00
C ARG I 112 38.11 2.63 3.33
N TYR I 113 38.66 3.65 2.68
CA TYR I 113 38.30 5.04 2.95
C TYR I 113 37.76 5.71 1.70
N MET I 114 36.91 6.71 1.87
CA MET I 114 36.37 7.44 0.74
C MET I 114 36.15 8.91 1.05
N ILE I 115 36.61 9.75 0.14
CA ILE I 115 36.30 11.17 0.15
C ILE I 115 35.56 11.52 -1.13
N HIS I 116 34.62 12.46 -1.03
CA HIS I 116 33.86 12.93 -2.19
C HIS I 116 33.18 14.22 -1.87
N GLN I 117 32.58 14.85 -2.89
CA GLN I 117 31.81 16.07 -2.68
C GLN I 117 30.34 15.70 -2.45
N PRO I 118 29.87 15.83 -1.18
CA PRO I 118 28.56 15.34 -0.74
C PRO I 118 27.36 16.05 -1.36
N ALA I 119 26.20 15.42 -1.23
CA ALA I 119 24.93 16.00 -1.66
C ALA I 119 24.33 16.88 -0.56
N GLY I 120 23.37 17.73 -0.93
CA GLY I 120 22.73 18.63 0.02
C GLY I 120 21.22 18.45 0.08
N GLU I 128 14.82 29.02 -4.91
CA GLU I 128 15.45 28.19 -3.90
C GLU I 128 16.65 27.41 -4.45
N ILE I 129 16.62 27.10 -5.74
CA ILE I 129 17.66 26.33 -6.41
C ILE I 129 18.98 27.12 -6.50
N GLU I 130 18.89 28.43 -6.62
CA GLU I 130 20.05 29.32 -6.55
C GLU I 130 20.63 29.36 -5.13
N ILE I 131 19.74 29.41 -4.14
CA ILE I 131 20.13 29.42 -2.73
C ILE I 131 20.77 28.09 -2.32
N GLU I 132 20.16 26.99 -2.76
CA GLU I 132 20.65 25.64 -2.44
C GLU I 132 22.00 25.35 -3.12
N ALA I 133 22.16 25.82 -4.35
CA ALA I 133 23.41 25.64 -5.09
C ALA I 133 24.57 26.36 -4.42
N LYS I 134 24.33 27.58 -3.95
CA LYS I 134 25.35 28.37 -3.27
C LYS I 134 25.79 27.70 -1.97
N GLU I 135 24.83 27.18 -1.21
CA GLU I 135 25.10 26.50 0.06
C GLU I 135 25.96 25.25 -0.10
N ILE I 136 25.61 24.43 -1.09
CA ILE I 136 26.34 23.20 -1.38
C ILE I 136 27.77 23.50 -1.83
N ILE I 137 27.94 24.57 -2.62
CA ILE I 137 29.27 25.04 -3.02
C ILE I 137 30.10 25.44 -1.79
N ARG I 138 29.52 26.24 -0.91
CA ARG I 138 30.18 26.69 0.33
C ARG I 138 30.50 25.52 1.27
N MET I 139 29.59 24.55 1.31
CA MET I 139 29.77 23.35 2.12
C MET I 139 30.93 22.50 1.58
N ARG I 140 30.97 22.33 0.26
CA ARG I 140 32.02 21.55 -0.40
C ARG I 140 33.41 22.19 -0.27
N GLU I 141 33.45 23.53 -0.23
CA GLU I 141 34.69 24.25 0.01
C GLU I 141 35.19 24.04 1.44
N ARG I 142 34.27 24.19 2.39
CA ARG I 142 34.57 24.02 3.82
C ARG I 142 35.06 22.60 4.11
N ILE I 143 34.40 21.59 3.54
CA ILE I 143 34.79 20.20 3.71
C ILE I 143 36.16 19.90 3.08
N ASN I 144 36.38 20.42 1.87
CA ASN I 144 37.65 20.20 1.16
C ASN I 144 38.85 20.89 1.81
N ARG I 145 38.63 22.06 2.39
CA ARG I 145 39.66 22.76 3.16
C ARG I 145 39.97 22.03 4.46
N LEU I 146 38.93 21.41 5.05
CA LEU I 146 39.11 20.60 6.26
C LEU I 146 39.96 19.37 5.95
N ILE I 147 39.67 18.70 4.85
CA ILE I 147 40.42 17.50 4.45
C ILE I 147 41.87 17.84 4.12
N ALA I 148 42.07 18.93 3.39
CA ALA I 148 43.41 19.40 3.03
C ALA I 148 44.26 19.72 4.26
N GLU I 149 43.71 20.52 5.17
CA GLU I 149 44.38 20.91 6.42
C GLU I 149 44.79 19.70 7.28
N ALA I 150 43.96 18.66 7.26
CA ALA I 150 44.18 17.47 8.08
C ALA I 150 45.15 16.46 7.47
N THR I 151 45.12 16.32 6.14
CA THR I 151 45.92 15.31 5.45
C THR I 151 47.30 15.81 5.00
N GLY I 152 47.43 17.12 4.86
CA GLY I 152 48.66 17.72 4.35
C GLY I 152 48.63 17.92 2.85
N GLN I 153 47.60 17.38 2.19
CA GLN I 153 47.38 17.60 0.76
C GLN I 153 46.95 19.05 0.52
N SER I 154 47.17 19.55 -0.69
CA SER I 154 46.72 20.89 -1.07
C SER I 154 45.21 20.90 -1.33
N TYR I 155 44.60 22.07 -1.13
CA TYR I 155 43.18 22.27 -1.42
C TYR I 155 42.84 21.90 -2.87
N GLU I 156 43.72 22.26 -3.80
CA GLU I 156 43.54 21.95 -5.22
C GLU I 156 43.59 20.45 -5.50
N GLN I 157 44.42 19.73 -4.74
CA GLN I 157 44.52 18.28 -4.89
C GLN I 157 43.24 17.58 -4.41
N ILE I 158 42.74 18.01 -3.25
CA ILE I 158 41.50 17.46 -2.68
C ILE I 158 40.32 17.71 -3.60
N SER I 159 40.17 18.97 -4.03
CA SER I 159 39.12 19.38 -4.96
C SER I 159 39.12 18.54 -6.24
N LYS I 160 40.32 18.23 -6.73
CA LYS I 160 40.50 17.41 -7.93
C LYS I 160 40.09 15.95 -7.71
N ASP I 161 40.52 15.39 -6.59
CA ASP I 161 40.26 13.98 -6.26
C ASP I 161 38.80 13.71 -5.86
N THR I 162 38.17 14.69 -5.21
CA THR I 162 36.79 14.53 -4.72
C THR I 162 35.73 14.82 -5.78
N ASP I 163 36.13 14.93 -7.05
CA ASP I 163 35.21 15.15 -8.17
C ASP I 163 34.16 14.04 -8.24
N ARG I 164 34.62 12.80 -8.11
CA ARG I 164 33.74 11.64 -7.97
C ARG I 164 34.12 10.83 -6.72
N ASP I 165 33.40 9.74 -6.47
CA ASP I 165 33.67 8.87 -5.32
C ASP I 165 35.10 8.32 -5.38
N PHE I 166 35.94 8.81 -4.48
CA PHE I 166 37.37 8.48 -4.46
C PHE I 166 37.65 7.48 -3.36
N TRP I 167 37.71 6.20 -3.73
CA TRP I 167 37.94 5.13 -2.78
C TRP I 167 39.40 4.79 -2.65
N LEU I 168 39.87 4.75 -1.40
CA LEU I 168 41.25 4.41 -1.10
C LEU I 168 41.33 3.18 -0.22
N SER I 169 42.19 2.24 -0.58
CA SER I 169 42.52 1.12 0.28
C SER I 169 43.21 1.66 1.54
N VAL I 170 43.40 0.80 2.54
CA VAL I 170 44.04 1.22 3.79
C VAL I 170 45.48 1.75 3.54
N ASN I 171 46.21 1.08 2.66
CA ASN I 171 47.58 1.51 2.32
C ASN I 171 47.63 2.80 1.51
N GLU I 172 46.68 2.96 0.60
CA GLU I 172 46.55 4.19 -0.19
C GLU I 172 46.15 5.38 0.69
N ALA I 173 45.25 5.13 1.64
CA ALA I 173 44.79 6.17 2.57
C ALA I 173 45.90 6.61 3.51
N LYS I 174 46.85 5.72 3.75
CA LYS I 174 48.05 6.03 4.53
C LYS I 174 48.98 6.97 3.75
N ASP I 175 49.23 6.65 2.48
CA ASP I 175 50.08 7.46 1.61
C ASP I 175 49.46 8.83 1.34
N TYR I 176 48.13 8.87 1.35
CA TYR I 176 47.37 10.09 1.09
C TYR I 176 47.36 11.05 2.28
N GLY I 177 47.70 10.54 3.46
CA GLY I 177 47.77 11.36 4.67
C GLY I 177 46.54 11.28 5.58
N ILE I 178 45.61 10.39 5.24
CA ILE I 178 44.39 10.19 6.04
C ILE I 178 44.72 9.32 7.27
N VAL I 179 45.28 8.15 6.99
CA VAL I 179 45.70 7.20 8.02
C VAL I 179 47.19 7.39 8.31
N ASN I 180 47.54 7.44 9.59
CA ASN I 180 48.94 7.57 10.00
C ASN I 180 49.60 6.20 10.22
N GLU I 181 48.88 5.30 10.88
CA GLU I 181 49.43 4.01 11.25
C GLU I 181 48.41 2.88 11.12
N ILE I 182 48.79 1.82 10.39
CA ILE I 182 47.98 0.63 10.26
C ILE I 182 48.36 -0.35 11.35
N ILE I 183 47.37 -0.76 12.15
CA ILE I 183 47.62 -1.64 13.30
C ILE I 183 46.73 -2.89 13.28
N GLU I 184 47.28 -3.99 13.77
CA GLU I 184 46.55 -5.24 13.86
C GLU I 184 46.20 -5.60 15.31
N ASN I 185 47.04 -5.16 16.24
CA ASN I 185 46.89 -5.54 17.65
C ASN I 185 46.85 -4.34 18.60
N ARG I 186 46.48 -4.62 19.85
CA ARG I 186 46.42 -3.63 20.93
C ARG I 186 47.68 -2.78 21.08
N ASP I 187 48.84 -3.45 21.14
CA ASP I 187 50.12 -2.78 21.37
C ASP I 187 50.48 -1.77 20.28
N GLY I 188 49.83 -1.90 19.12
CA GLY I 188 49.96 -0.95 18.03
C GLY I 188 49.55 0.46 18.42
N LEU I 189 48.56 0.56 19.32
CA LEU I 189 48.15 1.84 19.88
C LEU I 189 49.18 2.41 20.85
N LYS I 190 49.91 1.52 21.52
CA LYS I 190 50.89 1.85 22.57
C LYS I 190 50.50 3.04 23.45
N ILE J 13 23.94 6.27 38.34
CA ILE J 13 25.24 7.01 38.32
C ILE J 13 25.62 7.41 36.88
N LEU J 14 24.90 6.87 35.90
CA LEU J 14 25.17 7.12 34.49
C LEU J 14 24.82 8.53 34.04
N THR J 15 23.64 9.01 34.41
CA THR J 15 23.18 10.35 34.07
C THR J 15 23.45 11.33 35.21
N GLN J 16 23.72 10.78 36.40
CA GLN J 16 23.95 11.58 37.61
C GLN J 16 25.15 12.52 37.50
N LYS J 17 26.22 12.06 36.85
CA LYS J 17 27.40 12.90 36.60
C LYS J 17 27.21 13.80 35.38
N LEU J 18 26.30 13.41 34.48
CA LEU J 18 25.96 14.22 33.31
C LEU J 18 24.98 15.35 33.69
N ILE J 19 24.23 15.16 34.76
CA ILE J 19 23.41 16.21 35.35
C ILE J 19 24.31 17.26 36.00
N ASP J 20 25.41 16.79 36.59
CA ASP J 20 26.41 17.65 37.22
C ASP J 20 27.13 18.58 36.25
N THR J 21 27.14 18.22 34.97
CA THR J 21 27.79 19.03 33.94
C THR J 21 26.94 20.24 33.53
N ARG J 22 25.68 20.25 33.97
CA ARG J 22 24.72 21.34 33.68
C ARG J 22 24.63 21.59 32.17
N THR J 23 24.48 20.50 31.41
CA THR J 23 24.46 20.57 29.95
C THR J 23 23.15 20.02 29.40
N VAL J 24 22.57 20.75 28.44
CA VAL J 24 21.38 20.32 27.73
C VAL J 24 21.69 20.27 26.23
N LEU J 25 21.38 19.16 25.60
CA LEU J 25 21.59 19.00 24.17
C LEU J 25 20.27 19.13 23.42
N ILE J 26 20.23 20.04 22.46
CA ILE J 26 19.06 20.21 21.59
C ILE J 26 19.49 19.89 20.16
N TYR J 27 19.37 18.60 19.82
CA TYR J 27 19.77 18.09 18.52
C TYR J 27 18.56 17.61 17.74
N GLY J 28 18.44 18.02 16.48
CA GLY J 28 17.35 17.57 15.61
C GLY J 28 16.16 18.50 15.55
N GLU J 29 15.07 17.99 14.98
CA GLU J 29 13.86 18.75 14.72
C GLU J 29 13.20 19.27 16.01
N ILE J 30 12.86 20.56 16.00
CA ILE J 30 12.13 21.16 17.11
C ILE J 30 10.65 20.78 17.01
N ASN J 31 10.15 20.11 18.04
CA ASN J 31 8.73 19.77 18.15
C ASN J 31 8.30 19.77 19.62
N GLN J 32 7.02 19.53 19.87
CA GLN J 32 6.47 19.56 21.23
C GLN J 32 7.06 18.51 22.18
N GLU J 33 7.42 17.35 21.63
CA GLU J 33 8.07 16.29 22.39
C GLU J 33 9.46 16.72 22.85
N LEU J 34 10.24 17.32 21.96
CA LEU J 34 11.55 17.85 22.32
C LEU J 34 11.41 19.01 23.33
N ALA J 35 10.40 19.84 23.13
CA ALA J 35 10.11 20.95 24.03
C ALA J 35 9.81 20.48 25.44
N GLU J 36 9.06 19.37 25.55
CA GLU J 36 8.74 18.77 26.85
C GLU J 36 9.98 18.21 27.54
N ASP J 37 10.83 17.56 26.76
CA ASP J 37 12.07 16.97 27.25
C ASP J 37 13.02 18.06 27.77
N VAL J 38 13.19 19.11 26.96
CA VAL J 38 14.04 20.25 27.30
C VAL J 38 13.50 21.01 28.52
N SER J 39 12.19 21.23 28.55
CA SER J 39 11.54 21.89 29.69
C SER J 39 11.78 21.14 30.99
N LYS J 40 11.67 19.80 30.95
CA LYS J 40 11.91 18.97 32.11
C LYS J 40 13.36 19.06 32.59
N GLN J 41 14.30 19.03 31.65
CA GLN J 41 15.73 19.12 31.98
C GLN J 41 16.07 20.47 32.60
N LEU J 42 15.59 21.54 32.01
CA LEU J 42 15.83 22.90 32.52
C LEU J 42 15.23 23.10 33.91
N LEU J 43 14.02 22.57 34.12
CA LEU J 43 13.36 22.65 35.43
C LEU J 43 14.08 21.81 36.50
N LEU J 44 14.66 20.69 36.09
CA LEU J 44 15.43 19.85 37.00
C LEU J 44 16.71 20.56 37.45
N LEU J 45 17.43 21.14 36.50
CA LEU J 45 18.68 21.83 36.78
C LEU J 45 18.48 23.08 37.63
N GLU J 46 17.38 23.79 37.38
CA GLU J 46 17.01 24.96 38.18
C GLU J 46 16.71 24.56 39.63
N SER J 47 16.02 23.43 39.81
CA SER J 47 15.67 22.92 41.13
C SER J 47 16.88 22.45 41.94
N ILE J 48 18.01 22.23 41.26
CA ILE J 48 19.24 21.79 41.92
C ILE J 48 20.09 22.97 42.38
N SER J 49 20.37 23.90 41.48
CA SER J 49 21.16 25.10 41.80
C SER J 49 20.92 26.26 40.84
N ASN J 50 21.52 27.41 41.14
CA ASN J 50 21.44 28.57 40.26
C ASN J 50 22.70 28.76 39.42
N ASP J 51 23.55 27.74 39.41
CA ASP J 51 24.73 27.69 38.55
C ASP J 51 24.32 27.74 37.06
N PRO J 52 25.21 28.28 36.20
CA PRO J 52 24.91 28.41 34.76
C PRO J 52 24.63 27.09 34.06
N ILE J 53 23.87 27.15 32.97
CA ILE J 53 23.52 25.99 32.15
C ILE J 53 24.04 26.21 30.73
N THR J 54 24.63 25.18 30.14
CA THR J 54 25.12 25.24 28.77
C THR J 54 24.23 24.41 27.85
N ILE J 55 23.79 25.02 26.75
CA ILE J 55 22.97 24.33 25.76
C ILE J 55 23.69 24.25 24.41
N PHE J 56 23.91 23.02 23.94
CA PHE J 56 24.43 22.80 22.60
C PHE J 56 23.24 22.60 21.66
N ILE J 57 23.18 23.41 20.61
CA ILE J 57 22.07 23.38 19.66
C ILE J 57 22.52 22.97 18.27
N ASN J 58 21.95 21.87 17.77
CA ASN J 58 22.11 21.44 16.39
C ASN J 58 20.71 21.18 15.83
N SER J 59 20.13 22.20 15.20
CA SER J 59 18.73 22.09 14.76
C SER J 59 18.42 22.85 13.47
N GLN J 60 17.78 22.14 12.55
CA GLN J 60 17.26 22.72 11.31
C GLN J 60 15.95 23.47 11.54
N GLY J 61 15.49 23.49 12.79
CA GLY J 61 14.22 24.11 13.15
C GLY J 61 13.09 23.09 13.25
N GLY J 62 11.86 23.55 13.03
CA GLY J 62 10.68 22.71 13.09
C GLY J 62 9.45 23.49 13.48
N HIS J 63 8.78 23.03 14.53
CA HIS J 63 7.54 23.63 15.00
C HIS J 63 7.77 24.94 15.71
N VAL J 64 7.16 26.00 15.19
CA VAL J 64 7.33 27.36 15.72
C VAL J 64 6.94 27.51 17.20
N GLU J 65 5.76 27.00 17.57
CA GLU J 65 5.26 27.15 18.94
C GLU J 65 6.07 26.34 19.96
N ALA J 66 6.68 25.25 19.50
CA ALA J 66 7.59 24.47 20.33
C ALA J 66 8.88 25.25 20.56
N GLY J 67 9.35 25.94 19.51
CA GLY J 67 10.50 26.83 19.60
C GLY J 67 10.26 27.99 20.56
N ASP J 68 9.06 28.56 20.51
CA ASP J 68 8.67 29.66 21.41
C ASP J 68 8.70 29.25 22.87
N THR J 69 8.23 28.03 23.14
CA THR J 69 8.19 27.46 24.49
C THR J 69 9.59 27.30 25.08
N ILE J 70 10.49 26.70 24.31
CA ILE J 70 11.87 26.50 24.74
C ILE J 70 12.54 27.86 24.96
N HIS J 71 12.34 28.78 24.01
CA HIS J 71 12.84 30.15 24.12
C HIS J 71 12.44 30.78 25.43
N ASP J 72 11.13 30.77 25.70
CA ASP J 72 10.58 31.37 26.92
C ASP J 72 11.02 30.64 28.20
N MET J 73 11.16 29.32 28.13
CA MET J 73 11.62 28.54 29.29
C MET J 73 13.04 28.93 29.70
N ILE J 74 13.88 29.16 28.70
CA ILE J 74 15.26 29.63 28.92
C ILE J 74 15.27 30.96 29.68
N LYS J 75 14.44 31.91 29.26
CA LYS J 75 14.32 33.20 29.95
C LYS J 75 13.62 33.08 31.31
N PHE J 76 12.71 32.12 31.42
CA PHE J 76 11.90 31.92 32.63
C PHE J 76 12.70 31.44 33.85
N ILE J 77 13.60 30.48 33.64
CA ILE J 77 14.38 29.89 34.74
C ILE J 77 15.43 30.85 35.30
N LYS J 78 15.72 30.70 36.59
CA LYS J 78 16.66 31.58 37.28
C LYS J 78 18.11 31.50 36.77
N PRO J 79 18.66 30.28 36.56
CA PRO J 79 20.05 30.17 36.11
C PRO J 79 20.31 30.85 34.76
N THR J 80 21.51 31.41 34.62
CA THR J 80 21.97 31.97 33.36
C THR J 80 22.19 30.82 32.36
N VAL J 81 21.82 31.06 31.10
CA VAL J 81 21.96 30.05 30.07
C VAL J 81 22.96 30.48 28.99
N LYS J 82 23.94 29.62 28.73
CA LYS J 82 24.87 29.80 27.63
C LYS J 82 24.49 28.87 26.49
N VAL J 83 24.56 29.35 25.26
CA VAL J 83 24.28 28.51 24.11
C VAL J 83 25.50 28.35 23.22
N VAL J 84 25.68 27.14 22.70
CA VAL J 84 26.75 26.84 21.76
C VAL J 84 26.12 26.28 20.49
N GLY J 85 26.26 27.01 19.39
CA GLY J 85 25.75 26.59 18.09
C GLY J 85 26.70 25.61 17.44
N THR J 86 26.17 24.51 16.91
CA THR J 86 26.98 23.46 16.30
C THR J 86 26.26 22.79 15.12
N GLY J 87 27.00 22.60 14.02
CA GLY J 87 26.44 21.97 12.82
C GLY J 87 25.59 22.93 12.02
N TRP J 88 24.34 23.10 12.45
CA TRP J 88 23.48 24.17 11.93
C TRP J 88 22.46 24.62 12.92
N VAL J 89 22.09 25.89 12.83
CA VAL J 89 21.05 26.49 13.64
C VAL J 89 20.18 27.30 12.69
N ALA J 90 18.94 26.85 12.49
CA ALA J 90 18.06 27.45 11.50
C ALA J 90 16.63 27.59 11.98
N SER J 91 15.93 28.58 11.43
CA SER J 91 14.50 28.81 11.68
C SER J 91 14.15 28.81 13.18
N ALA J 92 13.36 27.84 13.62
CA ALA J 92 12.95 27.75 15.04
C ALA J 92 14.14 27.53 15.98
N GLY J 93 15.20 26.89 15.46
CA GLY J 93 16.45 26.72 16.21
C GLY J 93 17.09 28.05 16.58
N ILE J 94 17.01 29.01 15.67
CA ILE J 94 17.53 30.36 15.87
C ILE J 94 16.77 31.09 16.99
N THR J 95 15.45 30.93 17.01
CA THR J 95 14.60 31.50 18.06
C THR J 95 15.05 31.01 19.44
N ILE J 96 15.37 29.73 19.54
CA ILE J 96 15.92 29.14 20.76
C ILE J 96 17.31 29.70 21.06
N TYR J 97 18.17 29.71 20.04
CA TYR J 97 19.53 30.23 20.17
C TYR J 97 19.54 31.66 20.73
N LEU J 98 18.68 32.51 20.19
CA LEU J 98 18.65 33.93 20.54
C LEU J 98 18.00 34.22 21.90
N ALA J 99 17.56 33.18 22.60
CA ALA J 99 16.98 33.33 23.94
C ALA J 99 18.03 33.75 24.97
N ALA J 100 19.27 33.34 24.76
CA ALA J 100 20.37 33.71 25.63
C ALA J 100 20.85 35.13 25.32
N GLU J 101 21.40 35.79 26.33
CA GLU J 101 21.97 37.13 26.16
C GLU J 101 23.14 37.07 25.19
N LYS J 102 23.36 38.16 24.44
CA LYS J 102 24.38 38.21 23.40
C LYS J 102 25.76 37.76 23.89
N GLU J 103 26.09 38.11 25.13
CA GLU J 103 27.36 37.74 25.75
C GLU J 103 27.55 36.22 25.82
N ASN J 104 26.44 35.50 26.00
CA ASN J 104 26.46 34.05 26.22
C ASN J 104 26.08 33.23 24.99
N ARG J 105 26.31 33.80 23.80
CA ARG J 105 25.99 33.11 22.55
C ARG J 105 27.28 32.72 21.81
N PHE J 106 27.60 31.43 21.87
CA PHE J 106 28.85 30.92 21.29
C PHE J 106 28.58 30.04 20.07
N SER J 107 29.61 29.82 19.27
CA SER J 107 29.51 28.91 18.13
C SER J 107 30.79 28.13 17.90
N LEU J 108 30.63 26.85 17.56
CA LEU J 108 31.74 26.02 17.12
C LEU J 108 32.06 26.37 15.65
N PRO J 109 33.29 26.08 15.19
CA PRO J 109 33.74 26.54 13.87
C PRO J 109 32.90 26.04 12.69
N ASN J 110 32.52 24.78 12.69
CA ASN J 110 31.81 24.20 11.56
C ASN J 110 30.29 24.26 11.74
N THR J 111 29.76 25.48 11.66
CA THR J 111 28.34 25.75 11.84
C THR J 111 27.86 26.78 10.84
N ARG J 112 26.69 26.54 10.25
CA ARG J 112 26.01 27.55 9.45
C ARG J 112 24.67 27.95 10.06
N TYR J 113 24.26 29.19 9.82
CA TYR J 113 23.06 29.76 10.45
C TYR J 113 22.06 30.20 9.39
N MET J 114 20.78 30.18 9.75
CA MET J 114 19.73 30.59 8.82
C MET J 114 18.50 31.19 9.48
N ILE J 115 18.10 32.34 8.96
CA ILE J 115 16.85 32.97 9.33
C ILE J 115 15.96 33.11 8.09
N HIS J 116 14.66 32.87 8.27
CA HIS J 116 13.67 33.12 7.23
C HIS J 116 12.33 33.41 7.83
N GLN J 117 11.35 33.67 6.96
CA GLN J 117 9.97 33.81 7.41
C GLN J 117 9.28 32.45 7.28
N PRO J 118 9.00 31.81 8.43
CA PRO J 118 8.54 30.41 8.50
C PRO J 118 7.15 30.17 7.93
N ALA J 119 6.90 28.92 7.52
CA ALA J 119 5.59 28.49 7.08
C ALA J 119 4.67 28.24 8.27
N GLY J 120 3.36 28.23 8.02
CA GLY J 120 2.37 28.04 9.08
C GLY J 120 1.44 26.87 8.82
N GLU J 128 -11.23 30.40 6.12
CA GLU J 128 -10.09 29.99 6.93
C GLU J 128 -8.78 30.58 6.40
N ILE J 129 -8.72 30.80 5.09
CA ILE J 129 -7.52 31.35 4.44
C ILE J 129 -7.20 32.77 4.91
N GLU J 130 -8.24 33.58 5.09
CA GLU J 130 -8.08 34.95 5.62
C GLU J 130 -7.61 34.93 7.08
N ILE J 131 -8.10 33.96 7.85
CA ILE J 131 -7.70 33.77 9.24
C ILE J 131 -6.26 33.27 9.32
N GLU J 132 -5.93 32.27 8.50
CA GLU J 132 -4.59 31.69 8.44
C GLU J 132 -3.55 32.70 7.95
N ALA J 133 -3.94 33.52 6.97
CA ALA J 133 -3.05 34.56 6.43
C ALA J 133 -2.66 35.58 7.50
N LYS J 134 -3.65 36.02 8.28
CA LYS J 134 -3.39 36.98 9.34
C LYS J 134 -2.48 36.41 10.42
N GLU J 135 -2.67 35.14 10.75
CA GLU J 135 -1.83 34.47 11.76
C GLU J 135 -0.37 34.37 11.34
N ILE J 136 -0.15 33.98 10.09
CA ILE J 136 1.20 33.83 9.54
C ILE J 136 1.92 35.19 9.48
N ILE J 137 1.18 36.25 9.18
CA ILE J 137 1.73 37.62 9.18
C ILE J 137 2.12 38.06 10.60
N ARG J 138 1.21 37.88 11.55
CA ARG J 138 1.46 38.23 12.96
C ARG J 138 2.64 37.44 13.54
N MET J 139 2.72 36.16 13.17
CA MET J 139 3.82 35.30 13.59
C MET J 139 5.16 35.74 13.01
N ARG J 140 5.16 36.11 11.73
CA ARG J 140 6.38 36.56 11.05
C ARG J 140 6.92 37.87 11.61
N GLU J 141 6.01 38.76 12.03
CA GLU J 141 6.37 40.01 12.70
C GLU J 141 7.00 39.73 14.05
N ARG J 142 6.31 38.92 14.86
CA ARG J 142 6.75 38.55 16.21
C ARG J 142 8.13 37.89 16.18
N ILE J 143 8.36 36.99 15.22
CA ILE J 143 9.66 36.33 15.06
C ILE J 143 10.75 37.32 14.63
N ASN J 144 10.44 38.16 13.63
CA ASN J 144 11.38 39.17 13.13
C ASN J 144 11.78 40.22 14.18
N ARG J 145 10.82 40.63 15.00
CA ARG J 145 11.11 41.56 16.10
C ARG J 145 11.95 40.92 17.20
N LEU J 146 11.73 39.63 17.43
CA LEU J 146 12.53 38.86 18.37
C LEU J 146 13.98 38.81 17.90
N ILE J 147 14.18 38.54 16.61
CA ILE J 147 15.52 38.46 16.01
C ILE J 147 16.20 39.84 16.03
N ALA J 148 15.43 40.89 15.71
CA ALA J 148 15.93 42.26 15.71
C ALA J 148 16.45 42.68 17.09
N GLU J 149 15.62 42.46 18.12
CA GLU J 149 15.96 42.79 19.50
C GLU J 149 17.20 42.07 20.00
N ALA J 150 17.36 40.81 19.59
CA ALA J 150 18.48 39.97 20.02
C ALA J 150 19.80 40.30 19.30
N THR J 151 19.73 40.50 17.99
CA THR J 151 20.94 40.70 17.18
C THR J 151 21.43 42.15 17.19
N GLY J 152 20.54 43.10 17.50
CA GLY J 152 20.88 44.51 17.44
C GLY J 152 20.61 45.13 16.08
N GLN J 153 20.15 44.31 15.14
CA GLN J 153 19.75 44.77 13.81
C GLN J 153 18.38 45.44 13.90
N SER J 154 18.06 46.28 12.92
CA SER J 154 16.74 46.92 12.86
C SER J 154 15.69 45.93 12.38
N TYR J 155 14.45 46.17 12.77
CA TYR J 155 13.32 45.34 12.33
C TYR J 155 13.19 45.32 10.80
N GLU J 156 13.48 46.47 10.18
CA GLU J 156 13.41 46.61 8.72
C GLU J 156 14.49 45.79 8.02
N GLN J 157 15.65 45.67 8.65
CA GLN J 157 16.77 44.90 8.12
C GLN J 157 16.46 43.39 8.15
N ILE J 158 15.93 42.94 9.29
CA ILE J 158 15.54 41.54 9.48
C ILE J 158 14.43 41.16 8.49
N SER J 159 13.40 42.02 8.42
CA SER J 159 12.26 41.82 7.53
C SER J 159 12.69 41.72 6.07
N LYS J 160 13.67 42.53 5.68
CA LYS J 160 14.23 42.51 4.32
C LYS J 160 15.01 41.22 4.06
N ASP J 161 15.86 40.83 5.02
CA ASP J 161 16.74 39.69 4.86
C ASP J 161 16.02 38.33 4.93
N THR J 162 14.95 38.26 5.71
CA THR J 162 14.19 37.01 5.90
C THR J 162 13.15 36.75 4.80
N ASP J 163 13.22 37.51 3.70
CA ASP J 163 12.30 37.33 2.56
C ASP J 163 12.42 35.94 1.94
N ARG J 164 13.66 35.45 1.85
CA ARG J 164 13.93 34.07 1.44
C ARG J 164 14.91 33.41 2.42
N ASP J 165 15.29 32.17 2.13
CA ASP J 165 16.23 31.44 2.97
C ASP J 165 17.59 32.13 3.01
N PHE J 166 17.85 32.81 4.13
CA PHE J 166 19.04 33.63 4.31
C PHE J 166 20.09 32.87 5.13
N TRP J 167 21.00 32.20 4.42
CA TRP J 167 22.05 31.40 5.05
C TRP J 167 23.27 32.21 5.34
N LEU J 168 23.81 32.03 6.54
CA LEU J 168 25.03 32.73 6.96
C LEU J 168 26.08 31.73 7.47
N SER J 169 27.32 31.91 7.01
CA SER J 169 28.45 31.17 7.57
C SER J 169 28.67 31.62 9.02
N VAL J 170 29.49 30.87 9.76
CA VAL J 170 29.77 31.17 11.17
C VAL J 170 30.31 32.61 11.37
N ASN J 171 31.18 33.04 10.46
CA ASN J 171 31.75 34.38 10.52
C ASN J 171 30.75 35.48 10.15
N GLU J 172 29.91 35.20 9.14
CA GLU J 172 28.83 36.10 8.75
C GLU J 172 27.79 36.24 9.85
N ALA J 173 27.53 35.14 10.55
CA ALA J 173 26.62 35.13 11.70
C ALA J 173 27.16 35.94 12.87
N LYS J 174 28.48 36.00 12.98
CA LYS J 174 29.14 36.80 14.01
C LYS J 174 28.98 38.30 13.73
N ASP J 175 29.24 38.71 12.50
CA ASP J 175 29.08 40.10 12.06
C ASP J 175 27.63 40.56 12.16
N TYR J 176 26.70 39.66 11.87
CA TYR J 176 25.28 39.95 11.85
C TYR J 176 24.71 40.20 13.25
N GLY J 177 25.36 39.64 14.27
CA GLY J 177 24.94 39.81 15.66
C GLY J 177 24.27 38.60 16.28
N ILE J 178 24.20 37.51 15.53
CA ILE J 178 23.67 36.24 16.03
C ILE J 178 24.69 35.60 16.98
N VAL J 179 25.89 35.31 16.45
CA VAL J 179 26.98 34.73 17.20
C VAL J 179 27.84 35.83 17.82
N ASN J 180 28.19 35.68 19.09
CA ASN J 180 29.06 36.63 19.76
C ASN J 180 30.54 36.24 19.72
N GLU J 181 30.82 34.96 19.93
CA GLU J 181 32.19 34.46 19.96
C GLU J 181 32.30 33.04 19.40
N ILE J 182 33.20 32.87 18.42
CA ILE J 182 33.49 31.56 17.85
C ILE J 182 34.59 30.90 18.67
N ILE J 183 34.28 29.72 19.22
CA ILE J 183 35.21 28.98 20.06
C ILE J 183 35.53 27.60 19.50
N GLU J 184 36.74 27.11 19.78
CA GLU J 184 37.18 25.79 19.31
C GLU J 184 37.43 24.82 20.47
N ASN J 185 37.78 25.37 21.63
CA ASN J 185 38.12 24.56 22.81
C ASN J 185 37.30 24.91 24.04
N ARG J 186 37.44 24.08 25.08
CA ARG J 186 36.76 24.27 26.36
C ARG J 186 37.05 25.61 27.03
N ASP J 187 38.31 26.03 26.99
CA ASP J 187 38.76 27.28 27.62
C ASP J 187 38.15 28.53 26.98
N GLY J 188 37.62 28.36 25.76
CA GLY J 188 36.91 29.43 25.06
C GLY J 188 35.63 29.86 25.77
N LEU J 189 34.99 28.92 26.46
CA LEU J 189 33.83 29.21 27.30
C LEU J 189 34.23 29.96 28.58
N LYS J 190 35.48 29.75 29.02
CA LYS J 190 36.06 30.36 30.24
C LYS J 190 35.06 30.57 31.39
N ILE K 13 16.27 8.94 41.58
CA ILE K 13 16.38 10.36 42.05
C ILE K 13 16.17 11.35 40.88
N LEU K 14 15.90 10.80 39.70
CA LEU K 14 15.69 11.61 38.49
C LEU K 14 14.34 12.35 38.48
N THR K 15 13.27 11.64 38.85
CA THR K 15 11.93 12.22 38.91
C THR K 15 11.59 12.65 40.34
N GLN K 16 12.34 12.12 41.31
CA GLN K 16 12.18 12.45 42.73
C GLN K 16 12.25 13.96 42.98
N LYS K 17 13.25 14.62 42.41
CA LYS K 17 13.40 16.07 42.54
C LYS K 17 12.45 16.82 41.60
N LEU K 18 12.03 16.15 40.53
CA LEU K 18 11.06 16.70 39.59
C LEU K 18 9.65 16.71 40.18
N ILE K 19 9.37 15.73 41.03
CA ILE K 19 8.10 15.64 41.77
C ILE K 19 8.02 16.75 42.82
N ASP K 20 9.16 17.11 43.40
CA ASP K 20 9.25 18.19 44.39
C ASP K 20 8.90 19.56 43.81
N THR K 21 9.14 19.74 42.52
CA THR K 21 8.82 21.00 41.84
C THR K 21 7.31 21.18 41.65
N ARG K 22 6.56 20.09 41.82
CA ARG K 22 5.10 20.07 41.67
C ARG K 22 4.66 20.74 40.37
N THR K 23 5.29 20.32 39.27
CA THR K 23 5.03 20.85 37.95
C THR K 23 4.53 19.74 37.02
N VAL K 24 3.49 20.05 36.25
CA VAL K 24 2.96 19.12 35.25
C VAL K 24 3.00 19.81 33.88
N LEU K 25 3.54 19.09 32.89
CA LEU K 25 3.63 19.62 31.54
C LEU K 25 2.58 18.97 30.64
N ILE K 26 1.74 19.81 30.03
CA ILE K 26 0.74 19.36 29.06
C ILE K 26 1.12 19.92 27.69
N TYR K 27 1.97 19.18 26.99
CA TYR K 27 2.47 19.58 25.67
C TYR K 27 1.92 18.63 24.61
N GLY K 28 1.39 19.18 23.53
CA GLY K 28 0.88 18.38 22.42
C GLY K 28 -0.61 18.16 22.43
N GLU K 29 -1.07 17.24 21.58
CA GLU K 29 -2.49 16.94 21.38
C GLU K 29 -3.18 16.43 22.65
N ILE K 30 -4.34 17.01 22.95
CA ILE K 30 -5.16 16.53 24.06
C ILE K 30 -5.88 15.26 23.63
N ASN K 31 -5.62 14.17 24.33
CA ASN K 31 -6.30 12.90 24.09
C ASN K 31 -6.39 12.10 25.37
N GLN K 32 -7.07 10.96 25.32
CA GLN K 32 -7.33 10.14 26.51
C GLN K 32 -6.07 9.63 27.21
N GLU K 33 -5.06 9.27 26.41
CA GLU K 33 -3.76 8.83 26.91
C GLU K 33 -3.06 9.94 27.70
N LEU K 34 -3.09 11.16 27.17
CA LEU K 34 -2.53 12.31 27.88
C LEU K 34 -3.36 12.64 29.12
N ALA K 35 -4.68 12.50 29.02
CA ALA K 35 -5.59 12.72 30.15
C ALA K 35 -5.30 11.77 31.30
N GLU K 36 -5.04 10.50 30.98
CA GLU K 36 -4.68 9.50 31.98
C GLU K 36 -3.36 9.83 32.66
N ASP K 37 -2.37 10.21 31.87
CA ASP K 37 -1.05 10.61 32.36
C ASP K 37 -1.15 11.82 33.31
N VAL K 38 -1.89 12.85 32.88
CA VAL K 38 -2.08 14.06 33.69
C VAL K 38 -2.85 13.77 34.98
N SER K 39 -3.91 12.96 34.88
CA SER K 39 -4.69 12.52 36.04
C SER K 39 -3.83 11.84 37.10
N LYS K 40 -3.03 10.85 36.67
CA LYS K 40 -2.09 10.16 37.57
C LYS K 40 -1.11 11.11 38.26
N GLN K 41 -0.57 12.05 37.48
CA GLN K 41 0.37 13.05 38.01
C GLN K 41 -0.29 13.96 39.04
N LEU K 42 -1.51 14.42 38.75
CA LEU K 42 -2.25 15.29 39.67
C LEU K 42 -2.62 14.56 40.96
N LEU K 43 -3.10 13.32 40.83
CA LEU K 43 -3.47 12.50 41.98
C LEU K 43 -2.27 12.09 42.85
N LEU K 44 -1.10 11.99 42.23
CA LEU K 44 0.12 11.67 42.95
C LEU K 44 0.58 12.86 43.79
N LEU K 45 0.53 14.06 43.19
CA LEU K 45 0.96 15.28 43.87
C LEU K 45 -0.02 15.67 44.97
N GLU K 46 -1.29 15.32 44.79
CA GLU K 46 -2.33 15.53 45.79
C GLU K 46 -2.09 14.64 47.02
N SER K 47 -1.64 13.41 46.77
CA SER K 47 -1.37 12.44 47.84
C SER K 47 -0.16 12.81 48.68
N ILE K 48 0.75 13.61 48.12
CA ILE K 48 1.96 14.02 48.83
C ILE K 48 1.67 15.20 49.76
N SER K 49 1.12 16.29 49.22
CA SER K 49 0.78 17.46 50.02
C SER K 49 -0.34 18.30 49.40
N ASN K 50 -0.78 19.30 50.14
CA ASN K 50 -1.80 20.24 49.66
C ASN K 50 -1.19 21.49 49.01
N ASP K 51 0.14 21.47 48.86
CA ASP K 51 0.87 22.55 48.19
C ASP K 51 0.43 22.70 46.74
N PRO K 52 0.51 23.94 46.19
CA PRO K 52 0.06 24.24 44.82
C PRO K 52 0.80 23.46 43.73
N ILE K 53 0.13 23.30 42.59
CA ILE K 53 0.67 22.60 41.43
C ILE K 53 0.68 23.57 40.25
N THR K 54 1.83 23.69 39.59
CA THR K 54 1.96 24.51 38.39
C THR K 54 1.84 23.62 37.15
N ILE K 55 1.00 24.03 36.21
CA ILE K 55 0.83 23.33 34.93
C ILE K 55 1.20 24.21 33.75
N PHE K 56 2.22 23.79 33.00
CA PHE K 56 2.58 24.46 31.75
C PHE K 56 1.84 23.81 30.59
N ILE K 57 1.14 24.64 29.81
CA ILE K 57 0.30 24.15 28.71
C ILE K 57 0.75 24.69 27.35
N ASN K 58 1.11 23.76 26.46
CA ASN K 58 1.38 24.06 25.07
C ASN K 58 0.56 23.08 24.23
N SER K 59 -0.64 23.49 23.83
CA SER K 59 -1.55 22.58 23.14
C SER K 59 -2.46 23.23 22.11
N GLN K 60 -2.51 22.60 20.94
CA GLN K 60 -3.41 22.95 19.85
C GLN K 60 -4.82 22.42 20.14
N GLY K 61 -4.95 21.61 21.18
CA GLY K 61 -6.21 21.00 21.56
C GLY K 61 -6.28 19.54 21.16
N GLY K 62 -7.49 19.06 20.90
CA GLY K 62 -7.71 17.69 20.49
C GLY K 62 -9.07 17.15 20.88
N HIS K 63 -9.07 16.12 21.72
CA HIS K 63 -10.29 15.42 22.11
C HIS K 63 -11.04 16.15 23.19
N VAL K 64 -12.27 16.55 22.87
CA VAL K 64 -13.12 17.36 23.77
C VAL K 64 -13.32 16.73 25.15
N GLU K 65 -13.74 15.46 25.17
CA GLU K 65 -13.99 14.75 26.43
C GLU K 65 -12.74 14.47 27.24
N ALA K 66 -11.59 14.41 26.57
CA ALA K 66 -10.30 14.29 27.25
C ALA K 66 -9.95 15.61 27.95
N GLY K 67 -10.26 16.72 27.30
CA GLY K 67 -10.11 18.06 27.88
C GLY K 67 -11.04 18.31 29.06
N ASP K 68 -12.25 17.75 28.98
CA ASP K 68 -13.24 17.82 30.06
C ASP K 68 -12.75 17.12 31.32
N THR K 69 -12.10 15.98 31.13
CA THR K 69 -11.56 15.20 32.25
C THR K 69 -10.46 15.97 32.97
N ILE K 70 -9.51 16.51 32.22
CA ILE K 70 -8.40 17.26 32.80
C ILE K 70 -8.90 18.54 33.48
N HIS K 71 -9.82 19.25 32.81
CA HIS K 71 -10.50 20.40 33.41
C HIS K 71 -11.11 20.06 34.74
N ASP K 72 -11.93 19.01 34.77
CA ASP K 72 -12.63 18.60 35.98
C ASP K 72 -11.71 18.01 37.06
N MET K 73 -10.61 17.38 36.65
CA MET K 73 -9.64 16.85 37.60
C MET K 73 -8.89 17.96 38.33
N ILE K 74 -8.59 19.04 37.60
CA ILE K 74 -7.97 20.23 38.18
C ILE K 74 -8.85 20.82 39.30
N LYS K 75 -10.14 20.93 39.04
CA LYS K 75 -11.09 21.43 40.04
C LYS K 75 -11.41 20.42 41.15
N PHE K 76 -11.20 19.13 40.85
CA PHE K 76 -11.50 18.05 41.79
C PHE K 76 -10.46 17.92 42.92
N ILE K 77 -9.19 18.07 42.57
CA ILE K 77 -8.12 17.88 43.56
C ILE K 77 -8.06 19.04 44.56
N LYS K 78 -7.61 18.75 45.78
CA LYS K 78 -7.54 19.76 46.84
C LYS K 78 -6.53 20.89 46.58
N PRO K 79 -5.31 20.58 46.08
CA PRO K 79 -4.34 21.64 45.85
C PRO K 79 -4.79 22.69 44.84
N THR K 80 -4.33 23.93 45.03
CA THR K 80 -4.61 25.03 44.11
C THR K 80 -3.72 24.88 42.86
N VAL K 81 -4.31 25.09 41.69
CA VAL K 81 -3.59 24.88 40.44
C VAL K 81 -3.34 26.18 39.70
N LYS K 82 -2.07 26.43 39.39
CA LYS K 82 -1.66 27.55 38.56
C LYS K 82 -1.40 27.05 37.14
N VAL K 83 -1.87 27.81 36.17
CA VAL K 83 -1.58 27.48 34.77
C VAL K 83 -0.67 28.52 34.13
N VAL K 84 0.27 28.03 33.33
CA VAL K 84 1.13 28.89 32.53
C VAL K 84 0.98 28.51 31.07
N GLY K 85 0.47 29.44 30.27
CA GLY K 85 0.33 29.25 28.83
C GLY K 85 1.64 29.50 28.12
N THR K 86 1.99 28.61 27.21
CA THR K 86 3.24 28.72 26.45
C THR K 86 3.10 28.21 25.01
N GLY K 87 3.65 28.96 24.06
CA GLY K 87 3.59 28.61 22.64
C GLY K 87 2.22 28.86 22.05
N TRP K 88 1.28 27.96 22.31
CA TRP K 88 -0.13 28.17 22.00
C TRP K 88 -1.04 27.39 22.92
N VAL K 89 -2.24 27.92 23.12
CA VAL K 89 -3.28 27.25 23.89
C VAL K 89 -4.58 27.44 23.11
N ALA K 90 -5.14 26.33 22.62
CA ALA K 90 -6.28 26.41 21.72
C ALA K 90 -7.27 25.29 21.94
N SER K 91 -8.55 25.61 21.74
CA SER K 91 -9.65 24.65 21.74
C SER K 91 -9.81 23.91 23.07
N ALA K 92 -9.58 22.59 23.07
CA ALA K 92 -9.65 21.78 24.28
C ALA K 92 -8.57 22.17 25.29
N GLY K 93 -7.46 22.71 24.79
CA GLY K 93 -6.40 23.25 25.64
C GLY K 93 -6.85 24.46 26.44
N ILE K 94 -7.71 25.28 25.82
CA ILE K 94 -8.30 26.45 26.49
C ILE K 94 -9.22 26.02 27.64
N THR K 95 -10.01 24.97 27.39
CA THR K 95 -10.90 24.42 28.41
C THR K 95 -10.11 23.96 29.64
N ILE K 96 -8.94 23.36 29.39
CA ILE K 96 -8.04 22.96 30.46
C ILE K 96 -7.47 24.19 31.16
N TYR K 97 -6.94 25.12 30.37
CA TYR K 97 -6.38 26.37 30.89
C TYR K 97 -7.36 27.10 31.81
N LEU K 98 -8.62 27.15 31.41
CA LEU K 98 -9.64 27.89 32.16
C LEU K 98 -10.15 27.19 33.41
N ALA K 99 -9.65 25.99 33.69
CA ALA K 99 -9.98 25.27 34.93
C ALA K 99 -9.43 25.98 36.16
N ALA K 100 -8.31 26.69 35.99
CA ALA K 100 -7.70 27.46 37.07
C ALA K 100 -8.44 28.76 37.32
N GLU K 101 -8.41 29.21 38.58
CA GLU K 101 -8.97 30.51 38.96
C GLU K 101 -8.27 31.63 38.22
N LYS K 102 -8.99 32.69 37.89
CA LYS K 102 -8.45 33.81 37.11
C LYS K 102 -7.14 34.34 37.68
N GLU K 103 -7.06 34.43 39.01
CA GLU K 103 -5.84 34.85 39.72
C GLU K 103 -4.62 34.02 39.33
N ASN K 104 -4.86 32.73 39.05
CA ASN K 104 -3.80 31.75 38.83
C ASN K 104 -3.55 31.43 37.35
N ARG K 105 -3.98 32.30 36.45
CA ARG K 105 -3.81 32.08 35.01
C ARG K 105 -2.72 32.98 34.42
N PHE K 106 -1.58 32.37 34.12
CA PHE K 106 -0.40 33.11 33.66
C PHE K 106 -0.05 32.77 32.21
N SER K 107 0.74 33.64 31.59
CA SER K 107 1.23 33.38 30.24
C SER K 107 2.67 33.84 30.05
N LEU K 108 3.44 33.02 29.32
CA LEU K 108 4.75 33.41 28.83
C LEU K 108 4.56 34.30 27.59
N PRO K 109 5.55 35.16 27.28
CA PRO K 109 5.37 36.22 26.28
C PRO K 109 5.05 35.75 24.86
N ASN K 110 5.67 34.64 24.43
CA ASN K 110 5.48 34.14 23.07
C ASN K 110 4.42 33.05 23.00
N THR K 111 3.18 33.46 23.24
CA THR K 111 2.03 32.55 23.28
C THR K 111 0.84 33.20 22.57
N ARG K 112 0.15 32.40 21.75
CA ARG K 112 -1.12 32.82 21.15
C ARG K 112 -2.24 31.89 21.58
N TYR K 113 -3.45 32.44 21.64
CA TYR K 113 -4.62 31.73 22.18
C TYR K 113 -5.74 31.67 21.16
N MET K 114 -6.48 30.56 21.16
CA MET K 114 -7.61 30.43 20.23
C MET K 114 -8.82 29.75 20.86
N ILE K 115 -9.99 30.34 20.62
CA ILE K 115 -11.26 29.70 20.93
C ILE K 115 -12.06 29.53 19.65
N HIS K 116 -12.76 28.42 19.54
CA HIS K 116 -13.71 28.18 18.45
C HIS K 116 -14.78 27.23 18.90
N GLN K 117 -15.74 26.95 18.02
CA GLN K 117 -16.72 25.92 18.27
C GLN K 117 -16.22 24.62 17.67
N PRO K 118 -15.85 23.65 18.52
CA PRO K 118 -15.18 22.41 18.09
C PRO K 118 -16.04 21.50 17.22
N ALA K 119 -15.39 20.67 16.41
CA ALA K 119 -16.06 19.65 15.63
C ALA K 119 -16.37 18.43 16.51
N GLY K 120 -17.19 17.51 15.99
CA GLY K 120 -17.57 16.32 16.74
C GLY K 120 -17.38 15.03 15.96
N GLU K 128 -28.75 8.93 12.64
CA GLU K 128 -27.62 9.26 13.50
C GLU K 128 -27.22 10.73 13.40
N ILE K 129 -27.41 11.31 12.22
CA ILE K 129 -27.01 12.71 11.94
C ILE K 129 -27.78 13.71 12.81
N GLU K 130 -29.07 13.49 12.98
CA GLU K 130 -29.89 14.30 13.89
C GLU K 130 -29.38 14.20 15.34
N ILE K 131 -29.05 12.98 15.75
CA ILE K 131 -28.51 12.71 17.08
C ILE K 131 -27.14 13.39 17.25
N GLU K 132 -26.28 13.25 16.23
CA GLU K 132 -24.96 13.86 16.24
C GLU K 132 -25.04 15.38 16.25
N ALA K 133 -25.98 15.93 15.47
CA ALA K 133 -26.18 17.37 15.40
C ALA K 133 -26.61 17.93 16.76
N LYS K 134 -27.53 17.24 17.43
CA LYS K 134 -28.00 17.68 18.75
C LYS K 134 -26.87 17.66 19.78
N GLU K 135 -26.08 16.59 19.76
CA GLU K 135 -24.93 16.46 20.66
C GLU K 135 -23.89 17.57 20.49
N ILE K 136 -23.56 17.88 19.24
CA ILE K 136 -22.58 18.93 18.93
C ILE K 136 -23.09 20.31 19.34
N ILE K 137 -24.38 20.55 19.16
CA ILE K 137 -25.04 21.77 19.63
C ILE K 137 -24.93 21.91 21.15
N ARG K 138 -25.30 20.85 21.88
CA ARG K 138 -25.26 20.84 23.34
C ARG K 138 -23.83 21.02 23.85
N MET K 139 -22.90 20.32 23.21
CA MET K 139 -21.48 20.39 23.55
C MET K 139 -20.93 21.81 23.39
N ARG K 140 -21.25 22.45 22.28
CA ARG K 140 -20.78 23.82 21.99
C ARG K 140 -21.35 24.85 22.95
N GLU K 141 -22.60 24.64 23.38
CA GLU K 141 -23.23 25.48 24.41
C GLU K 141 -22.48 25.34 25.74
N ARG K 142 -22.25 24.09 26.15
CA ARG K 142 -21.54 23.76 27.38
C ARG K 142 -20.15 24.41 27.41
N ILE K 143 -19.42 24.30 26.30
CA ILE K 143 -18.08 24.87 26.18
C ILE K 143 -18.10 26.40 26.24
N ASN K 144 -19.04 27.02 25.52
CA ASN K 144 -19.16 28.48 25.49
C ASN K 144 -19.53 29.08 26.86
N ARG K 145 -20.42 28.41 27.58
CA ARG K 145 -20.78 28.82 28.93
C ARG K 145 -19.61 28.68 29.90
N LEU K 146 -18.80 27.64 29.71
CA LEU K 146 -17.61 27.41 30.51
C LEU K 146 -16.61 28.56 30.32
N ILE K 147 -16.38 28.92 29.06
CA ILE K 147 -15.47 30.01 28.70
C ILE K 147 -15.98 31.36 29.21
N ALA K 148 -17.29 31.58 29.09
CA ALA K 148 -17.93 32.82 29.55
C ALA K 148 -17.72 33.02 31.06
N GLU K 149 -18.04 31.98 31.83
CA GLU K 149 -17.92 31.98 33.28
C GLU K 149 -16.48 32.28 33.76
N ALA K 150 -15.50 31.70 33.06
CA ALA K 150 -14.09 31.83 33.46
C ALA K 150 -13.45 33.15 33.04
N THR K 151 -13.90 33.69 31.92
CA THR K 151 -13.32 34.92 31.38
C THR K 151 -14.06 36.19 31.85
N GLY K 152 -15.30 36.02 32.27
CA GLY K 152 -16.15 37.14 32.68
C GLY K 152 -16.91 37.75 31.52
N GLN K 153 -16.69 37.22 30.32
CA GLN K 153 -17.42 37.63 29.13
C GLN K 153 -18.82 37.03 29.16
N SER K 154 -19.76 37.66 28.46
CA SER K 154 -21.13 37.15 28.37
C SER K 154 -21.18 35.94 27.44
N TYR K 155 -22.18 35.09 27.64
CA TYR K 155 -22.41 33.94 26.77
C TYR K 155 -22.57 34.37 25.30
N GLU K 156 -23.33 35.44 25.08
CA GLU K 156 -23.58 35.97 23.73
C GLU K 156 -22.30 36.44 23.05
N GLN K 157 -21.41 37.06 23.81
CA GLN K 157 -20.13 37.52 23.28
C GLN K 157 -19.23 36.35 22.86
N ILE K 158 -19.18 35.32 23.70
CA ILE K 158 -18.40 34.10 23.40
C ILE K 158 -19.00 33.39 22.19
N SER K 159 -20.31 33.15 22.24
CA SER K 159 -21.04 32.52 21.13
C SER K 159 -20.77 33.20 19.79
N LYS K 160 -20.79 34.53 19.79
CA LYS K 160 -20.54 35.34 18.59
C LYS K 160 -19.08 35.22 18.11
N ASP K 161 -18.14 35.30 19.04
CA ASP K 161 -16.71 35.29 18.74
C ASP K 161 -16.20 33.92 18.28
N THR K 162 -16.82 32.85 18.75
CA THR K 162 -16.37 31.48 18.44
C THR K 162 -16.96 30.92 17.14
N ASP K 163 -17.73 31.73 16.42
CA ASP K 163 -18.33 31.31 15.15
C ASP K 163 -17.30 30.74 14.18
N ARG K 164 -16.10 31.33 14.19
CA ARG K 164 -14.94 30.80 13.46
C ARG K 164 -13.70 30.82 14.34
N ASP K 165 -12.59 30.28 13.82
CA ASP K 165 -11.32 30.26 14.55
C ASP K 165 -10.91 31.68 14.96
N PHE K 166 -10.97 31.92 16.27
CA PHE K 166 -10.75 33.25 16.84
C PHE K 166 -9.42 33.29 17.59
N TRP K 167 -8.37 33.68 16.86
CA TRP K 167 -7.02 33.75 17.42
C TRP K 167 -6.77 35.05 18.12
N LEU K 168 -6.15 34.96 19.29
CA LEU K 168 -5.78 36.12 20.09
C LEU K 168 -4.30 36.14 20.41
N SER K 169 -3.68 37.31 20.30
CA SER K 169 -2.31 37.50 20.77
C SER K 169 -2.31 37.47 22.29
N VAL K 170 -1.12 37.37 22.89
CA VAL K 170 -1.01 37.29 24.35
C VAL K 170 -1.67 38.47 25.07
N ASN K 171 -1.47 39.69 24.56
CA ASN K 171 -2.09 40.89 25.14
C ASN K 171 -3.60 40.95 24.92
N GLU K 172 -4.03 40.54 23.73
CA GLU K 172 -5.47 40.45 23.41
C GLU K 172 -6.16 39.43 24.29
N ALA K 173 -5.50 38.29 24.53
CA ALA K 173 -6.00 37.25 25.42
C ALA K 173 -6.13 37.74 26.87
N LYS K 174 -5.23 38.63 27.28
CA LYS K 174 -5.30 39.27 28.59
C LYS K 174 -6.50 40.22 28.68
N ASP K 175 -6.66 41.06 27.65
CA ASP K 175 -7.77 41.99 27.55
C ASP K 175 -9.12 41.26 27.52
N TYR K 176 -9.11 40.05 26.97
CA TYR K 176 -10.31 39.24 26.79
C TYR K 176 -10.73 38.55 28.08
N GLY K 177 -9.79 38.37 29.01
CA GLY K 177 -10.06 37.72 30.28
C GLY K 177 -9.63 36.27 30.36
N ILE K 178 -8.84 35.83 29.37
CA ILE K 178 -8.28 34.47 29.38
C ILE K 178 -7.03 34.45 30.25
N VAL K 179 -6.08 35.32 29.91
CA VAL K 179 -4.82 35.46 30.63
C VAL K 179 -4.97 36.57 31.68
N ASN K 180 -4.51 36.31 32.90
CA ASN K 180 -4.52 37.32 33.95
C ASN K 180 -3.22 38.11 34.06
N GLU K 181 -2.09 37.43 33.84
CA GLU K 181 -0.77 38.06 33.96
C GLU K 181 0.23 37.48 32.96
N ILE K 182 0.93 38.37 32.27
CA ILE K 182 2.03 37.98 31.37
C ILE K 182 3.35 38.05 32.13
N ILE K 183 4.05 36.92 32.20
CA ILE K 183 5.29 36.82 32.97
C ILE K 183 6.47 36.38 32.11
N GLU K 184 7.65 36.89 32.42
CA GLU K 184 8.88 36.55 31.68
C GLU K 184 9.86 35.75 32.56
N ASN K 185 9.79 35.96 33.86
CA ASN K 185 10.72 35.32 34.80
C ASN K 185 10.02 34.61 35.94
N ARG K 186 10.80 33.86 36.73
CA ARG K 186 10.31 33.10 37.89
C ARG K 186 9.56 33.93 38.91
N ASP K 187 10.16 35.04 39.34
CA ASP K 187 9.55 35.95 40.32
C ASP K 187 8.23 36.54 39.83
N GLY K 188 7.97 36.38 38.52
CA GLY K 188 6.69 36.75 37.92
C GLY K 188 5.55 35.91 38.46
N LEU K 189 5.81 34.63 38.70
CA LEU K 189 4.84 33.74 39.34
C LEU K 189 4.59 34.13 40.79
N LYS K 190 5.64 34.66 41.44
CA LYS K 190 5.62 35.04 42.87
C LYS K 190 4.78 34.08 43.73
N ILE L 13 9.02 3.93 44.59
CA ILE L 13 8.26 4.89 45.45
C ILE L 13 7.27 5.71 44.62
N LEU L 14 7.39 5.61 43.29
CA LEU L 14 6.54 6.37 42.37
C LEU L 14 5.09 5.86 42.31
N THR L 15 4.92 4.54 42.18
CA THR L 15 3.59 3.94 42.15
C THR L 15 3.17 3.46 43.55
N GLN L 16 4.14 3.42 44.46
CA GLN L 16 3.90 3.07 45.87
C GLN L 16 2.89 4.02 46.52
N LYS L 17 3.10 5.32 46.33
CA LYS L 17 2.19 6.36 46.83
C LYS L 17 0.88 6.37 46.05
N LEU L 18 0.94 5.99 44.77
CA LEU L 18 -0.24 5.93 43.89
C LEU L 18 -1.14 4.75 44.23
N ILE L 19 -0.53 3.66 44.70
CA ILE L 19 -1.26 2.48 45.17
C ILE L 19 -1.99 2.79 46.48
N ASP L 20 -1.39 3.65 47.29
CA ASP L 20 -1.98 4.09 48.56
C ASP L 20 -3.31 4.82 48.37
N THR L 21 -3.42 5.57 47.27
CA THR L 21 -4.64 6.33 46.96
C THR L 21 -5.83 5.41 46.61
N ARG L 22 -5.52 4.14 46.33
CA ARG L 22 -6.51 3.13 45.97
C ARG L 22 -7.42 3.61 44.84
N THR L 23 -6.78 4.11 43.78
CA THR L 23 -7.46 4.69 42.62
C THR L 23 -7.09 3.93 41.35
N VAL L 24 -8.11 3.58 40.56
CA VAL L 24 -7.95 2.94 39.26
C VAL L 24 -8.53 3.86 38.18
N LEU L 25 -7.76 4.09 37.13
CA LEU L 25 -8.24 4.88 36.01
C LEU L 25 -8.60 3.97 34.83
N ILE L 26 -9.83 4.10 34.35
CA ILE L 26 -10.29 3.41 33.15
C ILE L 26 -10.57 4.47 32.08
N TYR L 27 -9.55 4.74 31.27
CA TYR L 27 -9.61 5.76 30.22
C TYR L 27 -9.42 5.10 28.86
N GLY L 28 -10.22 5.50 27.88
CA GLY L 28 -10.09 5.01 26.51
C GLY L 28 -10.96 3.81 26.20
N GLU L 29 -10.67 3.17 25.07
CA GLU L 29 -11.45 2.04 24.56
C GLU L 29 -11.38 0.84 25.50
N ILE L 30 -12.55 0.26 25.78
CA ILE L 30 -12.61 -0.97 26.54
C ILE L 30 -12.25 -2.14 25.63
N ASN L 31 -11.19 -2.86 26.00
CA ASN L 31 -10.77 -4.07 25.30
C ASN L 31 -10.15 -5.05 26.29
N GLN L 32 -9.81 -6.25 25.81
CA GLN L 32 -9.30 -7.30 26.69
C GLN L 32 -7.99 -6.94 27.40
N GLU L 33 -7.14 -6.17 26.73
CA GLU L 33 -5.89 -5.71 27.31
C GLU L 33 -6.15 -4.82 28.53
N LEU L 34 -7.06 -3.85 28.37
CA LEU L 34 -7.44 -2.97 29.47
C LEU L 34 -8.13 -3.75 30.60
N ALA L 35 -8.95 -4.74 30.21
CA ALA L 35 -9.62 -5.60 31.18
C ALA L 35 -8.61 -6.37 32.04
N GLU L 36 -7.53 -6.85 31.42
CA GLU L 36 -6.46 -7.53 32.13
C GLU L 36 -5.74 -6.56 33.08
N ASP L 37 -5.40 -5.38 32.56
CA ASP L 37 -4.74 -4.34 33.36
C ASP L 37 -5.58 -3.97 34.58
N VAL L 38 -6.87 -3.72 34.36
CA VAL L 38 -7.80 -3.35 35.45
C VAL L 38 -7.97 -4.50 36.45
N SER L 39 -8.13 -5.72 35.93
CA SER L 39 -8.25 -6.91 36.80
C SER L 39 -7.07 -7.05 37.76
N LYS L 40 -5.86 -6.87 37.25
CA LYS L 40 -4.65 -6.97 38.07
C LYS L 40 -4.60 -5.88 39.13
N GLN L 41 -5.02 -4.67 38.77
CA GLN L 41 -5.06 -3.55 39.70
C GLN L 41 -6.06 -3.79 40.83
N LEU L 42 -7.23 -4.32 40.48
CA LEU L 42 -8.29 -4.59 41.45
C LEU L 42 -7.94 -5.74 42.39
N LEU L 43 -7.30 -6.77 41.85
CA LEU L 43 -6.83 -7.90 42.66
C LEU L 43 -5.67 -7.50 43.59
N LEU L 44 -4.80 -6.61 43.11
CA LEU L 44 -3.68 -6.12 43.90
C LEU L 44 -4.16 -5.29 45.10
N LEU L 45 -5.12 -4.41 44.85
CA LEU L 45 -5.68 -3.57 45.92
C LEU L 45 -6.51 -4.39 46.91
N GLU L 46 -7.17 -5.43 46.41
CA GLU L 46 -7.93 -6.35 47.26
C GLU L 46 -7.01 -7.12 48.21
N SER L 47 -5.84 -7.50 47.73
CA SER L 47 -4.87 -8.28 48.51
C SER L 47 -4.22 -7.46 49.63
N ILE L 48 -4.22 -6.14 49.47
CA ILE L 48 -3.63 -5.24 50.46
C ILE L 48 -4.58 -5.00 51.63
N SER L 49 -5.79 -4.53 51.34
CA SER L 49 -6.79 -4.24 52.38
C SER L 49 -8.22 -4.33 51.84
N ASN L 50 -9.18 -4.15 52.75
CA ASN L 50 -10.59 -4.10 52.38
C ASN L 50 -11.13 -2.68 52.32
N ASP L 51 -10.23 -1.71 52.26
CA ASP L 51 -10.59 -0.30 52.12
C ASP L 51 -11.20 -0.02 50.73
N PRO L 52 -12.10 0.98 50.64
CA PRO L 52 -12.77 1.35 49.39
C PRO L 52 -11.81 1.66 48.23
N ILE L 53 -12.26 1.36 47.01
CA ILE L 53 -11.50 1.65 45.79
C ILE L 53 -12.30 2.63 44.93
N THR L 54 -11.64 3.69 44.48
CA THR L 54 -12.26 4.68 43.60
C THR L 54 -11.81 4.47 42.15
N ILE L 55 -12.79 4.33 41.25
CA ILE L 55 -12.52 4.20 39.82
C ILE L 55 -13.01 5.42 39.05
N PHE L 56 -12.11 6.05 38.31
CA PHE L 56 -12.46 7.12 37.38
C PHE L 56 -12.61 6.53 35.98
N ILE L 57 -13.75 6.80 35.34
CA ILE L 57 -14.04 6.23 34.01
C ILE L 57 -14.30 7.31 32.94
N ASN L 58 -13.43 7.33 31.94
CA ASN L 58 -13.60 8.13 30.73
C ASN L 58 -13.51 7.18 29.53
N SER L 59 -14.65 6.71 29.04
CA SER L 59 -14.66 5.69 28.00
C SER L 59 -15.85 5.75 27.07
N GLN L 60 -15.56 5.68 25.78
CA GLN L 60 -16.55 5.59 24.69
C GLN L 60 -17.11 4.17 24.56
N GLY L 61 -16.55 3.23 25.33
CA GLY L 61 -16.95 1.83 25.25
C GLY L 61 -15.96 1.02 24.45
N GLY L 62 -16.45 -0.06 23.85
CA GLY L 62 -15.61 -0.94 23.04
C GLY L 62 -16.10 -2.38 23.05
N HIS L 63 -15.23 -3.27 23.53
CA HIS L 63 -15.52 -4.70 23.53
C HIS L 63 -16.46 -5.07 24.65
N VAL L 64 -17.56 -5.70 24.28
CA VAL L 64 -18.65 -6.05 25.21
C VAL L 64 -18.19 -7.01 26.30
N GLU L 65 -17.59 -8.13 25.90
CA GLU L 65 -17.15 -9.16 26.83
C GLU L 65 -16.01 -8.70 27.73
N ALA L 66 -15.24 -7.71 27.26
CA ALA L 66 -14.21 -7.09 28.09
C ALA L 66 -14.85 -6.22 29.16
N GLY L 67 -15.93 -5.54 28.80
CA GLY L 67 -16.72 -4.74 29.74
C GLY L 67 -17.41 -5.60 30.79
N ASP L 68 -17.93 -6.75 30.35
CA ASP L 68 -18.54 -7.74 31.24
C ASP L 68 -17.57 -8.23 32.32
N THR L 69 -16.32 -8.43 31.93
CA THR L 69 -15.27 -8.88 32.85
C THR L 69 -15.00 -7.85 33.93
N ILE L 70 -14.81 -6.59 33.52
CA ILE L 70 -14.55 -5.51 34.45
C ILE L 70 -15.74 -5.31 35.40
N HIS L 71 -16.94 -5.34 34.84
CA HIS L 71 -18.18 -5.28 35.62
C HIS L 71 -18.20 -6.35 36.69
N ASP L 72 -18.02 -7.60 36.28
CA ASP L 72 -18.06 -8.74 37.19
C ASP L 72 -16.92 -8.77 38.20
N MET L 73 -15.75 -8.26 37.81
CA MET L 73 -14.60 -8.17 38.72
C MET L 73 -14.85 -7.17 39.84
N ILE L 74 -15.44 -6.03 39.50
CA ILE L 74 -15.81 -5.01 40.47
C ILE L 74 -16.73 -5.56 41.57
N LYS L 75 -17.70 -6.37 41.17
CA LYS L 75 -18.60 -7.02 42.12
C LYS L 75 -17.94 -8.20 42.84
N PHE L 76 -17.00 -8.86 42.16
CA PHE L 76 -16.34 -10.05 42.69
C PHE L 76 -15.44 -9.75 43.89
N ILE L 77 -14.70 -8.65 43.80
CA ILE L 77 -13.73 -8.29 44.84
C ILE L 77 -14.44 -7.82 46.12
N LYS L 78 -13.79 -8.03 47.26
CA LYS L 78 -14.38 -7.71 48.56
C LYS L 78 -14.54 -6.20 48.84
N PRO L 79 -13.52 -5.37 48.50
CA PRO L 79 -13.65 -3.94 48.79
C PRO L 79 -14.82 -3.26 48.09
N THR L 80 -15.38 -2.25 48.72
CA THR L 80 -16.46 -1.46 48.12
C THR L 80 -15.88 -0.56 47.04
N VAL L 81 -16.53 -0.58 45.88
CA VAL L 81 -16.05 0.21 44.74
C VAL L 81 -16.94 1.43 44.48
N LYS L 82 -16.30 2.59 44.43
CA LYS L 82 -16.93 3.83 44.01
C LYS L 82 -16.51 4.16 42.58
N VAL L 83 -17.47 4.56 41.76
CA VAL L 83 -17.17 4.98 40.38
C VAL L 83 -17.38 6.47 40.20
N VAL L 84 -16.50 7.09 39.42
CA VAL L 84 -16.62 8.50 39.07
C VAL L 84 -16.54 8.66 37.57
N GLY L 85 -17.67 8.99 36.94
CA GLY L 85 -17.72 9.26 35.50
C GLY L 85 -17.15 10.62 35.18
N THR L 86 -16.37 10.67 34.10
CA THR L 86 -15.69 11.90 33.68
C THR L 86 -15.48 11.97 32.15
N GLY L 87 -15.76 13.13 31.56
CA GLY L 87 -15.64 13.31 30.10
C GLY L 87 -16.80 12.66 29.37
N TRP L 88 -16.73 11.35 29.19
CA TRP L 88 -17.87 10.54 28.75
C TRP L 88 -17.84 9.12 29.23
N VAL L 89 -19.03 8.52 29.32
CA VAL L 89 -19.19 7.12 29.67
C VAL L 89 -20.27 6.54 28.75
N ALA L 90 -19.89 5.59 27.90
CA ALA L 90 -20.79 5.07 26.88
C ALA L 90 -20.65 3.57 26.65
N SER L 91 -21.78 2.94 26.35
CA SER L 91 -21.83 1.55 25.89
C SER L 91 -21.23 0.56 26.89
N ALA L 92 -20.10 -0.06 26.53
CA ALA L 92 -19.40 -0.97 27.44
C ALA L 92 -18.95 -0.25 28.72
N GLY L 93 -18.63 1.05 28.58
CA GLY L 93 -18.29 1.90 29.72
C GLY L 93 -19.41 2.05 30.74
N ILE L 94 -20.65 2.11 30.25
CA ILE L 94 -21.84 2.17 31.11
C ILE L 94 -22.00 0.89 31.92
N THR L 95 -21.78 -0.26 31.28
CA THR L 95 -21.86 -1.56 31.95
C THR L 95 -20.89 -1.64 33.12
N ILE L 96 -19.70 -1.09 32.93
CA ILE L 96 -18.68 -1.02 33.99
C ILE L 96 -19.10 -0.06 35.09
N TYR L 97 -19.60 1.11 34.68
CA TYR L 97 -20.06 2.15 35.61
C TYR L 97 -21.14 1.62 36.57
N LEU L 98 -22.06 0.83 36.02
CA LEU L 98 -23.22 0.34 36.76
C LEU L 98 -22.91 -0.86 37.66
N ALA L 99 -21.65 -1.30 37.67
CA ALA L 99 -21.24 -2.41 38.53
C ALA L 99 -21.25 -2.01 40.00
N ALA L 100 -20.98 -0.73 40.26
CA ALA L 100 -21.01 -0.17 41.61
C ALA L 100 -22.45 -0.02 42.08
N GLU L 101 -22.64 0.00 43.40
CA GLU L 101 -23.95 0.23 44.00
C GLU L 101 -24.37 1.69 43.78
N LYS L 102 -25.68 1.91 43.66
CA LYS L 102 -26.22 3.22 43.31
C LYS L 102 -25.62 4.35 44.15
N GLU L 103 -25.52 4.13 45.46
CA GLU L 103 -24.97 5.09 46.41
C GLU L 103 -23.55 5.54 46.05
N ASN L 104 -22.82 4.66 45.36
CA ASN L 104 -21.40 4.87 45.06
C ASN L 104 -21.12 5.31 43.62
N ARG L 105 -22.15 5.74 42.92
CA ARG L 105 -22.02 6.18 41.52
C ARG L 105 -22.02 7.71 41.41
N PHE L 106 -20.85 8.26 41.12
CA PHE L 106 -20.62 9.70 41.10
C PHE L 106 -20.31 10.18 39.69
N SER L 107 -20.38 11.50 39.49
CA SER L 107 -19.99 12.12 38.24
C SER L 107 -19.41 13.51 38.42
N LEU L 108 -18.37 13.78 37.65
CA LEU L 108 -17.84 15.13 37.51
C LEU L 108 -18.77 15.93 36.59
N PRO L 109 -18.78 17.28 36.71
CA PRO L 109 -19.78 18.12 36.03
C PRO L 109 -19.78 18.05 34.49
N ASN L 110 -18.59 17.96 33.89
CA ASN L 110 -18.47 17.94 32.43
C ASN L 110 -18.36 16.51 31.87
N THR L 111 -19.49 15.81 31.91
CA THR L 111 -19.58 14.42 31.49
C THR L 111 -20.91 14.19 30.79
N ARG L 112 -20.88 13.41 29.70
CA ARG L 112 -22.11 12.93 29.08
C ARG L 112 -22.14 11.40 29.06
N TYR L 113 -23.35 10.85 29.04
CA TYR L 113 -23.54 9.41 29.15
C TYR L 113 -24.33 8.91 27.96
N MET L 114 -24.06 7.67 27.55
CA MET L 114 -24.78 7.07 26.44
C MET L 114 -25.02 5.58 26.64
N ILE L 115 -26.26 5.19 26.39
CA ILE L 115 -26.64 3.79 26.32
C ILE L 115 -27.21 3.51 24.93
N HIS L 116 -26.99 2.28 24.46
CA HIS L 116 -27.50 1.85 23.17
C HIS L 116 -27.41 0.36 23.08
N GLN L 117 -28.02 -0.21 22.05
CA GLN L 117 -27.89 -1.63 21.79
C GLN L 117 -26.64 -1.86 20.92
N PRO L 118 -25.58 -2.45 21.51
CA PRO L 118 -24.27 -2.57 20.87
C PRO L 118 -24.25 -3.48 19.63
N ALA L 119 -23.19 -3.34 18.84
CA ALA L 119 -22.98 -4.18 17.66
C ALA L 119 -22.37 -5.52 18.05
N GLY L 120 -22.41 -6.49 17.13
CA GLY L 120 -21.88 -7.82 17.40
C GLY L 120 -20.86 -8.29 16.36
N GLU L 128 -24.50 -19.00 9.65
CA GLU L 128 -23.84 -18.27 10.73
C GLU L 128 -24.64 -17.03 11.13
N ILE L 129 -25.36 -16.46 10.17
CA ILE L 129 -26.13 -15.22 10.36
C ILE L 129 -27.28 -15.40 11.33
N GLU L 130 -27.92 -16.58 11.30
CA GLU L 130 -28.97 -16.92 12.27
C GLU L 130 -28.39 -17.04 13.68
N ILE L 131 -27.25 -17.72 13.78
CA ILE L 131 -26.54 -17.88 15.06
C ILE L 131 -26.09 -16.53 15.61
N GLU L 132 -25.47 -15.72 14.75
CA GLU L 132 -25.01 -14.38 15.13
C GLU L 132 -26.18 -13.49 15.56
N ALA L 133 -27.29 -13.55 14.82
CA ALA L 133 -28.49 -12.79 15.15
C ALA L 133 -29.02 -13.15 16.54
N LYS L 134 -29.11 -14.45 16.82
CA LYS L 134 -29.59 -14.92 18.12
C LYS L 134 -28.70 -14.40 19.26
N GLU L 135 -27.38 -14.45 19.06
CA GLU L 135 -26.42 -13.99 20.06
C GLU L 135 -26.52 -12.49 20.35
N ILE L 136 -26.71 -11.71 19.31
CA ILE L 136 -26.84 -10.25 19.46
C ILE L 136 -28.15 -9.90 20.18
N ILE L 137 -29.20 -10.66 19.90
CA ILE L 137 -30.49 -10.53 20.59
C ILE L 137 -30.33 -10.82 22.09
N ARG L 138 -29.76 -11.96 22.42
CA ARG L 138 -29.52 -12.36 23.81
C ARG L 138 -28.60 -11.36 24.52
N MET L 139 -27.54 -10.94 23.82
CA MET L 139 -26.60 -9.97 24.35
C MET L 139 -27.30 -8.66 24.71
N ARG L 140 -28.17 -8.19 23.83
CA ARG L 140 -28.92 -6.96 24.05
C ARG L 140 -29.92 -7.10 25.19
N GLU L 141 -30.57 -8.27 25.28
CA GLU L 141 -31.43 -8.61 26.41
C GLU L 141 -30.69 -8.50 27.72
N ARG L 142 -29.57 -9.22 27.81
CA ARG L 142 -28.73 -9.26 29.01
C ARG L 142 -28.28 -7.87 29.46
N ILE L 143 -27.81 -7.06 28.50
CA ILE L 143 -27.33 -5.72 28.80
C ILE L 143 -28.47 -4.79 29.25
N ASN L 144 -29.62 -4.87 28.58
CA ASN L 144 -30.78 -4.06 28.96
C ASN L 144 -31.34 -4.40 30.35
N ARG L 145 -31.33 -5.68 30.71
CA ARG L 145 -31.74 -6.12 32.05
C ARG L 145 -30.76 -5.67 33.13
N LEU L 146 -29.47 -5.66 32.79
CA LEU L 146 -28.44 -5.18 33.68
C LEU L 146 -28.63 -3.69 33.96
N ILE L 147 -28.90 -2.93 32.90
CA ILE L 147 -29.16 -1.50 33.03
C ILE L 147 -30.44 -1.25 33.85
N ALA L 148 -31.49 -2.03 33.56
CA ALA L 148 -32.76 -1.94 34.27
C ALA L 148 -32.59 -2.12 35.78
N GLU L 149 -31.98 -3.24 36.17
CA GLU L 149 -31.72 -3.57 37.57
C GLU L 149 -30.92 -2.48 38.30
N ALA L 150 -29.90 -1.95 37.62
CA ALA L 150 -29.01 -0.96 38.22
C ALA L 150 -29.62 0.44 38.35
N THR L 151 -30.47 0.82 37.40
CA THR L 151 -31.05 2.17 37.38
C THR L 151 -32.41 2.26 38.08
N GLY L 152 -33.09 1.11 38.20
CA GLY L 152 -34.41 1.06 38.80
C GLY L 152 -35.54 1.12 37.78
N GLN L 153 -35.20 1.39 36.52
CA GLN L 153 -36.18 1.48 35.45
C GLN L 153 -36.53 0.10 34.91
N SER L 154 -37.71 -0.01 34.30
CA SER L 154 -38.19 -1.30 33.76
C SER L 154 -37.38 -1.71 32.52
N TYR L 155 -37.33 -3.03 32.29
CA TYR L 155 -36.66 -3.59 31.12
C TYR L 155 -37.28 -3.09 29.81
N GLU L 156 -38.61 -2.98 29.79
CA GLU L 156 -39.34 -2.49 28.62
C GLU L 156 -38.95 -1.06 28.25
N GLN L 157 -38.79 -0.21 29.27
CA GLN L 157 -38.39 1.19 29.07
C GLN L 157 -36.95 1.31 28.56
N ILE L 158 -36.06 0.46 29.09
CA ILE L 158 -34.66 0.45 28.64
C ILE L 158 -34.56 -0.01 27.18
N SER L 159 -35.24 -1.11 26.84
CA SER L 159 -35.31 -1.62 25.47
C SER L 159 -35.73 -0.54 24.48
N LYS L 160 -36.72 0.25 24.87
CA LYS L 160 -37.27 1.33 24.06
C LYS L 160 -36.25 2.45 23.88
N ASP L 161 -35.62 2.85 24.98
CA ASP L 161 -34.67 3.97 24.97
C ASP L 161 -33.35 3.63 24.26
N THR L 162 -32.98 2.35 24.26
CA THR L 162 -31.72 1.91 23.66
C THR L 162 -31.84 1.52 22.18
N ASP L 163 -32.97 1.85 21.55
CA ASP L 163 -33.17 1.55 20.14
C ASP L 163 -32.14 2.27 19.26
N ARG L 164 -31.83 3.50 19.63
CA ARG L 164 -30.74 4.25 19.00
C ARG L 164 -29.80 4.84 20.04
N ASP L 165 -28.71 5.45 19.59
CA ASP L 165 -27.75 6.09 20.50
C ASP L 165 -28.48 7.09 21.40
N PHE L 166 -28.57 6.75 22.68
CA PHE L 166 -29.33 7.52 23.65
C PHE L 166 -28.39 8.33 24.53
N TRP L 167 -28.12 9.56 24.13
CA TRP L 167 -27.22 10.45 24.86
C TRP L 167 -27.91 11.19 25.96
N LEU L 168 -27.26 11.25 27.11
CA LEU L 168 -27.78 11.95 28.28
C LEU L 168 -26.73 12.90 28.83
N SER L 169 -27.14 14.15 29.07
CA SER L 169 -26.33 15.08 29.85
C SER L 169 -26.14 14.52 31.26
N VAL L 170 -25.22 15.11 32.03
CA VAL L 170 -24.95 14.63 33.39
C VAL L 170 -26.22 14.64 34.26
N ASN L 171 -27.00 15.71 34.17
CA ASN L 171 -28.24 15.84 34.92
C ASN L 171 -29.33 14.88 34.46
N GLU L 172 -29.39 14.64 33.15
CA GLU L 172 -30.33 13.66 32.59
C GLU L 172 -29.96 12.24 33.02
N ALA L 173 -28.66 11.96 33.11
CA ALA L 173 -28.18 10.65 33.57
C ALA L 173 -28.48 10.44 35.05
N LYS L 174 -28.40 11.52 35.82
CA LYS L 174 -28.81 11.53 37.22
C LYS L 174 -30.31 11.23 37.35
N ASP L 175 -31.14 11.95 36.58
CA ASP L 175 -32.59 11.74 36.57
C ASP L 175 -32.95 10.33 36.10
N TYR L 176 -32.13 9.77 35.21
CA TYR L 176 -32.35 8.44 34.66
C TYR L 176 -32.04 7.31 35.65
N GLY L 177 -31.27 7.63 36.68
CA GLY L 177 -30.88 6.64 37.67
C GLY L 177 -29.51 5.99 37.41
N ILE L 178 -28.74 6.58 36.51
CA ILE L 178 -27.37 6.12 36.24
C ILE L 178 -26.42 6.77 37.25
N VAL L 179 -26.40 8.10 37.24
CA VAL L 179 -25.62 8.87 38.20
C VAL L 179 -26.46 9.06 39.46
N ASN L 180 -25.80 8.97 40.62
CA ASN L 180 -26.47 9.24 41.89
C ASN L 180 -26.19 10.66 42.40
N GLU L 181 -24.92 11.06 42.34
CA GLU L 181 -24.52 12.39 42.79
C GLU L 181 -23.49 13.03 41.86
N ILE L 182 -23.71 14.31 41.55
CA ILE L 182 -22.75 15.10 40.78
C ILE L 182 -21.82 15.86 41.72
N ILE L 183 -20.53 15.56 41.64
CA ILE L 183 -19.53 16.18 42.52
C ILE L 183 -18.51 17.01 41.74
N GLU L 184 -18.03 18.08 42.38
CA GLU L 184 -17.06 18.98 41.77
C GLU L 184 -15.73 18.95 42.53
N ASN L 185 -15.79 18.65 43.82
CA ASN L 185 -14.62 18.66 44.69
C ASN L 185 -14.40 17.33 45.41
N ARG L 186 -13.23 17.22 46.06
CA ARG L 186 -12.88 16.03 46.85
C ARG L 186 -13.89 15.70 47.94
N ASP L 187 -14.35 16.73 48.67
CA ASP L 187 -15.29 16.57 49.78
C ASP L 187 -16.65 16.01 49.35
N GLY L 188 -16.89 15.98 48.05
CA GLY L 188 -18.11 15.39 47.47
C GLY L 188 -18.20 13.89 47.67
N LEU L 189 -17.06 13.20 47.58
CA LEU L 189 -16.98 11.77 47.85
C LEU L 189 -17.15 11.47 49.34
N LYS L 190 -16.75 12.44 50.17
CA LYS L 190 -16.81 12.38 51.65
C LYS L 190 -16.50 11.02 52.29
N ILE M 13 8.43 -4.75 44.40
CA ILE M 13 7.30 -5.27 45.24
C ILE M 13 5.96 -5.08 44.51
N LEU M 14 6.02 -4.88 43.19
CA LEU M 14 4.83 -4.62 42.37
C LEU M 14 4.13 -5.91 41.90
N THR M 15 4.91 -6.94 41.57
CA THR M 15 4.37 -8.24 41.19
C THR M 15 4.54 -9.24 42.35
N GLN M 16 5.38 -8.88 43.31
CA GLN M 16 5.64 -9.70 44.50
C GLN M 16 4.36 -10.10 45.24
N LYS M 17 3.51 -9.13 45.53
CA LYS M 17 2.25 -9.38 46.22
C LYS M 17 1.19 -9.96 45.27
N LEU M 18 1.36 -9.69 43.97
CA LEU M 18 0.49 -10.28 42.95
C LEU M 18 0.78 -11.77 42.76
N ILE M 19 2.03 -12.16 43.02
CA ILE M 19 2.45 -13.56 43.01
C ILE M 19 1.84 -14.31 44.21
N ASP M 20 1.68 -13.60 45.33
CA ASP M 20 1.07 -14.16 46.54
C ASP M 20 -0.40 -14.53 46.37
N THR M 21 -1.10 -13.84 45.47
CA THR M 21 -2.51 -14.12 45.19
C THR M 21 -2.70 -15.45 44.44
N ARG M 22 -1.64 -15.90 43.77
CA ARG M 22 -1.64 -17.15 42.99
C ARG M 22 -2.75 -17.17 41.94
N THR M 23 -2.82 -16.07 41.19
CA THR M 23 -3.83 -15.86 40.17
C THR M 23 -3.16 -15.69 38.80
N VAL M 24 -3.70 -16.37 37.80
CA VAL M 24 -3.25 -16.24 36.41
C VAL M 24 -4.42 -15.74 35.57
N LEU M 25 -4.17 -14.71 34.77
CA LEU M 25 -5.18 -14.20 33.85
C LEU M 25 -4.91 -14.68 32.43
N ILE M 26 -5.91 -15.29 31.80
CA ILE M 26 -5.82 -15.70 30.41
C ILE M 26 -6.87 -14.92 29.61
N TYR M 27 -6.48 -13.72 29.19
CA TYR M 27 -7.39 -12.80 28.50
C TYR M 27 -6.91 -12.60 27.06
N GLY M 28 -7.83 -12.76 26.10
CA GLY M 28 -7.51 -12.52 24.70
C GLY M 28 -7.25 -13.78 23.91
N GLU M 29 -6.70 -13.60 22.72
CA GLU M 29 -6.44 -14.69 21.77
C GLU M 29 -5.46 -15.71 22.32
N ILE M 30 -5.83 -16.99 22.21
CA ILE M 30 -4.94 -18.09 22.59
C ILE M 30 -3.94 -18.30 21.46
N ASN M 31 -2.67 -18.04 21.75
CA ASN M 31 -1.57 -18.29 20.80
C ASN M 31 -0.33 -18.78 21.55
N GLN M 32 0.71 -19.12 20.80
CA GLN M 32 1.92 -19.69 21.38
C GLN M 32 2.63 -18.75 22.36
N GLU M 33 2.59 -17.46 22.06
CA GLU M 33 3.14 -16.42 22.95
C GLU M 33 2.43 -16.42 24.31
N LEU M 34 1.09 -16.44 24.28
CA LEU M 34 0.31 -16.50 25.52
C LEU M 34 0.56 -17.81 26.25
N ALA M 35 0.60 -18.91 25.50
CA ALA M 35 0.88 -20.24 26.05
C ALA M 35 2.22 -20.29 26.79
N GLU M 36 3.24 -19.63 26.25
CA GLU M 36 4.55 -19.53 26.90
C GLU M 36 4.47 -18.71 28.19
N ASP M 37 3.80 -17.57 28.11
CA ASP M 37 3.58 -16.69 29.25
C ASP M 37 2.85 -17.43 30.38
N VAL M 38 1.79 -18.16 30.04
CA VAL M 38 1.01 -18.90 31.02
C VAL M 38 1.82 -20.07 31.63
N SER M 39 2.53 -20.80 30.77
CA SER M 39 3.39 -21.88 31.23
C SER M 39 4.41 -21.41 32.28
N LYS M 40 5.06 -20.28 31.99
CA LYS M 40 6.03 -19.69 32.92
C LYS M 40 5.41 -19.31 34.26
N GLN M 41 4.23 -18.72 34.22
CA GLN M 41 3.51 -18.33 35.43
C GLN M 41 3.13 -19.55 36.26
N LEU M 42 2.60 -20.59 35.60
CA LEU M 42 2.22 -21.83 36.29
C LEU M 42 3.43 -22.54 36.89
N LEU M 43 4.52 -22.60 36.13
CA LEU M 43 5.77 -23.20 36.61
C LEU M 43 6.37 -22.42 37.79
N LEU M 44 6.28 -21.10 37.73
CA LEU M 44 6.74 -20.25 38.83
C LEU M 44 5.95 -20.52 40.11
N LEU M 45 4.62 -20.56 39.99
CA LEU M 45 3.76 -20.77 41.15
C LEU M 45 3.90 -22.18 41.73
N GLU M 46 4.11 -23.17 40.86
CA GLU M 46 4.37 -24.54 41.28
C GLU M 46 5.66 -24.66 42.10
N SER M 47 6.70 -23.95 41.66
CA SER M 47 8.00 -23.99 42.32
C SER M 47 8.01 -23.34 43.70
N ILE M 48 7.07 -22.40 43.91
CA ILE M 48 6.94 -21.71 45.20
C ILE M 48 6.27 -22.59 46.24
N SER M 49 5.08 -23.12 45.91
CA SER M 49 4.34 -23.99 46.82
C SER M 49 3.37 -24.91 46.07
N ASN M 50 2.66 -25.75 46.81
CA ASN M 50 1.63 -26.62 46.25
C ASN M 50 0.21 -26.10 46.49
N ASP M 51 0.12 -24.86 46.94
CA ASP M 51 -1.16 -24.19 47.18
C ASP M 51 -1.97 -24.04 45.88
N PRO M 52 -3.31 -23.95 46.00
CA PRO M 52 -4.18 -23.78 44.82
C PRO M 52 -3.84 -22.55 43.97
N ILE M 53 -4.14 -22.65 42.67
CA ILE M 53 -3.99 -21.54 41.73
C ILE M 53 -5.36 -21.22 41.11
N THR M 54 -5.67 -19.94 41.01
CA THR M 54 -6.90 -19.49 40.36
C THR M 54 -6.60 -18.90 38.99
N ILE M 55 -7.29 -19.39 37.96
CA ILE M 55 -7.17 -18.84 36.61
C ILE M 55 -8.48 -18.19 36.15
N PHE M 56 -8.42 -16.90 35.85
CA PHE M 56 -9.54 -16.20 35.20
C PHE M 56 -9.35 -16.23 33.69
N ILE M 57 -10.35 -16.74 32.97
CA ILE M 57 -10.28 -16.88 31.52
C ILE M 57 -11.32 -16.02 30.82
N ASN M 58 -10.83 -15.13 29.96
CA ASN M 58 -11.67 -14.35 29.05
C ASN M 58 -11.08 -14.50 27.64
N SER M 59 -11.57 -15.47 26.89
CA SER M 59 -10.97 -15.78 25.59
C SER M 59 -11.93 -16.28 24.53
N GLN M 60 -11.77 -15.74 23.33
CA GLN M 60 -12.52 -16.15 22.14
C GLN M 60 -11.92 -17.39 21.48
N GLY M 61 -10.79 -17.87 22.03
CA GLY M 61 -10.08 -19.01 21.47
C GLY M 61 -8.91 -18.57 20.61
N GLY M 62 -8.58 -19.40 19.63
CA GLY M 62 -7.45 -19.14 18.74
C GLY M 62 -6.75 -20.41 18.32
N HIS M 63 -5.45 -20.48 18.60
CA HIS M 63 -4.61 -21.57 18.14
C HIS M 63 -4.83 -22.83 18.95
N VAL M 64 -5.27 -23.89 18.26
CA VAL M 64 -5.62 -25.16 18.89
C VAL M 64 -4.47 -25.76 19.70
N GLU M 65 -3.31 -25.91 19.08
CA GLU M 65 -2.14 -26.51 19.75
C GLU M 65 -1.62 -25.69 20.91
N ALA M 66 -1.83 -24.38 20.85
CA ALA M 66 -1.49 -23.51 21.99
C ALA M 66 -2.44 -23.78 23.15
N GLY M 67 -3.73 -23.95 22.83
CA GLY M 67 -4.73 -24.34 23.82
C GLY M 67 -4.44 -25.70 24.43
N ASP M 68 -4.01 -26.64 23.59
CA ASP M 68 -3.63 -27.98 24.04
C ASP M 68 -2.52 -27.96 25.09
N THR M 69 -1.52 -27.12 24.86
CA THR M 69 -0.38 -26.94 25.77
C THR M 69 -0.81 -26.40 27.12
N ILE M 70 -1.64 -25.35 27.13
CA ILE M 70 -2.10 -24.76 28.37
C ILE M 70 -2.96 -25.77 29.16
N HIS M 71 -3.85 -26.46 28.45
CA HIS M 71 -4.65 -27.53 29.02
C HIS M 71 -3.81 -28.57 29.72
N ASP M 72 -2.83 -29.11 29.01
CA ASP M 72 -1.96 -30.15 29.55
C ASP M 72 -1.04 -29.68 30.67
N MET M 73 -0.63 -28.41 30.61
CA MET M 73 0.19 -27.80 31.67
C MET M 73 -0.58 -27.65 32.96
N ILE M 74 -1.87 -27.33 32.86
CA ILE M 74 -2.75 -27.22 34.02
C ILE M 74 -2.82 -28.55 34.76
N LYS M 75 -2.96 -29.64 34.01
CA LYS M 75 -3.03 -30.99 34.58
C LYS M 75 -1.65 -31.51 35.00
N PHE M 76 -0.60 -30.99 34.38
CA PHE M 76 0.77 -31.44 34.62
C PHE M 76 1.30 -31.01 35.99
N ILE M 77 1.10 -29.74 36.32
CA ILE M 77 1.61 -29.17 37.57
C ILE M 77 0.89 -29.77 38.78
N LYS M 78 1.59 -29.78 39.92
CA LYS M 78 1.07 -30.40 41.15
C LYS M 78 -0.11 -29.64 41.77
N PRO M 79 -0.04 -28.29 41.86
CA PRO M 79 -1.14 -27.54 42.51
C PRO M 79 -2.51 -27.75 41.87
N THR M 80 -3.54 -27.72 42.69
CA THR M 80 -4.92 -27.75 42.22
C THR M 80 -5.23 -26.43 41.53
N VAL M 81 -5.87 -26.51 40.37
CA VAL M 81 -6.20 -25.32 39.59
C VAL M 81 -7.71 -25.08 39.54
N LYS M 82 -8.12 -23.91 40.00
CA LYS M 82 -9.51 -23.47 39.88
C LYS M 82 -9.63 -22.52 38.69
N VAL M 83 -10.67 -22.69 37.87
CA VAL M 83 -10.90 -21.79 36.73
C VAL M 83 -12.17 -20.95 36.91
N VAL M 84 -12.06 -19.68 36.56
CA VAL M 84 -13.21 -18.76 36.60
C VAL M 84 -13.43 -18.16 35.22
N GLY M 85 -14.55 -18.52 34.60
CA GLY M 85 -14.93 -18.00 33.30
C GLY M 85 -15.52 -16.61 33.44
N THR M 86 -15.10 -15.70 32.55
CA THR M 86 -15.55 -14.30 32.59
C THR M 86 -15.60 -13.67 31.20
N GLY M 87 -16.68 -12.93 30.91
CA GLY M 87 -16.89 -12.32 29.59
C GLY M 87 -17.32 -13.32 28.55
N TRP M 88 -16.36 -14.04 27.98
CA TRP M 88 -16.64 -15.21 27.15
C TRP M 88 -15.53 -16.23 27.21
N VAL M 89 -15.90 -17.48 26.97
CA VAL M 89 -14.95 -18.59 26.90
C VAL M 89 -15.38 -19.42 25.70
N ALA M 90 -14.56 -19.44 24.66
CA ALA M 90 -14.93 -20.10 23.41
C ALA M 90 -13.79 -20.88 22.80
N SER M 91 -14.13 -21.99 22.16
CA SER M 91 -13.21 -22.77 21.34
C SER M 91 -11.98 -23.22 22.12
N ALA M 92 -10.77 -22.84 21.68
CA ALA M 92 -9.53 -23.19 22.38
C ALA M 92 -9.58 -22.75 23.85
N GLY M 93 -10.31 -21.67 24.13
CA GLY M 93 -10.53 -21.21 25.49
C GLY M 93 -11.28 -22.21 26.35
N ILE M 94 -12.20 -22.95 25.73
CA ILE M 94 -12.97 -24.00 26.41
C ILE M 94 -12.10 -25.21 26.75
N THR M 95 -11.24 -25.61 25.81
CA THR M 95 -10.25 -26.66 26.06
C THR M 95 -9.42 -26.38 27.32
N ILE M 96 -8.97 -25.14 27.46
CA ILE M 96 -8.25 -24.69 28.65
C ILE M 96 -9.15 -24.74 29.89
N TYR M 97 -10.35 -24.16 29.77
CA TYR M 97 -11.31 -24.13 30.86
C TYR M 97 -11.59 -25.52 31.42
N LEU M 98 -11.76 -26.49 30.52
CA LEU M 98 -12.10 -27.87 30.89
C LEU M 98 -10.93 -28.70 31.41
N ALA M 99 -9.76 -28.09 31.56
CA ALA M 99 -8.61 -28.77 32.14
C ALA M 99 -8.79 -28.95 33.65
N ALA M 100 -9.52 -28.03 34.27
CA ALA M 100 -9.84 -28.11 35.69
C ALA M 100 -10.93 -29.13 35.95
N GLU M 101 -10.84 -29.81 37.10
CA GLU M 101 -11.86 -30.74 37.55
C GLU M 101 -13.19 -30.03 37.73
N LYS M 102 -14.28 -30.72 37.43
CA LYS M 102 -15.62 -30.10 37.40
C LYS M 102 -15.93 -29.28 38.65
N GLU M 103 -15.61 -29.84 39.82
CA GLU M 103 -15.79 -29.18 41.11
C GLU M 103 -15.08 -27.83 41.23
N ASN M 104 -14.04 -27.62 40.43
CA ASN M 104 -13.25 -26.39 40.47
C ASN M 104 -13.50 -25.45 39.28
N ARG M 105 -14.65 -25.62 38.63
CA ARG M 105 -14.99 -24.83 37.45
C ARG M 105 -16.10 -23.83 37.73
N PHE M 106 -15.71 -22.56 37.84
CA PHE M 106 -16.61 -21.50 38.23
C PHE M 106 -16.86 -20.52 37.08
N SER M 107 -17.88 -19.68 37.24
CA SER M 107 -18.18 -18.63 36.27
C SER M 107 -18.72 -17.38 36.95
N LEU M 108 -18.28 -16.23 36.46
CA LEU M 108 -18.89 -14.96 36.81
C LEU M 108 -20.19 -14.84 36.01
N PRO M 109 -21.17 -14.04 36.52
CA PRO M 109 -22.52 -14.08 35.94
C PRO M 109 -22.61 -13.66 34.46
N ASN M 110 -21.88 -12.62 34.07
CA ASN M 110 -21.94 -12.10 32.71
C ASN M 110 -20.93 -12.77 31.78
N THR M 111 -21.19 -14.03 31.47
CA THR M 111 -20.29 -14.85 30.66
C THR M 111 -21.09 -15.76 29.75
N ARG M 112 -20.69 -15.82 28.49
CA ARG M 112 -21.21 -16.81 27.56
C ARG M 112 -20.11 -17.76 27.09
N TYR M 113 -20.52 -18.98 26.75
CA TYR M 113 -19.59 -20.04 26.41
C TYR M 113 -19.90 -20.56 25.03
N MET M 114 -18.87 -20.99 24.31
CA MET M 114 -19.07 -21.56 22.98
C MET M 114 -18.18 -22.74 22.71
N ILE M 115 -18.78 -23.77 22.13
CA ILE M 115 -18.04 -24.92 21.61
C ILE M 115 -18.38 -25.09 20.13
N HIS M 116 -17.40 -25.56 19.38
CA HIS M 116 -17.57 -25.84 17.96
C HIS M 116 -16.45 -26.70 17.49
N GLN M 117 -16.54 -27.14 16.24
CA GLN M 117 -15.46 -27.92 15.65
C GLN M 117 -14.50 -26.96 14.92
N PRO M 118 -13.29 -26.78 15.48
CA PRO M 118 -12.34 -25.76 15.05
C PRO M 118 -11.83 -25.93 13.62
N ALA M 119 -11.44 -24.82 13.00
CA ALA M 119 -10.83 -24.82 11.67
C ALA M 119 -9.38 -25.29 11.75
N GLY M 120 -8.84 -25.77 10.63
CA GLY M 120 -7.48 -26.32 10.59
C GLY M 120 -6.50 -25.45 9.84
N GLU M 128 -1.99 -32.74 -0.43
CA GLU M 128 -1.97 -32.11 0.89
C GLU M 128 -3.36 -32.11 1.54
N ILE M 129 -4.39 -31.96 0.72
CA ILE M 129 -5.77 -31.81 1.21
C ILE M 129 -6.28 -33.07 1.91
N GLU M 130 -5.93 -34.24 1.37
CA GLU M 130 -6.25 -35.52 2.02
C GLU M 130 -5.57 -35.64 3.37
N ILE M 131 -4.31 -35.20 3.43
CA ILE M 131 -3.55 -35.18 4.68
C ILE M 131 -4.17 -34.18 5.67
N GLU M 132 -4.48 -32.99 5.18
CA GLU M 132 -5.11 -31.95 6.01
C GLU M 132 -6.48 -32.37 6.49
N ALA M 133 -7.26 -33.02 5.62
CA ALA M 133 -8.59 -33.50 5.97
C ALA M 133 -8.54 -34.50 7.11
N LYS M 134 -7.62 -35.46 7.02
CA LYS M 134 -7.44 -36.48 8.06
C LYS M 134 -7.06 -35.84 9.39
N GLU M 135 -6.13 -34.89 9.34
CA GLU M 135 -5.69 -34.18 10.55
C GLU M 135 -6.80 -33.39 11.22
N ILE M 136 -7.62 -32.70 10.43
CA ILE M 136 -8.74 -31.94 10.98
C ILE M 136 -9.78 -32.87 11.58
N ILE M 137 -10.04 -34.00 10.91
CA ILE M 137 -10.93 -35.05 11.42
C ILE M 137 -10.46 -35.55 12.80
N ARG M 138 -9.21 -35.99 12.87
CA ARG M 138 -8.62 -36.53 14.11
C ARG M 138 -8.60 -35.48 15.21
N MET M 139 -8.29 -34.24 14.84
CA MET M 139 -8.27 -33.14 15.80
C MET M 139 -9.67 -32.88 16.37
N ARG M 140 -10.68 -32.90 15.51
CA ARG M 140 -12.06 -32.69 15.92
C ARG M 140 -12.58 -33.78 16.86
N GLU M 141 -12.22 -35.02 16.56
CA GLU M 141 -12.54 -36.17 17.42
C GLU M 141 -11.90 -36.03 18.79
N ARG M 142 -10.59 -35.75 18.80
CA ARG M 142 -9.82 -35.57 20.03
C ARG M 142 -10.42 -34.47 20.90
N ILE M 143 -10.75 -33.33 20.30
CA ILE M 143 -11.34 -32.21 21.04
C ILE M 143 -12.72 -32.59 21.62
N ASN M 144 -13.56 -33.20 20.81
CA ASN M 144 -14.91 -33.61 21.23
C ASN M 144 -14.92 -34.62 22.39
N ARG M 145 -13.99 -35.58 22.33
CA ARG M 145 -13.83 -36.57 23.41
C ARG M 145 -13.37 -35.92 24.71
N LEU M 146 -12.52 -34.89 24.59
CA LEU M 146 -12.06 -34.11 25.72
C LEU M 146 -13.23 -33.36 26.38
N ILE M 147 -14.07 -32.73 25.57
CA ILE M 147 -15.23 -32.01 26.07
C ILE M 147 -16.24 -32.97 26.71
N ALA M 148 -16.50 -34.10 26.04
CA ALA M 148 -17.39 -35.14 26.55
C ALA M 148 -16.98 -35.61 27.95
N GLU M 149 -15.71 -36.00 28.07
CA GLU M 149 -15.13 -36.48 29.32
C GLU M 149 -15.24 -35.47 30.47
N ALA M 150 -14.99 -34.19 30.17
CA ALA M 150 -14.95 -33.14 31.18
C ALA M 150 -16.32 -32.65 31.64
N THR M 151 -17.30 -32.68 30.73
CA THR M 151 -18.63 -32.13 31.00
C THR M 151 -19.60 -33.17 31.55
N GLY M 152 -19.42 -34.42 31.14
CA GLY M 152 -20.35 -35.49 31.47
C GLY M 152 -21.31 -35.80 30.33
N GLN M 153 -21.35 -34.91 29.33
CA GLN M 153 -22.14 -35.16 28.12
C GLN M 153 -21.49 -36.28 27.32
N SER M 154 -22.28 -36.96 26.51
CA SER M 154 -21.77 -38.03 25.66
C SER M 154 -21.05 -37.45 24.47
N TYR M 155 -20.10 -38.23 23.93
CA TYR M 155 -19.39 -37.87 22.70
C TYR M 155 -20.35 -37.57 21.56
N GLU M 156 -21.43 -38.33 21.49
CA GLU M 156 -22.43 -38.19 20.42
C GLU M 156 -23.16 -36.86 20.52
N GLN M 157 -23.52 -36.46 21.75
CA GLN M 157 -24.18 -35.18 22.01
C GLN M 157 -23.26 -34.00 21.69
N ILE M 158 -21.99 -34.12 22.07
CA ILE M 158 -20.98 -33.11 21.78
C ILE M 158 -20.78 -32.97 20.26
N SER M 159 -20.57 -34.10 19.59
CA SER M 159 -20.36 -34.13 18.14
C SER M 159 -21.52 -33.48 17.38
N LYS M 160 -22.73 -33.68 17.90
CA LYS M 160 -23.94 -33.10 17.30
C LYS M 160 -24.00 -31.59 17.55
N ASP M 161 -23.82 -31.18 18.80
CA ASP M 161 -23.90 -29.77 19.19
C ASP M 161 -22.80 -28.91 18.59
N THR M 162 -21.62 -29.50 18.36
CA THR M 162 -20.47 -28.75 17.83
C THR M 162 -20.44 -28.64 16.31
N ASP M 163 -21.51 -29.08 15.65
CA ASP M 163 -21.62 -29.01 14.19
C ASP M 163 -21.49 -27.57 13.69
N ARG M 164 -22.07 -26.64 14.44
CA ARG M 164 -21.89 -25.21 14.19
C ARG M 164 -21.56 -24.50 15.50
N ASP M 165 -21.38 -23.18 15.45
CA ASP M 165 -21.12 -22.38 16.64
C ASP M 165 -22.26 -22.54 17.66
N PHE M 166 -21.96 -23.23 18.76
CA PHE M 166 -22.95 -23.57 19.77
C PHE M 166 -22.75 -22.73 21.02
N TRP M 167 -23.43 -21.58 21.06
CA TRP M 167 -23.33 -20.65 22.18
C TRP M 167 -24.25 -21.03 23.30
N LEU M 168 -23.73 -20.91 24.52
CA LEU M 168 -24.50 -21.17 25.73
C LEU M 168 -24.39 -20.00 26.69
N SER M 169 -25.53 -19.57 27.22
CA SER M 169 -25.55 -18.59 28.30
C SER M 169 -24.92 -19.21 29.54
N VAL M 170 -24.66 -18.40 30.56
CA VAL M 170 -24.03 -18.87 31.80
C VAL M 170 -24.84 -20.01 32.45
N ASN M 171 -26.15 -19.82 32.57
CA ASN M 171 -27.02 -20.84 33.14
C ASN M 171 -27.13 -22.10 32.28
N GLU M 172 -27.18 -21.93 30.96
CA GLU M 172 -27.18 -23.05 30.03
C GLU M 172 -25.89 -23.85 30.08
N ALA M 173 -24.76 -23.15 30.27
CA ALA M 173 -23.45 -23.78 30.39
C ALA M 173 -23.32 -24.59 31.68
N LYS M 174 -23.98 -24.13 32.73
CA LYS M 174 -24.06 -24.88 33.98
C LYS M 174 -24.82 -26.19 33.79
N ASP M 175 -26.00 -26.11 33.15
CA ASP M 175 -26.82 -27.28 32.87
C ASP M 175 -26.11 -28.28 31.96
N TYR M 176 -25.35 -27.75 30.99
CA TYR M 176 -24.63 -28.54 30.02
C TYR M 176 -23.44 -29.29 30.63
N GLY M 177 -22.97 -28.82 31.78
CA GLY M 177 -21.87 -29.46 32.49
C GLY M 177 -20.50 -28.82 32.32
N ILE M 178 -20.46 -27.68 31.64
CA ILE M 178 -19.21 -26.93 31.45
C ILE M 178 -18.88 -26.19 32.75
N VAL M 179 -19.82 -25.36 33.20
CA VAL M 179 -19.72 -24.62 34.44
C VAL M 179 -20.33 -25.46 35.57
N ASN M 180 -19.75 -25.38 36.76
CA ASN M 180 -20.26 -26.09 37.92
C ASN M 180 -21.00 -25.17 38.90
N GLU M 181 -20.42 -24.01 39.15
CA GLU M 181 -21.04 -23.03 40.05
C GLU M 181 -20.89 -21.61 39.51
N ILE M 182 -22.00 -20.88 39.49
CA ILE M 182 -21.99 -19.47 39.13
C ILE M 182 -21.83 -18.64 40.40
N ILE M 183 -20.77 -17.83 40.43
CA ILE M 183 -20.42 -17.03 41.60
C ILE M 183 -20.42 -15.54 41.29
N GLU M 184 -20.77 -14.73 42.27
CA GLU M 184 -20.79 -13.29 42.11
C GLU M 184 -19.76 -12.59 43.00
N ASN M 185 -19.41 -13.22 44.12
CA ASN M 185 -18.50 -12.64 45.10
C ASN M 185 -17.31 -13.54 45.43
N ARG M 186 -16.35 -12.99 46.16
CA ARG M 186 -15.17 -13.72 46.63
C ARG M 186 -15.49 -15.00 47.38
N ASP M 187 -16.40 -14.89 48.36
CA ASP M 187 -16.79 -16.01 49.21
C ASP M 187 -17.46 -17.16 48.43
N GLY M 188 -17.81 -16.89 47.17
CA GLY M 188 -18.33 -17.91 46.27
C GLY M 188 -17.30 -18.99 45.96
N LEU M 189 -16.03 -18.63 45.97
CA LEU M 189 -14.92 -19.59 45.82
C LEU M 189 -14.67 -20.38 47.10
N LYS M 190 -15.14 -19.82 48.23
CA LYS M 190 -14.85 -20.32 49.59
C LYS M 190 -13.42 -20.81 49.84
N ILE N 13 14.13 -11.36 41.73
CA ILE N 13 13.77 -12.67 42.36
C ILE N 13 12.70 -13.40 41.53
N LEU N 14 12.23 -12.76 40.47
CA LEU N 14 11.20 -13.32 39.59
C LEU N 14 11.72 -14.49 38.73
N THR N 15 12.87 -14.30 38.10
CA THR N 15 13.49 -15.35 37.27
C THR N 15 14.43 -16.23 38.09
N GLN N 16 14.84 -15.73 39.26
CA GLN N 16 15.69 -16.47 40.19
C GLN N 16 15.11 -17.84 40.55
N LYS N 17 13.83 -17.86 40.94
CA LYS N 17 13.13 -19.10 41.26
C LYS N 17 12.83 -19.90 39.99
N LEU N 18 12.66 -19.19 38.86
CA LEU N 18 12.40 -19.83 37.57
C LEU N 18 13.63 -20.54 37.02
N ILE N 19 14.80 -19.95 37.23
CA ILE N 19 16.08 -20.56 36.83
C ILE N 19 16.36 -21.83 37.65
N ASP N 20 15.87 -21.85 38.88
CA ASP N 20 16.00 -23.01 39.76
C ASP N 20 15.21 -24.23 39.28
N THR N 21 14.15 -23.98 38.51
CA THR N 21 13.35 -25.07 37.92
C THR N 21 14.10 -25.80 36.81
N ARG N 22 15.15 -25.16 36.30
CA ARG N 22 15.97 -25.69 35.20
C ARG N 22 15.09 -26.15 34.03
N THR N 23 14.24 -25.23 33.59
CA THR N 23 13.26 -25.48 32.54
C THR N 23 13.43 -24.44 31.42
N VAL N 24 13.44 -24.93 30.18
CA VAL N 24 13.50 -24.08 29.00
C VAL N 24 12.24 -24.32 28.18
N LEU N 25 11.62 -23.22 27.74
CA LEU N 25 10.44 -23.31 26.89
C LEU N 25 10.80 -22.96 25.44
N ILE N 26 10.48 -23.87 24.53
CA ILE N 26 10.66 -23.64 23.09
C ILE N 26 9.29 -23.68 22.41
N TYR N 27 8.62 -22.53 22.43
CA TYR N 27 7.27 -22.38 21.87
C TYR N 27 7.31 -21.46 20.66
N GLY N 28 6.70 -21.91 19.57
CA GLY N 28 6.61 -21.10 18.35
C GLY N 28 7.66 -21.43 17.31
N GLU N 29 7.81 -20.53 16.34
CA GLU N 29 8.67 -20.72 15.19
C GLU N 29 10.15 -20.83 15.56
N ILE N 30 10.83 -21.84 15.01
CA ILE N 30 12.27 -21.99 15.17
C ILE N 30 12.99 -21.00 14.26
N ASN N 31 13.75 -20.11 14.86
CA ASN N 31 14.55 -19.14 14.10
C ASN N 31 15.81 -18.77 14.86
N GLN N 32 16.67 -17.98 14.24
CA GLN N 32 17.99 -17.67 14.82
C GLN N 32 17.91 -16.90 16.13
N GLU N 33 16.90 -16.05 16.27
CA GLU N 33 16.69 -15.31 17.51
C GLU N 33 16.31 -16.24 18.65
N LEU N 34 15.45 -17.22 18.38
CA LEU N 34 15.08 -18.22 19.39
C LEU N 34 16.28 -19.10 19.72
N ALA N 35 17.04 -19.50 18.70
CA ALA N 35 18.26 -20.29 18.89
C ALA N 35 19.26 -19.58 19.80
N GLU N 36 19.41 -18.27 19.63
CA GLU N 36 20.27 -17.47 20.49
C GLU N 36 19.74 -17.43 21.92
N ASP N 37 18.44 -17.18 22.05
CA ASP N 37 17.74 -17.16 23.34
C ASP N 37 17.93 -18.49 24.07
N VAL N 38 17.66 -19.60 23.37
CA VAL N 38 17.79 -20.95 23.91
C VAL N 38 19.24 -21.26 24.28
N SER N 39 20.17 -20.93 23.39
CA SER N 39 21.61 -21.13 23.63
C SER N 39 22.08 -20.45 24.91
N LYS N 40 21.64 -19.22 25.14
CA LYS N 40 22.00 -18.46 26.34
C LYS N 40 21.45 -19.11 27.60
N GLN N 41 20.19 -19.54 27.56
CA GLN N 41 19.56 -20.25 28.68
C GLN N 41 20.30 -21.55 29.01
N LEU N 42 20.64 -22.32 27.98
CA LEU N 42 21.33 -23.59 28.17
C LEU N 42 22.72 -23.42 28.76
N LEU N 43 23.46 -22.42 28.26
CA LEU N 43 24.81 -22.13 28.75
C LEU N 43 24.79 -21.61 30.19
N LEU N 44 23.75 -20.85 30.53
CA LEU N 44 23.56 -20.30 31.87
C LEU N 44 23.28 -21.43 32.87
N LEU N 45 22.35 -22.33 32.51
CA LEU N 45 22.01 -23.47 33.36
C LEU N 45 23.20 -24.43 33.54
N GLU N 46 23.98 -24.61 32.49
CA GLU N 46 25.21 -25.41 32.53
C GLU N 46 26.22 -24.80 33.50
N SER N 47 26.38 -23.49 33.47
CA SER N 47 27.34 -22.79 34.33
C SER N 47 26.95 -22.84 35.81
N ILE N 48 25.67 -23.08 36.08
CA ILE N 48 25.16 -23.17 37.45
C ILE N 48 25.41 -24.54 38.08
N SER N 49 25.03 -25.60 37.37
CA SER N 49 25.22 -26.97 37.85
C SER N 49 25.16 -27.99 36.72
N ASN N 50 25.40 -29.25 37.07
CA ASN N 50 25.31 -30.35 36.12
C ASN N 50 23.98 -31.11 36.23
N ASP N 51 23.05 -30.56 37.02
CA ASP N 51 21.71 -31.12 37.15
C ASP N 51 20.96 -31.12 35.81
N PRO N 52 20.04 -32.08 35.62
CA PRO N 52 19.28 -32.18 34.37
C PRO N 52 18.51 -30.92 33.99
N ILE N 53 18.25 -30.75 32.70
CA ILE N 53 17.48 -29.63 32.18
C ILE N 53 16.27 -30.20 31.44
N THR N 54 15.09 -29.68 31.76
CA THR N 54 13.85 -30.08 31.08
C THR N 54 13.44 -29.02 30.04
N ILE N 55 13.18 -29.47 28.82
CA ILE N 55 12.75 -28.58 27.74
C ILE N 55 11.35 -28.95 27.25
N PHE N 56 10.43 -27.99 27.32
CA PHE N 56 9.10 -28.14 26.73
C PHE N 56 9.08 -27.54 25.33
N ILE N 57 8.69 -28.35 24.35
CA ILE N 57 8.70 -27.95 22.95
C ILE N 57 7.28 -27.95 22.36
N ASN N 58 6.82 -26.75 21.98
CA ASN N 58 5.61 -26.58 21.17
C ASN N 58 6.02 -25.79 19.93
N SER N 59 6.30 -26.51 18.84
CA SER N 59 6.79 -25.85 17.64
C SER N 59 6.39 -26.53 16.34
N GLN N 60 5.93 -25.70 15.41
CA GLN N 60 5.60 -26.09 14.06
C GLN N 60 6.86 -26.25 13.19
N GLY N 61 8.01 -25.90 13.75
CA GLY N 61 9.28 -25.91 13.01
C GLY N 61 9.68 -24.52 12.57
N GLY N 62 10.40 -24.44 11.46
CA GLY N 62 10.89 -23.18 10.94
C GLY N 62 12.24 -23.32 10.26
N HIS N 63 13.20 -22.51 10.68
CA HIS N 63 14.52 -22.43 10.06
C HIS N 63 15.38 -23.62 10.40
N VAL N 64 15.78 -24.38 9.37
CA VAL N 64 16.54 -25.62 9.53
C VAL N 64 17.83 -25.43 10.34
N GLU N 65 18.64 -24.46 9.95
CA GLU N 65 19.96 -24.24 10.58
C GLU N 65 19.85 -23.74 12.02
N ALA N 66 18.79 -23.00 12.34
CA ALA N 66 18.49 -22.62 13.72
C ALA N 66 18.19 -23.85 14.55
N GLY N 67 17.41 -24.77 13.99
CA GLY N 67 17.08 -26.04 14.63
C GLY N 67 18.30 -26.91 14.84
N ASP N 68 19.21 -26.91 13.87
CA ASP N 68 20.48 -27.64 13.94
C ASP N 68 21.34 -27.14 15.09
N THR N 69 21.37 -25.81 15.28
CA THR N 69 22.13 -25.20 16.36
C THR N 69 21.63 -25.65 17.72
N ILE N 70 20.31 -25.58 17.93
CA ILE N 70 19.71 -25.96 19.20
C ILE N 70 19.95 -27.44 19.50
N HIS N 71 19.75 -28.28 18.47
CA HIS N 71 20.05 -29.71 18.53
C HIS N 71 21.46 -29.95 19.02
N ASP N 72 22.42 -29.32 18.35
CA ASP N 72 23.85 -29.50 18.66
C ASP N 72 24.24 -28.91 20.02
N MET N 73 23.60 -27.80 20.39
CA MET N 73 23.84 -27.19 21.70
C MET N 73 23.36 -28.09 22.83
N ILE N 74 22.21 -28.74 22.64
CA ILE N 74 21.67 -29.71 23.60
C ILE N 74 22.69 -30.83 23.87
N LYS N 75 23.32 -31.33 22.82
CA LYS N 75 24.32 -32.39 22.95
C LYS N 75 25.67 -31.86 23.44
N PHE N 76 25.93 -30.58 23.15
CA PHE N 76 27.20 -29.94 23.50
C PHE N 76 27.40 -29.75 25.00
N ILE N 77 26.35 -29.29 25.68
CA ILE N 77 26.43 -28.99 27.12
C ILE N 77 26.55 -30.26 27.96
N LYS N 78 27.09 -30.11 29.17
CA LYS N 78 27.30 -31.26 30.07
C LYS N 78 26.01 -31.84 30.66
N PRO N 79 25.08 -30.98 31.15
CA PRO N 79 23.86 -31.51 31.75
C PRO N 79 23.03 -32.40 30.80
N THR N 80 22.39 -33.41 31.36
CA THR N 80 21.46 -34.25 30.62
C THR N 80 20.19 -33.46 30.31
N VAL N 81 19.72 -33.55 29.08
CA VAL N 81 18.52 -32.83 28.67
C VAL N 81 17.33 -33.77 28.49
N LYS N 82 16.23 -33.45 29.19
CA LYS N 82 14.96 -34.14 29.00
C LYS N 82 14.08 -33.27 28.12
N VAL N 83 13.35 -33.89 27.20
CA VAL N 83 12.41 -33.15 26.35
C VAL N 83 10.96 -33.59 26.56
N VAL N 84 10.06 -32.60 26.60
CA VAL N 84 8.62 -32.87 26.71
C VAL N 84 7.90 -32.19 25.55
N GLY N 85 7.35 -32.99 24.65
CA GLY N 85 6.59 -32.49 23.52
C GLY N 85 5.20 -32.10 23.97
N THR N 86 4.73 -30.95 23.50
CA THR N 86 3.41 -30.44 23.89
C THR N 86 2.74 -29.66 22.75
N GLY N 87 1.45 -29.93 22.55
CA GLY N 87 0.69 -29.27 21.48
C GLY N 87 1.04 -29.86 20.12
N TRP N 88 2.17 -29.42 19.57
CA TRP N 88 2.74 -30.06 18.39
C TRP N 88 4.23 -29.92 18.30
N VAL N 89 4.85 -30.91 17.64
CA VAL N 89 6.29 -30.92 17.41
C VAL N 89 6.51 -31.39 15.96
N ALA N 90 7.01 -30.48 15.13
CA ALA N 90 7.11 -30.74 13.70
C ALA N 90 8.36 -30.17 13.06
N SER N 91 8.91 -30.90 12.09
CA SER N 91 10.01 -30.44 11.23
C SER N 91 11.25 -30.08 12.03
N ALA N 92 11.71 -28.82 11.95
CA ALA N 92 12.86 -28.35 12.74
C ALA N 92 12.65 -28.58 14.24
N GLY N 93 11.40 -28.54 14.68
CA GLY N 93 11.03 -28.87 16.06
C GLY N 93 11.35 -30.32 16.43
N ILE N 94 11.14 -31.24 15.49
CA ILE N 94 11.45 -32.67 15.69
C ILE N 94 12.95 -32.89 15.82
N THR N 95 13.72 -32.19 14.99
CA THR N 95 15.18 -32.24 15.07
C THR N 95 15.67 -31.89 16.47
N ILE N 96 15.10 -30.83 17.04
CA ILE N 96 15.43 -30.42 18.41
C ILE N 96 15.01 -31.49 19.42
N TYR N 97 13.78 -31.97 19.27
CA TYR N 97 13.21 -32.99 20.15
C TYR N 97 14.12 -34.23 20.20
N LEU N 98 14.59 -34.65 19.03
CA LEU N 98 15.40 -35.87 18.90
C LEU N 98 16.85 -35.73 19.35
N ALA N 99 17.24 -34.53 19.82
CA ALA N 99 18.58 -34.32 20.36
C ALA N 99 18.76 -35.05 21.69
N ALA N 100 17.67 -35.19 22.43
CA ALA N 100 17.68 -35.93 23.70
C ALA N 100 17.71 -37.44 23.46
N GLU N 101 18.35 -38.16 24.37
CA GLU N 101 18.39 -39.62 24.34
C GLU N 101 16.97 -40.18 24.45
N LYS N 102 16.74 -41.31 23.81
CA LYS N 102 15.40 -41.92 23.73
C LYS N 102 14.71 -42.02 25.09
N GLU N 103 15.44 -42.43 26.12
CA GLU N 103 14.90 -42.59 27.47
C GLU N 103 14.39 -41.28 28.07
N ASN N 104 14.88 -40.16 27.54
CA ASN N 104 14.53 -38.84 28.07
C ASN N 104 13.52 -38.07 27.22
N ARG N 105 12.88 -38.77 26.29
CA ARG N 105 11.93 -38.15 25.37
C ARG N 105 10.49 -38.43 25.78
N PHE N 106 9.82 -37.40 26.30
CA PHE N 106 8.47 -37.51 26.85
C PHE N 106 7.46 -36.72 26.03
N SER N 107 6.18 -37.00 26.23
CA SER N 107 5.10 -36.25 25.60
C SER N 107 3.90 -36.09 26.53
N LEU N 108 3.31 -34.90 26.51
CA LEU N 108 2.01 -34.67 27.11
C LEU N 108 0.94 -35.26 26.19
N PRO N 109 -0.24 -35.61 26.74
CA PRO N 109 -1.25 -36.34 25.95
C PRO N 109 -1.74 -35.65 24.68
N ASN N 110 -1.99 -34.33 24.76
CA ASN N 110 -2.55 -33.60 23.62
C ASN N 110 -1.47 -33.00 22.71
N THR N 111 -0.76 -33.89 22.02
CA THR N 111 0.36 -33.52 21.16
C THR N 111 0.33 -34.37 19.90
N ARG N 112 0.61 -33.74 18.76
CA ARG N 112 0.83 -34.47 17.52
C ARG N 112 2.21 -34.17 16.96
N TYR N 113 2.74 -35.11 16.18
CA TYR N 113 4.12 -35.07 15.71
C TYR N 113 4.17 -35.17 14.20
N MET N 114 5.07 -34.42 13.59
CA MET N 114 5.22 -34.50 12.14
C MET N 114 6.68 -34.50 11.71
N ILE N 115 7.00 -35.42 10.81
CA ILE N 115 8.28 -35.42 10.11
C ILE N 115 8.00 -35.27 8.62
N HIS N 116 8.93 -34.62 7.92
CA HIS N 116 8.84 -34.43 6.47
C HIS N 116 10.17 -33.98 5.93
N GLN N 117 10.27 -33.93 4.60
CA GLN N 117 11.44 -33.36 3.94
C GLN N 117 11.14 -31.88 3.67
N PRO N 118 11.80 -30.98 4.42
CA PRO N 118 11.46 -29.55 4.38
C PRO N 118 12.03 -28.82 3.18
N ALA N 119 11.47 -27.63 2.90
CA ALA N 119 11.94 -26.78 1.81
C ALA N 119 13.23 -26.05 2.18
N GLY N 120 13.90 -25.47 1.16
CA GLY N 120 15.15 -24.76 1.38
C GLY N 120 15.19 -23.39 0.74
N GLU N 128 22.28 -21.42 -10.24
CA GLU N 128 21.94 -21.39 -8.80
C GLU N 128 21.02 -22.53 -8.41
N ILE N 129 20.12 -22.90 -9.32
CA ILE N 129 19.12 -23.95 -9.09
C ILE N 129 19.77 -25.33 -8.89
N GLU N 130 20.81 -25.61 -9.67
CA GLU N 130 21.60 -26.83 -9.50
C GLU N 130 22.27 -26.88 -8.13
N ILE N 131 22.82 -25.74 -7.71
CA ILE N 131 23.48 -25.60 -6.42
C ILE N 131 22.48 -25.71 -5.26
N GLU N 132 21.34 -25.05 -5.40
CA GLU N 132 20.28 -25.09 -4.39
C GLU N 132 19.67 -26.49 -4.27
N ALA N 133 19.48 -27.17 -5.39
CA ALA N 133 18.95 -28.53 -5.42
C ALA N 133 19.89 -29.52 -4.74
N LYS N 134 21.20 -29.35 -4.97
CA LYS N 134 22.22 -30.19 -4.34
C LYS N 134 22.19 -30.02 -2.82
N GLU N 135 22.08 -28.78 -2.37
CA GLU N 135 22.04 -28.47 -0.94
C GLU N 135 20.80 -29.01 -0.24
N ILE N 136 19.65 -28.88 -0.89
CA ILE N 136 18.39 -29.38 -0.34
C ILE N 136 18.42 -30.91 -0.23
N ILE N 137 18.98 -31.58 -1.23
CA ILE N 137 19.16 -33.05 -1.21
C ILE N 137 20.04 -33.50 -0.05
N ARG N 138 21.23 -32.90 0.06
CA ARG N 138 22.17 -33.21 1.15
C ARG N 138 21.53 -32.97 2.51
N MET N 139 20.87 -31.82 2.65
CA MET N 139 20.19 -31.46 3.89
C MET N 139 19.11 -32.48 4.26
N ARG N 140 18.33 -32.91 3.28
CA ARG N 140 17.28 -33.90 3.49
C ARG N 140 17.84 -35.26 3.91
N GLU N 141 18.96 -35.66 3.30
CA GLU N 141 19.70 -36.86 3.71
C GLU N 141 20.16 -36.74 5.16
N ARG N 142 20.81 -35.62 5.48
CA ARG N 142 21.34 -35.35 6.82
C ARG N 142 20.26 -35.44 7.90
N ILE N 143 19.11 -34.82 7.65
CA ILE N 143 18.01 -34.83 8.61
C ILE N 143 17.40 -36.22 8.76
N ASN N 144 17.20 -36.90 7.64
CA ASN N 144 16.64 -38.25 7.67
C ASN N 144 17.53 -39.26 8.40
N ARG N 145 18.85 -39.13 8.23
CA ARG N 145 19.82 -39.96 8.97
C ARG N 145 19.83 -39.65 10.45
N LEU N 146 19.60 -38.38 10.79
CA LEU N 146 19.48 -37.95 12.18
C LEU N 146 18.21 -38.55 12.80
N ILE N 147 17.10 -38.48 12.08
CA ILE N 147 15.84 -39.06 12.54
C ILE N 147 15.97 -40.58 12.69
N ALA N 148 16.60 -41.22 11.71
CA ALA N 148 16.83 -42.68 11.71
C ALA N 148 17.60 -43.12 12.95
N GLU N 149 18.75 -42.50 13.18
CA GLU N 149 19.62 -42.79 14.32
C GLU N 149 18.93 -42.61 15.68
N ALA N 150 18.10 -41.57 15.80
CA ALA N 150 17.44 -41.25 17.06
C ALA N 150 16.22 -42.13 17.35
N THR N 151 15.50 -42.54 16.30
CA THR N 151 14.26 -43.32 16.46
C THR N 151 14.47 -44.84 16.48
N GLY N 152 15.57 -45.29 15.87
CA GLY N 152 15.82 -46.73 15.71
C GLY N 152 15.27 -47.27 14.42
N GLN N 153 14.57 -46.42 13.68
CA GLN N 153 14.10 -46.74 12.34
C GLN N 153 15.27 -46.70 11.37
N SER N 154 15.17 -47.45 10.27
CA SER N 154 16.18 -47.43 9.23
C SER N 154 16.07 -46.16 8.41
N TYR N 155 17.18 -45.74 7.82
CA TYR N 155 17.21 -44.60 6.91
C TYR N 155 16.19 -44.74 5.79
N GLU N 156 16.07 -45.97 5.25
CA GLU N 156 15.13 -46.27 4.17
C GLU N 156 13.68 -46.04 4.58
N GLN N 157 13.32 -46.48 5.78
CA GLN N 157 11.98 -46.29 6.31
C GLN N 157 11.65 -44.80 6.50
N ILE N 158 12.60 -44.04 7.04
CA ILE N 158 12.46 -42.60 7.24
C ILE N 158 12.34 -41.87 5.89
N SER N 159 13.25 -42.20 4.97
CA SER N 159 13.26 -41.62 3.63
C SER N 159 11.93 -41.83 2.90
N LYS N 160 11.32 -43.00 3.12
CA LYS N 160 10.03 -43.35 2.52
C LYS N 160 8.88 -42.60 3.19
N ASP N 161 8.85 -42.59 4.52
CA ASP N 161 7.76 -41.98 5.27
C ASP N 161 7.71 -40.45 5.18
N THR N 162 8.88 -39.82 5.03
CA THR N 162 8.98 -38.35 4.96
C THR N 162 8.70 -37.77 3.57
N ASP N 163 8.28 -38.62 2.64
CA ASP N 163 7.98 -38.20 1.25
C ASP N 163 6.94 -37.08 1.21
N ARG N 164 5.92 -37.19 2.06
CA ARG N 164 4.95 -36.13 2.28
C ARG N 164 4.82 -35.87 3.77
N ASP N 165 4.05 -34.85 4.14
CA ASP N 165 3.83 -34.52 5.56
C ASP N 165 3.26 -35.72 6.31
N PHE N 166 4.08 -36.26 7.23
CA PHE N 166 3.77 -37.50 7.93
C PHE N 166 3.36 -37.21 9.39
N TRP N 167 2.07 -37.00 9.59
CA TRP N 167 1.53 -36.67 10.90
C TRP N 167 1.27 -37.90 11.73
N LEU N 168 1.75 -37.86 12.96
CA LEU N 168 1.57 -38.95 13.90
C LEU N 168 0.90 -38.46 15.18
N SER N 169 -0.10 -39.20 15.63
CA SER N 169 -0.69 -38.97 16.94
C SER N 169 0.36 -39.28 18.01
N VAL N 170 0.08 -38.92 19.25
CA VAL N 170 1.01 -39.15 20.35
C VAL N 170 1.36 -40.65 20.51
N ASN N 171 0.36 -41.50 20.37
CA ASN N 171 0.56 -42.96 20.47
C ASN N 171 1.29 -43.56 19.27
N GLU N 172 1.00 -43.03 18.08
CA GLU N 172 1.69 -43.44 16.85
C GLU N 172 3.16 -43.01 16.87
N ALA N 173 3.43 -41.84 17.45
CA ALA N 173 4.80 -41.34 17.58
C ALA N 173 5.60 -42.16 18.58
N LYS N 174 4.92 -42.72 19.57
CA LYS N 174 5.53 -43.64 20.53
C LYS N 174 5.94 -44.96 19.88
N ASP N 175 5.03 -45.53 19.07
CA ASP N 175 5.29 -46.77 18.34
C ASP N 175 6.43 -46.58 17.33
N TYR N 176 6.54 -45.37 16.79
CA TYR N 176 7.51 -45.05 15.76
C TYR N 176 8.92 -44.82 16.31
N GLY N 177 9.01 -44.59 17.63
CA GLY N 177 10.30 -44.40 18.30
C GLY N 177 10.70 -42.95 18.56
N ILE N 178 9.83 -42.01 18.20
CA ILE N 178 10.06 -40.58 18.47
C ILE N 178 9.83 -40.29 19.95
N VAL N 179 8.64 -40.64 20.43
CA VAL N 179 8.28 -40.52 21.83
C VAL N 179 8.60 -41.84 22.54
N ASN N 180 9.17 -41.74 23.74
CA ASN N 180 9.40 -42.92 24.58
C ASN N 180 8.25 -43.16 25.55
N GLU N 181 7.86 -42.12 26.28
CA GLU N 181 6.83 -42.23 27.30
C GLU N 181 5.85 -41.06 27.24
N ILE N 182 4.56 -41.38 27.36
CA ILE N 182 3.51 -40.38 27.46
C ILE N 182 3.22 -40.14 28.94
N ILE N 183 3.27 -38.87 29.35
CA ILE N 183 3.04 -38.51 30.75
C ILE N 183 1.94 -37.46 30.89
N GLU N 184 1.28 -37.45 32.03
CA GLU N 184 0.19 -36.51 32.30
C GLU N 184 0.52 -35.62 33.49
N ASN N 185 1.31 -36.14 34.41
CA ASN N 185 1.65 -35.43 35.65
C ASN N 185 3.16 -35.29 35.81
N ARG N 186 3.57 -34.42 36.74
CA ARG N 186 4.98 -34.20 37.03
C ARG N 186 5.65 -35.45 37.63
N ASP N 187 4.90 -36.22 38.41
CA ASP N 187 5.40 -37.48 38.96
C ASP N 187 5.68 -38.51 37.86
N GLY N 188 5.15 -38.24 36.66
CA GLY N 188 5.43 -39.04 35.47
C GLY N 188 6.88 -38.90 35.03
N LEU N 189 7.43 -37.69 35.14
CA LEU N 189 8.85 -37.44 34.90
C LEU N 189 9.70 -38.20 35.90
N LYS N 190 9.29 -38.16 37.17
CA LYS N 190 9.87 -38.96 38.26
C LYS N 190 11.37 -38.72 38.50
#